data_1HPG
# 
_entry.id   1HPG 
# 
_audit_conform.dict_name       mmcif_pdbx.dic 
_audit_conform.dict_version    5.403 
_audit_conform.dict_location   http://mmcif.pdb.org/dictionaries/ascii/mmcif_pdbx.dic 
# 
loop_
_database_2.database_id 
_database_2.database_code 
_database_2.pdbx_database_accession 
_database_2.pdbx_DOI 
PDB   1HPG         pdb_00001hpg 10.2210/pdb1hpg/pdb 
WWPDB D_1000173952 ?            ?                   
# 
loop_
_pdbx_audit_revision_history.ordinal 
_pdbx_audit_revision_history.data_content_type 
_pdbx_audit_revision_history.major_revision 
_pdbx_audit_revision_history.minor_revision 
_pdbx_audit_revision_history.revision_date 
_pdbx_audit_revision_history.part_number 
1 'Structure model' 1 0 1995-07-10 ? 
2 'Structure model' 1 1 2008-03-03 ? 
3 'Structure model' 1 2 2011-07-13 ? 
4 'Structure model' 1 3 2012-12-12 ? 
5 'Structure model' 1 4 2017-11-29 ? 
6 'Structure model' 1 5 2025-03-26 ? 
# 
_pdbx_audit_revision_details.ordinal             1 
_pdbx_audit_revision_details.revision_ordinal    1 
_pdbx_audit_revision_details.data_content_type   'Structure model' 
_pdbx_audit_revision_details.provider            repository 
_pdbx_audit_revision_details.type                'Initial release' 
_pdbx_audit_revision_details.description         ? 
_pdbx_audit_revision_details.details             ? 
# 
loop_
_pdbx_audit_revision_group.ordinal 
_pdbx_audit_revision_group.revision_ordinal 
_pdbx_audit_revision_group.data_content_type 
_pdbx_audit_revision_group.group 
1  2 'Structure model' 'Version format compliance' 
2  3 'Structure model' 'Atomic model'              
3  3 'Structure model' 'Database references'       
4  3 'Structure model' 'Derived calculations'      
5  3 'Structure model' 'Non-polymer description'   
6  3 'Structure model' 'Structure summary'         
7  3 'Structure model' 'Version format compliance' 
8  4 'Structure model' Other                       
9  5 'Structure model' 'Derived calculations'      
10 5 'Structure model' Other                       
11 6 'Structure model' 'Data collection'           
12 6 'Structure model' 'Database references'       
13 6 'Structure model' 'Derived calculations'      
14 6 'Structure model' 'Structure summary'         
# 
loop_
_pdbx_audit_revision_category.ordinal 
_pdbx_audit_revision_category.revision_ordinal 
_pdbx_audit_revision_category.data_content_type 
_pdbx_audit_revision_category.category 
1 5 'Structure model' pdbx_database_status      
2 5 'Structure model' struct_conf               
3 5 'Structure model' struct_conf_type          
4 6 'Structure model' chem_comp_atom            
5 6 'Structure model' chem_comp_bond            
6 6 'Structure model' database_2                
7 6 'Structure model' pdbx_entry_details        
8 6 'Structure model' pdbx_modification_feature 
9 6 'Structure model' struct_conn               
# 
loop_
_pdbx_audit_revision_item.ordinal 
_pdbx_audit_revision_item.revision_ordinal 
_pdbx_audit_revision_item.data_content_type 
_pdbx_audit_revision_item.item 
1 5 'Structure model' '_pdbx_database_status.process_site'           
2 6 'Structure model' '_database_2.pdbx_DOI'                         
3 6 'Structure model' '_database_2.pdbx_database_accession'          
4 6 'Structure model' '_pdbx_entry_details.has_protein_modification' 
5 6 'Structure model' '_struct_conn.pdbx_leaving_atom_flag'          
# 
_pdbx_database_status.status_code                     REL 
_pdbx_database_status.entry_id                        1HPG 
_pdbx_database_status.recvd_initial_deposition_date   1993-04-28 
_pdbx_database_status.deposit_site                    ? 
_pdbx_database_status.process_site                    BNL 
_pdbx_database_status.SG_entry                        . 
_pdbx_database_status.status_code_sf                  ? 
_pdbx_database_status.status_code_mr                  ? 
_pdbx_database_status.status_code_cs                  ? 
_pdbx_database_status.pdb_format_compatible           Y 
_pdbx_database_status.methods_development_category    ? 
_pdbx_database_status.status_code_nmr_data            ? 
# 
loop_
_audit_author.name 
_audit_author.pdbx_ordinal 
'Nienaber, V.L.' 1 
'Birktoft, J.J.' 2 
# 
_citation.id                        primary 
_citation.title                     
'A glutamic acid specific serine protease utilizes a novel histidine triad in substrate binding.' 
_citation.journal_abbrev            Biochemistry 
_citation.journal_volume            32 
_citation.page_first                11469 
_citation.page_last                 11475 
_citation.year                      1993 
_citation.journal_id_ASTM           BICHAW 
_citation.country                   US 
_citation.journal_id_ISSN           0006-2960 
_citation.journal_id_CSD            0033 
_citation.book_publisher            ? 
_citation.pdbx_database_id_PubMed   8105890 
_citation.pdbx_database_id_DOI      10.1021/bi00094a001 
# 
loop_
_citation_author.citation_id 
_citation_author.name 
_citation_author.ordinal 
_citation_author.identifier_ORCID 
primary 'Nienaber, V.L.' 1 ? 
primary 'Breddam, K.'    2 ? 
primary 'Birktoft, J.J.' 3 ? 
# 
loop_
_entity.id 
_entity.type 
_entity.src_method 
_entity.pdbx_description 
_entity.formula_weight 
_entity.pdbx_number_of_molecules 
_entity.pdbx_ec 
_entity.pdbx_mutation 
_entity.pdbx_fragment 
_entity.details 
1 polymer man 'Glutamic acid specific protease' 18279.891 1   3.4.21.82 ? ? ? 
2 polymer syn 'BOC-ALA-ALA-PRO-GLU PEPTIDE'     486.515   1   ?         ? ? ? 
3 water   nat water                             18.015    128 ?         ? ? ? 
# 
_entity_name_com.entity_id   1 
_entity_name_com.name        'Glutamic acid-specific protease' 
# 
loop_
_entity_poly.entity_id 
_entity_poly.type 
_entity_poly.nstd_linkage 
_entity_poly.nstd_monomer 
_entity_poly.pdbx_seq_one_letter_code 
_entity_poly.pdbx_seq_one_letter_code_can 
_entity_poly.pdbx_strand_id 
_entity_poly.pdbx_target_identifier 
1 'polypeptide(L)' no no  
;VLGGGAIYGGGSRCSAAFNVTKGGARYFVTAGHCTNISANWSASSGGSVVGVREGTSFPTNDYGIVRYTDGSSPAGTVDL
YNGSTQDISSAANAVVGQAIKKSGSTTKVTSGTVTAVNVTVNYGDGPVYNMVRTTACSAGGDSGGAHFAGSVALGIHSGS
SGCSGTAGSAIHQPVTEALSAYGVTVY
;
;VLGGGAIYGGGSRCSAAFNVTKGGARYFVTAGHCTNISANWSASSGGSVVGVREGTSFPTNDYGIVRYTDGSSPAGTVDL
YNGSTQDISSAANAVVGQAIKKSGSTTKVTSGTVTAVNVTVNYGDGPVYNMVRTTACSAGGDSGGAHFAGSVALGIHSGS
SGCSGTAGSAIHQPVTEALSAYGVTVY
;
A ? 
2 'polypeptide(L)' no yes '(BOC)AAPE' XAAPE B ? 
# 
_pdbx_entity_nonpoly.entity_id   3 
_pdbx_entity_nonpoly.name        water 
_pdbx_entity_nonpoly.comp_id     HOH 
# 
loop_
_entity_poly_seq.entity_id 
_entity_poly_seq.num 
_entity_poly_seq.mon_id 
_entity_poly_seq.hetero 
1 1   VAL n 
1 2   LEU n 
1 3   GLY n 
1 4   GLY n 
1 5   GLY n 
1 6   ALA n 
1 7   ILE n 
1 8   TYR n 
1 9   GLY n 
1 10  GLY n 
1 11  GLY n 
1 12  SER n 
1 13  ARG n 
1 14  CYS n 
1 15  SER n 
1 16  ALA n 
1 17  ALA n 
1 18  PHE n 
1 19  ASN n 
1 20  VAL n 
1 21  THR n 
1 22  LYS n 
1 23  GLY n 
1 24  GLY n 
1 25  ALA n 
1 26  ARG n 
1 27  TYR n 
1 28  PHE n 
1 29  VAL n 
1 30  THR n 
1 31  ALA n 
1 32  GLY n 
1 33  HIS n 
1 34  CYS n 
1 35  THR n 
1 36  ASN n 
1 37  ILE n 
1 38  SER n 
1 39  ALA n 
1 40  ASN n 
1 41  TRP n 
1 42  SER n 
1 43  ALA n 
1 44  SER n 
1 45  SER n 
1 46  GLY n 
1 47  GLY n 
1 48  SER n 
1 49  VAL n 
1 50  VAL n 
1 51  GLY n 
1 52  VAL n 
1 53  ARG n 
1 54  GLU n 
1 55  GLY n 
1 56  THR n 
1 57  SER n 
1 58  PHE n 
1 59  PRO n 
1 60  THR n 
1 61  ASN n 
1 62  ASP n 
1 63  TYR n 
1 64  GLY n 
1 65  ILE n 
1 66  VAL n 
1 67  ARG n 
1 68  TYR n 
1 69  THR n 
1 70  ASP n 
1 71  GLY n 
1 72  SER n 
1 73  SER n 
1 74  PRO n 
1 75  ALA n 
1 76  GLY n 
1 77  THR n 
1 78  VAL n 
1 79  ASP n 
1 80  LEU n 
1 81  TYR n 
1 82  ASN n 
1 83  GLY n 
1 84  SER n 
1 85  THR n 
1 86  GLN n 
1 87  ASP n 
1 88  ILE n 
1 89  SER n 
1 90  SER n 
1 91  ALA n 
1 92  ALA n 
1 93  ASN n 
1 94  ALA n 
1 95  VAL n 
1 96  VAL n 
1 97  GLY n 
1 98  GLN n 
1 99  ALA n 
1 100 ILE n 
1 101 LYS n 
1 102 LYS n 
1 103 SER n 
1 104 GLY n 
1 105 SER n 
1 106 THR n 
1 107 THR n 
1 108 LYS n 
1 109 VAL n 
1 110 THR n 
1 111 SER n 
1 112 GLY n 
1 113 THR n 
1 114 VAL n 
1 115 THR n 
1 116 ALA n 
1 117 VAL n 
1 118 ASN n 
1 119 VAL n 
1 120 THR n 
1 121 VAL n 
1 122 ASN n 
1 123 TYR n 
1 124 GLY n 
1 125 ASP n 
1 126 GLY n 
1 127 PRO n 
1 128 VAL n 
1 129 TYR n 
1 130 ASN n 
1 131 MET n 
1 132 VAL n 
1 133 ARG n 
1 134 THR n 
1 135 THR n 
1 136 ALA n 
1 137 CYS n 
1 138 SER n 
1 139 ALA n 
1 140 GLY n 
1 141 GLY n 
1 142 ASP n 
1 143 SER n 
1 144 GLY n 
1 145 GLY n 
1 146 ALA n 
1 147 HIS n 
1 148 PHE n 
1 149 ALA n 
1 150 GLY n 
1 151 SER n 
1 152 VAL n 
1 153 ALA n 
1 154 LEU n 
1 155 GLY n 
1 156 ILE n 
1 157 HIS n 
1 158 SER n 
1 159 GLY n 
1 160 SER n 
1 161 SER n 
1 162 GLY n 
1 163 CYS n 
1 164 SER n 
1 165 GLY n 
1 166 THR n 
1 167 ALA n 
1 168 GLY n 
1 169 SER n 
1 170 ALA n 
1 171 ILE n 
1 172 HIS n 
1 173 GLN n 
1 174 PRO n 
1 175 VAL n 
1 176 THR n 
1 177 GLU n 
1 178 ALA n 
1 179 LEU n 
1 180 SER n 
1 181 ALA n 
1 182 TYR n 
1 183 GLY n 
1 184 VAL n 
1 185 THR n 
1 186 VAL n 
1 187 TYR n 
2 1   BOC n 
2 2   ALA n 
2 3   ALA n 
2 4   PRO n 
2 5   GLU n 
# 
_entity_src_gen.entity_id                          1 
_entity_src_gen.pdbx_src_id                        1 
_entity_src_gen.pdbx_alt_source_flag               sample 
_entity_src_gen.pdbx_seq_type                      ? 
_entity_src_gen.pdbx_beg_seq_num                   ? 
_entity_src_gen.pdbx_end_seq_num                   ? 
_entity_src_gen.gene_src_common_name               ? 
_entity_src_gen.gene_src_genus                     ? 
_entity_src_gen.pdbx_gene_src_gene                 sprE 
_entity_src_gen.gene_src_species                   ? 
_entity_src_gen.gene_src_strain                    ? 
_entity_src_gen.gene_src_tissue                    ? 
_entity_src_gen.gene_src_tissue_fraction           ? 
_entity_src_gen.gene_src_details                   ? 
_entity_src_gen.pdbx_gene_src_fragment             ? 
_entity_src_gen.pdbx_gene_src_scientific_name      'Streptomyces griseus' 
_entity_src_gen.pdbx_gene_src_ncbi_taxonomy_id     1911 
_entity_src_gen.pdbx_gene_src_variant              ? 
_entity_src_gen.pdbx_gene_src_cell_line            ? 
_entity_src_gen.pdbx_gene_src_atcc                 ? 
_entity_src_gen.pdbx_gene_src_organ                ? 
_entity_src_gen.pdbx_gene_src_organelle            ? 
_entity_src_gen.pdbx_gene_src_cell                 ? 
_entity_src_gen.pdbx_gene_src_cellular_location    ? 
_entity_src_gen.host_org_common_name               ? 
_entity_src_gen.pdbx_host_org_scientific_name      ? 
_entity_src_gen.pdbx_host_org_ncbi_taxonomy_id     ? 
_entity_src_gen.host_org_genus                     ? 
_entity_src_gen.pdbx_host_org_gene                 ? 
_entity_src_gen.pdbx_host_org_organ                ? 
_entity_src_gen.host_org_species                   ? 
_entity_src_gen.pdbx_host_org_tissue               ? 
_entity_src_gen.pdbx_host_org_tissue_fraction      ? 
_entity_src_gen.pdbx_host_org_strain               ? 
_entity_src_gen.pdbx_host_org_variant              ? 
_entity_src_gen.pdbx_host_org_cell_line            ? 
_entity_src_gen.pdbx_host_org_atcc                 ? 
_entity_src_gen.pdbx_host_org_culture_collection   ? 
_entity_src_gen.pdbx_host_org_cell                 ? 
_entity_src_gen.pdbx_host_org_organelle            ? 
_entity_src_gen.pdbx_host_org_cellular_location    ? 
_entity_src_gen.pdbx_host_org_vector_type          ? 
_entity_src_gen.pdbx_host_org_vector               ? 
_entity_src_gen.host_org_details                   ? 
_entity_src_gen.expression_system_id               ? 
_entity_src_gen.plasmid_name                       ? 
_entity_src_gen.plasmid_details                    ? 
_entity_src_gen.pdbx_description                   ? 
# 
loop_
_chem_comp.id 
_chem_comp.type 
_chem_comp.mon_nstd_flag 
_chem_comp.name 
_chem_comp.pdbx_synonyms 
_chem_comp.formula 
_chem_comp.formula_weight 
ALA 'L-peptide linking' y ALANINE                         ? 'C3 H7 N O2'     89.093  
ARG 'L-peptide linking' y ARGININE                        ? 'C6 H15 N4 O2 1' 175.209 
ASN 'L-peptide linking' y ASPARAGINE                      ? 'C4 H8 N2 O3'    132.118 
ASP 'L-peptide linking' y 'ASPARTIC ACID'                 ? 'C4 H7 N O4'     133.103 
BOC non-polymer         . 'TERT-BUTYL HYDROGEN CARBONATE' ? 'C5 H10 O3'      118.131 
CYS 'L-peptide linking' y CYSTEINE                        ? 'C3 H7 N O2 S'   121.158 
GLN 'L-peptide linking' y GLUTAMINE                       ? 'C5 H10 N2 O3'   146.144 
GLU 'L-peptide linking' y 'GLUTAMIC ACID'                 ? 'C5 H9 N O4'     147.129 
GLY 'peptide linking'   y GLYCINE                         ? 'C2 H5 N O2'     75.067  
HIS 'L-peptide linking' y HISTIDINE                       ? 'C6 H10 N3 O2 1' 156.162 
HOH non-polymer         . WATER                           ? 'H2 O'           18.015  
ILE 'L-peptide linking' y ISOLEUCINE                      ? 'C6 H13 N O2'    131.173 
LEU 'L-peptide linking' y LEUCINE                         ? 'C6 H13 N O2'    131.173 
LYS 'L-peptide linking' y LYSINE                          ? 'C6 H15 N2 O2 1' 147.195 
MET 'L-peptide linking' y METHIONINE                      ? 'C5 H11 N O2 S'  149.211 
PHE 'L-peptide linking' y PHENYLALANINE                   ? 'C9 H11 N O2'    165.189 
PRO 'L-peptide linking' y PROLINE                         ? 'C5 H9 N O2'     115.130 
SER 'L-peptide linking' y SERINE                          ? 'C3 H7 N O3'     105.093 
THR 'L-peptide linking' y THREONINE                       ? 'C4 H9 N O3'     119.119 
TRP 'L-peptide linking' y TRYPTOPHAN                      ? 'C11 H12 N2 O2'  204.225 
TYR 'L-peptide linking' y TYROSINE                        ? 'C9 H11 N O3'    181.189 
VAL 'L-peptide linking' y VALINE                          ? 'C5 H11 N O2'    117.146 
# 
loop_
_pdbx_poly_seq_scheme.asym_id 
_pdbx_poly_seq_scheme.entity_id 
_pdbx_poly_seq_scheme.seq_id 
_pdbx_poly_seq_scheme.mon_id 
_pdbx_poly_seq_scheme.ndb_seq_num 
_pdbx_poly_seq_scheme.pdb_seq_num 
_pdbx_poly_seq_scheme.auth_seq_num 
_pdbx_poly_seq_scheme.pdb_mon_id 
_pdbx_poly_seq_scheme.auth_mon_id 
_pdbx_poly_seq_scheme.pdb_strand_id 
_pdbx_poly_seq_scheme.pdb_ins_code 
_pdbx_poly_seq_scheme.hetero 
A 1 1   VAL 1   16  16  VAL VAL A . n 
A 1 2   LEU 2   17  17  LEU LEU A . n 
A 1 3   GLY 3   18  18  GLY GLY A . n 
A 1 4   GLY 4   19  19  GLY GLY A . n 
A 1 5   GLY 5   29  29  GLY GLY A . n 
A 1 6   ALA 6   30  30  ALA ALA A . n 
A 1 7   ILE 7   31  31  ILE ILE A . n 
A 1 8   TYR 8   32  32  TYR TYR A . n 
A 1 9   GLY 9   33  33  GLY GLY A . n 
A 1 10  GLY 10  34  34  GLY GLY A . n 
A 1 11  GLY 11  39  39  GLY GLY A . n 
A 1 12  SER 12  40  40  SER SER A . n 
A 1 13  ARG 13  41  41  ARG ARG A . n 
A 1 14  CYS 14  42  42  CYS CYS A . n 
A 1 15  SER 15  43  43  SER SER A . n 
A 1 16  ALA 16  44  44  ALA ALA A . n 
A 1 17  ALA 17  45  45  ALA ALA A . n 
A 1 18  PHE 18  46  46  PHE PHE A . n 
A 1 19  ASN 19  47  47  ASN ASN A . n 
A 1 20  VAL 20  48  48  VAL VAL A . n 
A 1 21  THR 21  48  48  THR THR A A n 
A 1 22  LYS 22  48  48  LYS LYS A B n 
A 1 23  GLY 23  48  48  GLY GLY A C n 
A 1 24  GLY 24  48  48  GLY GLY A D n 
A 1 25  ALA 25  49  49  ALA ALA A . n 
A 1 26  ARG 26  50  50  ARG ARG A . n 
A 1 27  TYR 27  51  51  TYR TYR A . n 
A 1 28  PHE 28  52  52  PHE PHE A . n 
A 1 29  VAL 29  53  53  VAL VAL A . n 
A 1 30  THR 30  54  54  THR THR A . n 
A 1 31  ALA 31  55  55  ALA ALA A . n 
A 1 32  GLY 32  56  56  GLY GLY A . n 
A 1 33  HIS 33  57  57  HIS HIS A . n 
A 1 34  CYS 34  58  58  CYS CYS A . n 
A 1 35  THR 35  59  59  THR THR A . n 
A 1 36  ASN 36  62  62  ASN ASN A . n 
A 1 37  ILE 37  63  63  ILE ILE A . n 
A 1 38  SER 38  64  64  SER SER A . n 
A 1 39  ALA 39  65  65  ALA ALA A . n 
A 1 40  ASN 40  65  65  ASN ASN A A n 
A 1 41  TRP 41  66  66  TRP TRP A . n 
A 1 42  SER 42  67  67  SER SER A . n 
A 1 43  ALA 43  68  68  ALA ALA A . n 
A 1 44  SER 44  78  78  SER SER A . n 
A 1 45  SER 45  79  79  SER SER A . n 
A 1 46  GLY 46  80  80  GLY GLY A . n 
A 1 47  GLY 47  81  81  GLY GLY A . n 
A 1 48  SER 48  82  82  SER SER A . n 
A 1 49  VAL 49  84  84  VAL VAL A . n 
A 1 50  VAL 50  85  85  VAL VAL A . n 
A 1 51  GLY 51  86  86  GLY GLY A . n 
A 1 52  VAL 52  87  87  VAL VAL A . n 
A 1 53  ARG 53  88  88  ARG ARG A . n 
A 1 54  GLU 54  89  89  GLU GLU A . n 
A 1 55  GLY 55  90  90  GLY GLY A . n 
A 1 56  THR 56  91  91  THR THR A . n 
A 1 57  SER 57  93  93  SER SER A . n 
A 1 58  PHE 58  94  94  PHE PHE A . n 
A 1 59  PRO 59  99  99  PRO PRO A . n 
A 1 60  THR 60  100 100 THR THR A . n 
A 1 61  ASN 61  101 101 ASN ASN A . n 
A 1 62  ASP 62  102 102 ASP ASP A . n 
A 1 63  TYR 63  103 103 TYR TYR A . n 
A 1 64  GLY 64  104 104 GLY GLY A . n 
A 1 65  ILE 65  105 105 ILE ILE A . n 
A 1 66  VAL 66  106 106 VAL VAL A . n 
A 1 67  ARG 67  107 107 ARG ARG A . n 
A 1 68  TYR 68  108 108 TYR TYR A . n 
A 1 69  THR 69  109 109 THR THR A . n 
A 1 70  ASP 70  110 110 ASP ASP A . n 
A 1 71  GLY 71  111 111 GLY GLY A . n 
A 1 72  SER 72  112 112 SER SER A . n 
A 1 73  SER 73  113 113 SER SER A . n 
A 1 74  PRO 74  114 114 PRO PRO A . n 
A 1 75  ALA 75  115 115 ALA ALA A . n 
A 1 76  GLY 76  116 116 GLY GLY A . n 
A 1 77  THR 77  117 117 THR THR A . n 
A 1 78  VAL 78  118 118 VAL VAL A . n 
A 1 79  ASP 79  119 119 ASP ASP A . n 
A 1 80  LEU 80  120 120 LEU LEU A . n 
A 1 81  TYR 81  120 120 TYR TYR A A n 
A 1 82  ASN 82  120 120 ASN ASN A B n 
A 1 83  GLY 83  120 120 GLY GLY A C n 
A 1 84  SER 84  120 120 SER SER A D n 
A 1 85  THR 85  121 121 THR THR A . n 
A 1 86  GLN 86  122 122 GLN GLN A . n 
A 1 87  ASP 87  123 123 ASP ASP A . n 
A 1 88  ILE 88  124 124 ILE ILE A . n 
A 1 89  SER 89  125 125 SER SER A . n 
A 1 90  SER 90  126 126 SER SER A . n 
A 1 91  ALA 91  127 127 ALA ALA A . n 
A 1 92  ALA 92  128 128 ALA ALA A . n 
A 1 93  ASN 93  129 129 ASN ASN A . n 
A 1 94  ALA 94  130 130 ALA ALA A . n 
A 1 95  VAL 95  131 131 VAL VAL A . n 
A 1 96  VAL 96  132 132 VAL VAL A . n 
A 1 97  GLY 97  133 133 GLY GLY A . n 
A 1 98  GLN 98  134 134 GLN GLN A . n 
A 1 99  ALA 99  135 135 ALA ALA A . n 
A 1 100 ILE 100 136 136 ILE ILE A . n 
A 1 101 LYS 101 137 137 LYS LYS A . n 
A 1 102 LYS 102 138 138 LYS LYS A . n 
A 1 103 SER 103 139 139 SER SER A . n 
A 1 104 GLY 104 140 140 GLY GLY A . n 
A 1 105 SER 105 141 141 SER SER A . n 
A 1 106 THR 106 142 142 THR THR A . n 
A 1 107 THR 107 143 143 THR THR A . n 
A 1 108 LYS 108 156 156 LYS LYS A . n 
A 1 109 VAL 109 157 157 VAL VAL A . n 
A 1 110 THR 110 158 158 THR THR A . n 
A 1 111 SER 111 159 159 SER SER A . n 
A 1 112 GLY 112 160 160 GLY GLY A . n 
A 1 113 THR 113 161 161 THR THR A . n 
A 1 114 VAL 114 162 162 VAL VAL A . n 
A 1 115 THR 115 163 163 THR THR A . n 
A 1 116 ALA 116 164 164 ALA ALA A . n 
A 1 117 VAL 117 165 165 VAL VAL A . n 
A 1 118 ASN 118 166 166 ASN ASN A . n 
A 1 119 VAL 119 167 167 VAL VAL A . n 
A 1 120 THR 120 168 168 THR THR A . n 
A 1 121 VAL 121 169 169 VAL VAL A . n 
A 1 122 ASN 122 170 170 ASN ASN A . n 
A 1 123 TYR 123 171 171 TYR TYR A . n 
A 1 124 GLY 124 172 172 GLY GLY A . n 
A 1 125 ASP 125 173 173 ASP ASP A . n 
A 1 126 GLY 126 175 175 GLY GLY A . n 
A 1 127 PRO 127 176 176 PRO PRO A . n 
A 1 128 VAL 128 177 177 VAL VAL A . n 
A 1 129 TYR 129 178 178 TYR TYR A . n 
A 1 130 ASN 130 179 179 ASN ASN A . n 
A 1 131 MET 131 180 180 MET MET A . n 
A 1 132 VAL 132 181 181 VAL VAL A . n 
A 1 133 ARG 133 182 182 ARG ARG A . n 
A 1 134 THR 134 183 183 THR THR A . n 
A 1 135 THR 135 184 184 THR THR A . n 
A 1 136 ALA 136 190 190 ALA ALA A . n 
A 1 137 CYS 137 191 191 CYS CYS A . n 
A 1 138 SER 138 192 192 SER SER A . n 
A 1 139 ALA 139 192 192 ALA ALA A A n 
A 1 140 GLY 140 192 192 GLY GLY A B n 
A 1 141 GLY 141 193 193 GLY GLY A . n 
A 1 142 ASP 142 194 194 ASP ASP A . n 
A 1 143 SER 143 195 195 SER SER A . n 
A 1 144 GLY 144 196 196 GLY GLY A . n 
A 1 145 GLY 145 197 197 GLY GLY A . n 
A 1 146 ALA 146 198 198 ALA ALA A . n 
A 1 147 HIS 147 199 199 HIS HIS A . n 
A 1 148 PHE 148 200 200 PHE PHE A . n 
A 1 149 ALA 149 201 201 ALA ALA A . n 
A 1 150 GLY 150 202 202 GLY GLY A . n 
A 1 151 SER 151 207 207 SER SER A . n 
A 1 152 VAL 152 208 208 VAL VAL A . n 
A 1 153 ALA 153 209 209 ALA ALA A . n 
A 1 154 LEU 154 210 210 LEU LEU A . n 
A 1 155 GLY 155 211 211 GLY GLY A . n 
A 1 156 ILE 156 212 212 ILE ILE A . n 
A 1 157 HIS 157 213 213 HIS HIS A . n 
A 1 158 SER 158 214 214 SER SER A . n 
A 1 159 GLY 159 215 215 GLY GLY A . n 
A 1 160 SER 160 216 216 SER SER A . n 
A 1 161 SER 161 217 217 SER SER A . n 
A 1 162 GLY 162 219 219 GLY GLY A . n 
A 1 163 CYS 163 220 220 CYS CYS A . n 
A 1 164 SER 164 221 221 SER SER A . n 
A 1 165 GLY 165 221 221 GLY GLY A A n 
A 1 166 THR 166 222 222 THR THR A . n 
A 1 167 ALA 167 223 223 ALA ALA A . n 
A 1 168 GLY 168 224 224 GLY GLY A . n 
A 1 169 SER 169 225 225 SER SER A . n 
A 1 170 ALA 170 226 226 ALA ALA A . n 
A 1 171 ILE 171 227 227 ILE ILE A . n 
A 1 172 HIS 172 228 228 HIS HIS A . n 
A 1 173 GLN 173 229 229 GLN GLN A . n 
A 1 174 PRO 174 230 230 PRO PRO A . n 
A 1 175 VAL 175 231 231 VAL VAL A . n 
A 1 176 THR 176 232 232 THR THR A . n 
A 1 177 GLU 177 233 233 GLU GLU A . n 
A 1 178 ALA 178 234 234 ALA ALA A . n 
A 1 179 LEU 179 235 235 LEU LEU A . n 
A 1 180 SER 180 235 235 SER SER A A n 
A 1 181 ALA 181 236 236 ALA ALA A . n 
A 1 182 TYR 182 237 237 TYR TYR A . n 
A 1 183 GLY 183 238 238 GLY GLY A . n 
A 1 184 VAL 184 239 239 VAL VAL A . n 
A 1 185 THR 185 240 240 THR THR A . n 
A 1 186 VAL 186 241 241 VAL VAL A . n 
A 1 187 TYR 187 242 242 TYR TYR A . n 
B 2 1   BOC 1   300 300 BOC BOC B . n 
B 2 2   ALA 2   301 301 ALA ALA B . n 
B 2 3   ALA 3   302 302 ALA ALA B . n 
B 2 4   PRO 4   303 303 PRO PRO B . n 
B 2 5   GLU 5   304 304 GLU GLU B . n 
# 
loop_
_pdbx_nonpoly_scheme.asym_id 
_pdbx_nonpoly_scheme.entity_id 
_pdbx_nonpoly_scheme.mon_id 
_pdbx_nonpoly_scheme.ndb_seq_num 
_pdbx_nonpoly_scheme.pdb_seq_num 
_pdbx_nonpoly_scheme.auth_seq_num 
_pdbx_nonpoly_scheme.pdb_mon_id 
_pdbx_nonpoly_scheme.auth_mon_id 
_pdbx_nonpoly_scheme.pdb_strand_id 
_pdbx_nonpoly_scheme.pdb_ins_code 
C 3 HOH 1   401 401 HOH HOH A . 
C 3 HOH 2   402 402 HOH HOH A . 
C 3 HOH 3   403 403 HOH HOH A . 
C 3 HOH 4   404 404 HOH HOH A . 
C 3 HOH 5   405 405 HOH HOH A . 
C 3 HOH 6   406 406 HOH HOH A . 
C 3 HOH 7   407 407 HOH HOH A . 
C 3 HOH 8   408 408 HOH HOH A . 
C 3 HOH 9   409 409 HOH HOH A . 
C 3 HOH 10  410 410 HOH HOH A . 
C 3 HOH 11  411 411 HOH HOH A . 
C 3 HOH 12  412 412 HOH HOH A . 
C 3 HOH 13  413 413 HOH HOH A . 
C 3 HOH 14  414 414 HOH HOH A . 
C 3 HOH 15  415 415 HOH HOH A . 
C 3 HOH 16  416 416 HOH HOH A . 
C 3 HOH 17  417 417 HOH HOH A . 
C 3 HOH 18  418 418 HOH HOH A . 
C 3 HOH 19  419 419 HOH HOH A . 
C 3 HOH 20  420 420 HOH HOH A . 
C 3 HOH 21  421 421 HOH HOH A . 
C 3 HOH 22  422 422 HOH HOH A . 
C 3 HOH 23  423 423 HOH HOH A . 
C 3 HOH 24  424 424 HOH HOH A . 
C 3 HOH 25  425 425 HOH HOH A . 
C 3 HOH 26  426 426 HOH HOH A . 
C 3 HOH 27  428 428 HOH HOH A . 
C 3 HOH 28  429 429 HOH HOH A . 
C 3 HOH 29  430 430 HOH HOH A . 
C 3 HOH 30  431 431 HOH HOH A . 
C 3 HOH 31  432 432 HOH HOH A . 
C 3 HOH 32  433 433 HOH HOH A . 
C 3 HOH 33  434 434 HOH HOH A . 
C 3 HOH 34  435 435 HOH HOH A . 
C 3 HOH 35  436 436 HOH HOH A . 
C 3 HOH 36  437 437 HOH HOH A . 
C 3 HOH 37  438 438 HOH HOH A . 
C 3 HOH 38  439 439 HOH HOH A . 
C 3 HOH 39  440 440 HOH HOH A . 
C 3 HOH 40  441 441 HOH HOH A . 
C 3 HOH 41  442 442 HOH HOH A . 
C 3 HOH 42  443 443 HOH HOH A . 
C 3 HOH 43  444 444 HOH HOH A . 
C 3 HOH 44  445 445 HOH HOH A . 
C 3 HOH 45  446 446 HOH HOH A . 
C 3 HOH 46  447 447 HOH HOH A . 
C 3 HOH 47  448 448 HOH HOH A . 
C 3 HOH 48  449 449 HOH HOH A . 
C 3 HOH 49  450 450 HOH HOH A . 
C 3 HOH 50  451 451 HOH HOH A . 
C 3 HOH 51  452 452 HOH HOH A . 
C 3 HOH 52  453 453 HOH HOH A . 
C 3 HOH 53  454 454 HOH HOH A . 
C 3 HOH 54  455 455 HOH HOH A . 
C 3 HOH 55  456 456 HOH HOH A . 
C 3 HOH 56  457 457 HOH HOH A . 
C 3 HOH 57  458 458 HOH HOH A . 
C 3 HOH 58  459 459 HOH HOH A . 
C 3 HOH 59  460 460 HOH HOH A . 
C 3 HOH 60  461 461 HOH HOH A . 
C 3 HOH 61  462 462 HOH HOH A . 
C 3 HOH 62  463 463 HOH HOH A . 
C 3 HOH 63  464 464 HOH HOH A . 
C 3 HOH 64  465 465 HOH HOH A . 
C 3 HOH 65  466 466 HOH HOH A . 
C 3 HOH 66  467 467 HOH HOH A . 
C 3 HOH 67  468 468 HOH HOH A . 
C 3 HOH 68  469 469 HOH HOH A . 
C 3 HOH 69  470 470 HOH HOH A . 
C 3 HOH 70  471 471 HOH HOH A . 
C 3 HOH 71  472 472 HOH HOH A . 
C 3 HOH 72  473 473 HOH HOH A . 
C 3 HOH 73  474 474 HOH HOH A . 
C 3 HOH 74  475 475 HOH HOH A . 
C 3 HOH 75  476 476 HOH HOH A . 
C 3 HOH 76  477 477 HOH HOH A . 
C 3 HOH 77  478 478 HOH HOH A . 
C 3 HOH 78  479 479 HOH HOH A . 
C 3 HOH 79  480 480 HOH HOH A . 
C 3 HOH 80  481 481 HOH HOH A . 
C 3 HOH 81  482 482 HOH HOH A . 
C 3 HOH 82  484 484 HOH HOH A . 
C 3 HOH 83  485 485 HOH HOH A . 
C 3 HOH 84  486 486 HOH HOH A . 
C 3 HOH 85  487 487 HOH HOH A . 
C 3 HOH 86  488 488 HOH HOH A . 
C 3 HOH 87  489 489 HOH HOH A . 
C 3 HOH 88  490 490 HOH HOH A . 
C 3 HOH 89  491 491 HOH HOH A . 
C 3 HOH 90  492 492 HOH HOH A . 
C 3 HOH 91  493 493 HOH HOH A . 
C 3 HOH 92  494 494 HOH HOH A . 
C 3 HOH 93  495 495 HOH HOH A . 
C 3 HOH 94  496 496 HOH HOH A . 
C 3 HOH 95  497 497 HOH HOH A . 
C 3 HOH 96  498 498 HOH HOH A . 
C 3 HOH 97  499 499 HOH HOH A . 
C 3 HOH 98  500 500 HOH HOH A . 
C 3 HOH 99  501 501 HOH HOH A . 
C 3 HOH 100 502 502 HOH HOH A . 
C 3 HOH 101 503 503 HOH HOH A . 
C 3 HOH 102 504 504 HOH HOH A . 
C 3 HOH 103 505 505 HOH HOH A . 
C 3 HOH 104 506 506 HOH HOH A . 
C 3 HOH 105 507 507 HOH HOH A . 
C 3 HOH 106 508 508 HOH HOH A . 
C 3 HOH 107 509 509 HOH HOH A . 
C 3 HOH 108 510 510 HOH HOH A . 
C 3 HOH 109 511 511 HOH HOH A . 
C 3 HOH 110 512 512 HOH HOH A . 
C 3 HOH 111 513 513 HOH HOH A . 
C 3 HOH 112 514 514 HOH HOH A . 
C 3 HOH 113 515 515 HOH HOH A . 
C 3 HOH 114 516 516 HOH HOH A . 
C 3 HOH 115 517 517 HOH HOH A . 
C 3 HOH 116 518 518 HOH HOH A . 
C 3 HOH 117 519 519 HOH HOH A . 
C 3 HOH 118 520 520 HOH HOH A . 
C 3 HOH 119 521 521 HOH HOH A . 
C 3 HOH 120 522 522 HOH HOH A . 
C 3 HOH 121 523 523 HOH HOH A . 
C 3 HOH 122 524 524 HOH HOH A . 
C 3 HOH 123 525 525 HOH HOH A . 
C 3 HOH 124 526 526 HOH HOH A . 
C 3 HOH 125 527 527 HOH HOH A . 
C 3 HOH 126 528 528 HOH HOH A . 
D 3 HOH 1   427 427 HOH HOH B . 
D 3 HOH 2   483 483 HOH HOH B . 
# 
loop_
_software.name 
_software.classification 
_software.version 
_software.citation_id 
_software.pdbx_ordinal 
X-PLOR 'model building' . ? 1 
X-PLOR refinement       . ? 2 
X-PLOR phasing          . ? 3 
# 
_cell.entry_id           1HPG 
_cell.length_a           77.260 
_cell.length_b           36.290 
_cell.length_c           51.220 
_cell.angle_alpha        90.00 
_cell.angle_beta         101.80 
_cell.angle_gamma        90.00 
_cell.Z_PDB              4 
_cell.pdbx_unique_axis   ? 
_cell.length_a_esd       ? 
_cell.length_b_esd       ? 
_cell.length_c_esd       ? 
_cell.angle_alpha_esd    ? 
_cell.angle_beta_esd     ? 
_cell.angle_gamma_esd    ? 
# 
_symmetry.entry_id                         1HPG 
_symmetry.space_group_name_H-M             'C 1 2 1' 
_symmetry.pdbx_full_space_group_name_H-M   ? 
_symmetry.cell_setting                     ? 
_symmetry.Int_Tables_number                5 
_symmetry.space_group_name_Hall            ? 
# 
_exptl.entry_id          1HPG 
_exptl.method            'X-RAY DIFFRACTION' 
_exptl.crystals_number   ? 
# 
_exptl_crystal.id                    1 
_exptl_crystal.density_meas          ? 
_exptl_crystal.density_Matthews      1.87 
_exptl_crystal.density_percent_sol   34.30 
_exptl_crystal.description           ? 
_exptl_crystal.F_000                 ? 
_exptl_crystal.preparation           ? 
# 
_diffrn.id                     1 
_diffrn.ambient_temp           ? 
_diffrn.ambient_temp_details   ? 
_diffrn.crystal_id             1 
# 
_diffrn_radiation.diffrn_id                        1 
_diffrn_radiation.wavelength_id                    1 
_diffrn_radiation.pdbx_monochromatic_or_laue_m_l   ? 
_diffrn_radiation.monochromator                    ? 
_diffrn_radiation.pdbx_diffrn_protocol             ? 
_diffrn_radiation.pdbx_scattering_type             x-ray 
# 
_diffrn_radiation_wavelength.id           1 
_diffrn_radiation_wavelength.wavelength   . 
_diffrn_radiation_wavelength.wt           1.0 
# 
_reflns.entry_id                     1HPG 
_reflns.observed_criterion_sigma_I   2.0 
_reflns.observed_criterion_sigma_F   ? 
_reflns.d_resolution_low             30.0 
_reflns.d_resolution_high            1.5 
_reflns.number_obs                   22913 
_reflns.number_all                   ? 
_reflns.percent_possible_obs         94.4 
_reflns.pdbx_Rmerge_I_obs            ? 
_reflns.pdbx_Rsym_value              ? 
_reflns.pdbx_netI_over_sigmaI        ? 
_reflns.B_iso_Wilson_estimate        ? 
_reflns.pdbx_redundancy              ? 
_reflns.R_free_details               ? 
_reflns.limit_h_max                  ? 
_reflns.limit_h_min                  ? 
_reflns.limit_k_max                  ? 
_reflns.limit_k_min                  ? 
_reflns.limit_l_max                  ? 
_reflns.limit_l_min                  ? 
_reflns.observed_criterion_F_max     ? 
_reflns.observed_criterion_F_min     ? 
_reflns.pdbx_chi_squared             ? 
_reflns.pdbx_scaling_rejects         ? 
_reflns.pdbx_ordinal                 1 
_reflns.pdbx_diffrn_id               1 
# 
_refine.entry_id                                 1HPG 
_refine.ls_number_reflns_obs                     ? 
_refine.ls_number_reflns_all                     ? 
_refine.pdbx_ls_sigma_I                          ? 
_refine.pdbx_ls_sigma_F                          ? 
_refine.pdbx_data_cutoff_high_absF               ? 
_refine.pdbx_data_cutoff_low_absF                ? 
_refine.pdbx_data_cutoff_high_rms_absF           ? 
_refine.ls_d_res_low                             ? 
_refine.ls_d_res_high                            1.5 
_refine.ls_percent_reflns_obs                    ? 
_refine.ls_R_factor_obs                          0.181 
_refine.ls_R_factor_all                          ? 
_refine.ls_R_factor_R_work                       0.181 
_refine.ls_R_factor_R_free                       ? 
_refine.ls_R_factor_R_free_error                 ? 
_refine.ls_R_factor_R_free_error_details         ? 
_refine.ls_percent_reflns_R_free                 ? 
_refine.ls_number_reflns_R_free                  ? 
_refine.ls_number_parameters                     ? 
_refine.ls_number_restraints                     ? 
_refine.occupancy_min                            ? 
_refine.occupancy_max                            ? 
_refine.B_iso_mean                               ? 
_refine.aniso_B[1][1]                            ? 
_refine.aniso_B[2][2]                            ? 
_refine.aniso_B[3][3]                            ? 
_refine.aniso_B[1][2]                            ? 
_refine.aniso_B[1][3]                            ? 
_refine.aniso_B[2][3]                            ? 
_refine.solvent_model_details                    ? 
_refine.solvent_model_param_ksol                 ? 
_refine.solvent_model_param_bsol                 ? 
_refine.pdbx_ls_cross_valid_method               ? 
_refine.details                                  ? 
_refine.pdbx_starting_model                      ? 
_refine.pdbx_method_to_determine_struct          ? 
_refine.pdbx_isotropic_thermal_model             ? 
_refine.pdbx_stereochemistry_target_values       ? 
_refine.pdbx_stereochem_target_val_spec_case     ? 
_refine.pdbx_R_Free_selection_details            ? 
_refine.pdbx_overall_ESU_R_Free                  ? 
_refine.overall_SU_ML                            ? 
_refine.overall_SU_B                             ? 
_refine.pdbx_refine_id                           'X-RAY DIFFRACTION' 
_refine.ls_redundancy_reflns_obs                 ? 
_refine.pdbx_overall_phase_error                 ? 
_refine.B_iso_min                                ? 
_refine.B_iso_max                                ? 
_refine.correlation_coeff_Fo_to_Fc               ? 
_refine.correlation_coeff_Fo_to_Fc_free          ? 
_refine.pdbx_solvent_vdw_probe_radii             ? 
_refine.pdbx_solvent_ion_probe_radii             ? 
_refine.pdbx_solvent_shrinkage_radii             ? 
_refine.overall_SU_R_Cruickshank_DPI             ? 
_refine.overall_SU_R_free                        ? 
_refine.ls_wR_factor_R_free                      ? 
_refine.ls_wR_factor_R_work                      ? 
_refine.overall_FOM_free_R_set                   ? 
_refine.overall_FOM_work_R_set                   ? 
_refine.pdbx_overall_ESU_R                       ? 
_refine.pdbx_diffrn_id                           1 
_refine.pdbx_TLS_residual_ADP_flag               ? 
_refine.pdbx_overall_SU_R_free_Cruickshank_DPI   ? 
_refine.pdbx_overall_SU_R_Blow_DPI               ? 
_refine.pdbx_overall_SU_R_free_Blow_DPI          ? 
# 
_refine_hist.pdbx_refine_id                   'X-RAY DIFFRACTION' 
_refine_hist.cycle_id                         LAST 
_refine_hist.pdbx_number_atoms_protein        1317 
_refine_hist.pdbx_number_atoms_nucleic_acid   0 
_refine_hist.pdbx_number_atoms_ligand         0 
_refine_hist.number_atoms_solvent             128 
_refine_hist.number_atoms_total               1445 
_refine_hist.d_res_high                       1.5 
_refine_hist.d_res_low                        . 
# 
loop_
_refine_ls_restr.type 
_refine_ls_restr.dev_ideal 
_refine_ls_restr.dev_ideal_target 
_refine_ls_restr.weight 
_refine_ls_restr.number 
_refine_ls_restr.pdbx_refine_id 
_refine_ls_restr.pdbx_restraint_function 
x_bond_d                0.014 ? ? ? 'X-RAY DIFFRACTION' ? 
x_bond_d_na             ?     ? ? ? 'X-RAY DIFFRACTION' ? 
x_bond_d_prot           ?     ? ? ? 'X-RAY DIFFRACTION' ? 
x_angle_d               ?     ? ? ? 'X-RAY DIFFRACTION' ? 
x_angle_d_na            ?     ? ? ? 'X-RAY DIFFRACTION' ? 
x_angle_d_prot          ?     ? ? ? 'X-RAY DIFFRACTION' ? 
x_angle_deg             2.84  ? ? ? 'X-RAY DIFFRACTION' ? 
x_angle_deg_na          ?     ? ? ? 'X-RAY DIFFRACTION' ? 
x_angle_deg_prot        ?     ? ? ? 'X-RAY DIFFRACTION' ? 
x_dihedral_angle_d      ?     ? ? ? 'X-RAY DIFFRACTION' ? 
x_dihedral_angle_d_na   ?     ? ? ? 'X-RAY DIFFRACTION' ? 
x_dihedral_angle_d_prot ?     ? ? ? 'X-RAY DIFFRACTION' ? 
x_improper_angle_d      ?     ? ? ? 'X-RAY DIFFRACTION' ? 
x_improper_angle_d_na   ?     ? ? ? 'X-RAY DIFFRACTION' ? 
x_improper_angle_d_prot ?     ? ? ? 'X-RAY DIFFRACTION' ? 
x_mcbond_it             ?     ? ? ? 'X-RAY DIFFRACTION' ? 
x_mcangle_it            ?     ? ? ? 'X-RAY DIFFRACTION' ? 
x_scbond_it             ?     ? ? ? 'X-RAY DIFFRACTION' ? 
x_scangle_it            ?     ? ? ? 'X-RAY DIFFRACTION' ? 
# 
_struct.entry_id                  1HPG 
_struct.title                     'A glutamic acid specific serine protease utilizes a novel histidine triad in substrate binding' 
_struct.pdbx_model_details        ? 
_struct.pdbx_CASP_flag            ? 
_struct.pdbx_model_type_details   ? 
# 
_struct_keywords.entry_id        1HPG 
_struct_keywords.pdbx_keywords   'HYDROLASE/HYDROLASE INHIBITOR' 
_struct_keywords.text            'SERINE PROTEASE, HYDROLASE-HYDROLASE INHIBITOR COMPLEX' 
# 
loop_
_struct_asym.id 
_struct_asym.pdbx_blank_PDB_chainid_flag 
_struct_asym.pdbx_modified 
_struct_asym.entity_id 
_struct_asym.details 
A N N 1 ? 
B N N 2 ? 
C N N 3 ? 
D N N 3 ? 
# 
loop_
_struct_ref.id 
_struct_ref.db_name 
_struct_ref.db_code 
_struct_ref.entity_id 
_struct_ref.pdbx_db_accession 
_struct_ref.pdbx_align_begin 
_struct_ref.pdbx_seq_one_letter_code 
_struct_ref.pdbx_db_isoform 
1 UNP Q54211_STRGR 1 Q54211 169 
;VLGGGAIYGGGSRCSAAFNVTKGGARYFVTAGHCTNISANWSASSGGSVVGVREGTSFPTNDYGIVRYTDGSSPAGTVDL
YNGSTQDISSAANAVVGQAIKKSGSTTKVTSGTVTAVNVTVNYGDGPVYNMVRTTACSAGGDSGGAHFAGSVALGIHSGS
SGCSGTAGSAIHQPVTEALSAYGVTVY
;
? 
2 PDB 1HPG         2 1HPG   1   '(BOC)AAPE' ? 
# 
loop_
_struct_ref_seq.align_id 
_struct_ref_seq.ref_id 
_struct_ref_seq.pdbx_PDB_id_code 
_struct_ref_seq.pdbx_strand_id 
_struct_ref_seq.seq_align_beg 
_struct_ref_seq.pdbx_seq_align_beg_ins_code 
_struct_ref_seq.seq_align_end 
_struct_ref_seq.pdbx_seq_align_end_ins_code 
_struct_ref_seq.pdbx_db_accession 
_struct_ref_seq.db_align_beg 
_struct_ref_seq.pdbx_db_align_beg_ins_code 
_struct_ref_seq.db_align_end 
_struct_ref_seq.pdbx_db_align_end_ins_code 
_struct_ref_seq.pdbx_auth_seq_align_beg 
_struct_ref_seq.pdbx_auth_seq_align_end 
1 1 1HPG A 1 ? 187 ? Q54211 169 ? 355 ? 16  242 
2 2 1HPG B 1 ? 5   ? 1HPG   300 ? 304 ? 300 304 
# 
_pdbx_struct_assembly.id                   1 
_pdbx_struct_assembly.details              author_and_software_defined_assembly 
_pdbx_struct_assembly.method_details       PISA 
_pdbx_struct_assembly.oligomeric_details   dimeric 
_pdbx_struct_assembly.oligomeric_count     2 
# 
loop_
_pdbx_struct_assembly_prop.biol_id 
_pdbx_struct_assembly_prop.type 
_pdbx_struct_assembly_prop.value 
_pdbx_struct_assembly_prop.details 
1 'ABSA (A^2)' 890  ? 
1 MORE         -3   ? 
1 'SSA (A^2)'  7210 ? 
# 
_pdbx_struct_assembly_gen.assembly_id       1 
_pdbx_struct_assembly_gen.oper_expression   1 
_pdbx_struct_assembly_gen.asym_id_list      A,B,C,D 
# 
_pdbx_struct_oper_list.id                   1 
_pdbx_struct_oper_list.type                 'identity operation' 
_pdbx_struct_oper_list.name                 1_555 
_pdbx_struct_oper_list.symmetry_operation   x,y,z 
_pdbx_struct_oper_list.matrix[1][1]         1.0000000000 
_pdbx_struct_oper_list.matrix[1][2]         0.0000000000 
_pdbx_struct_oper_list.matrix[1][3]         0.0000000000 
_pdbx_struct_oper_list.vector[1]            0.0000000000 
_pdbx_struct_oper_list.matrix[2][1]         0.0000000000 
_pdbx_struct_oper_list.matrix[2][2]         1.0000000000 
_pdbx_struct_oper_list.matrix[2][3]         0.0000000000 
_pdbx_struct_oper_list.vector[2]            0.0000000000 
_pdbx_struct_oper_list.matrix[3][1]         0.0000000000 
_pdbx_struct_oper_list.matrix[3][2]         0.0000000000 
_pdbx_struct_oper_list.matrix[3][3]         1.0000000000 
_pdbx_struct_oper_list.vector[3]            0.0000000000 
# 
_struct_biol.id        1 
_struct_biol.details   ? 
# 
loop_
_struct_conf.conf_type_id 
_struct_conf.id 
_struct_conf.pdbx_PDB_helix_id 
_struct_conf.beg_label_comp_id 
_struct_conf.beg_label_asym_id 
_struct_conf.beg_label_seq_id 
_struct_conf.pdbx_beg_PDB_ins_code 
_struct_conf.end_label_comp_id 
_struct_conf.end_label_asym_id 
_struct_conf.end_label_seq_id 
_struct_conf.pdbx_end_PDB_ins_code 
_struct_conf.beg_auth_comp_id 
_struct_conf.beg_auth_asym_id 
_struct_conf.beg_auth_seq_id 
_struct_conf.end_auth_comp_id 
_struct_conf.end_auth_asym_id 
_struct_conf.end_auth_seq_id 
_struct_conf.pdbx_PDB_helix_class 
_struct_conf.details 
_struct_conf.pdbx_PDB_helix_length 
HELX_P HELX_P1 A GLY A 32  ? THR A 35  ? GLY A 56  THR A 59  1 ? 4 
HELX_P HELX_P2 B VAL A 175 ? TYR A 182 ? VAL A 231 TYR A 237 1 ? 8 
# 
_struct_conf_type.id          HELX_P 
_struct_conf_type.criteria    ? 
_struct_conf_type.reference   ? 
# 
loop_
_struct_conn.id 
_struct_conn.conn_type_id 
_struct_conn.pdbx_leaving_atom_flag 
_struct_conn.pdbx_PDB_id 
_struct_conn.ptnr1_label_asym_id 
_struct_conn.ptnr1_label_comp_id 
_struct_conn.ptnr1_label_seq_id 
_struct_conn.ptnr1_label_atom_id 
_struct_conn.pdbx_ptnr1_label_alt_id 
_struct_conn.pdbx_ptnr1_PDB_ins_code 
_struct_conn.pdbx_ptnr1_standard_comp_id 
_struct_conn.ptnr1_symmetry 
_struct_conn.ptnr2_label_asym_id 
_struct_conn.ptnr2_label_comp_id 
_struct_conn.ptnr2_label_seq_id 
_struct_conn.ptnr2_label_atom_id 
_struct_conn.pdbx_ptnr2_label_alt_id 
_struct_conn.pdbx_ptnr2_PDB_ins_code 
_struct_conn.ptnr1_auth_asym_id 
_struct_conn.ptnr1_auth_comp_id 
_struct_conn.ptnr1_auth_seq_id 
_struct_conn.ptnr2_auth_asym_id 
_struct_conn.ptnr2_auth_comp_id 
_struct_conn.ptnr2_auth_seq_id 
_struct_conn.ptnr2_symmetry 
_struct_conn.pdbx_ptnr3_label_atom_id 
_struct_conn.pdbx_ptnr3_label_seq_id 
_struct_conn.pdbx_ptnr3_label_comp_id 
_struct_conn.pdbx_ptnr3_label_asym_id 
_struct_conn.pdbx_ptnr3_label_alt_id 
_struct_conn.pdbx_ptnr3_PDB_ins_code 
_struct_conn.details 
_struct_conn.pdbx_dist_value 
_struct_conn.pdbx_value_order 
_struct_conn.pdbx_role 
disulf1 disulf ?    ? A CYS 14  SG ? ? ? 1_555 A CYS 34  SG ? ? A CYS 42  A CYS 58  1_555 ? ? ? ? ? ? ? 2.032 ? ? 
disulf2 disulf ?    ? A CYS 137 SG A ? ? 1_555 A CYS 163 SG ? ? A CYS 191 A CYS 220 1_555 ? ? ? ? ? ? ? 2.016 ? ? 
disulf3 disulf ?    ? A CYS 137 SG B ? ? 1_555 A CYS 163 SG ? ? A CYS 191 A CYS 220 1_555 ? ? ? ? ? ? ? 2.003 ? ? 
covale1 covale both ? B BOC 1   C  ? ? ? 1_555 B ALA 2   N  ? ? B BOC 300 B ALA 301 1_555 ? ? ? ? ? ? ? 1.317 ? ? 
# 
loop_
_struct_conn_type.id 
_struct_conn_type.criteria 
_struct_conn_type.reference 
disulf ? ? 
covale ? ? 
# 
_struct_mon_prot_cis.pdbx_id                1 
_struct_mon_prot_cis.label_comp_id          PHE 
_struct_mon_prot_cis.label_seq_id           58 
_struct_mon_prot_cis.label_asym_id          A 
_struct_mon_prot_cis.label_alt_id           . 
_struct_mon_prot_cis.pdbx_PDB_ins_code      ? 
_struct_mon_prot_cis.auth_comp_id           PHE 
_struct_mon_prot_cis.auth_seq_id            94 
_struct_mon_prot_cis.auth_asym_id           A 
_struct_mon_prot_cis.pdbx_label_comp_id_2   PRO 
_struct_mon_prot_cis.pdbx_label_seq_id_2    59 
_struct_mon_prot_cis.pdbx_label_asym_id_2   A 
_struct_mon_prot_cis.pdbx_PDB_ins_code_2    ? 
_struct_mon_prot_cis.pdbx_auth_comp_id_2    PRO 
_struct_mon_prot_cis.pdbx_auth_seq_id_2     99 
_struct_mon_prot_cis.pdbx_auth_asym_id_2    A 
_struct_mon_prot_cis.pdbx_PDB_model_num     1 
_struct_mon_prot_cis.pdbx_omega_angle       -6.44 
# 
loop_
_struct_sheet.id 
_struct_sheet.type 
_struct_sheet.number_strands 
_struct_sheet.details 
A ? 6 ? 
B ? 2 ? 
C ? 6 ? 
# 
loop_
_struct_sheet_order.sheet_id 
_struct_sheet_order.range_id_1 
_struct_sheet_order.range_id_2 
_struct_sheet_order.offset 
_struct_sheet_order.sense 
A 1 2 ? anti-parallel 
A 2 3 ? anti-parallel 
A 3 4 ? anti-parallel 
A 4 5 ? anti-parallel 
A 5 6 ? anti-parallel 
B 1 2 ? anti-parallel 
C 1 2 ? anti-parallel 
C 2 3 ? anti-parallel 
C 3 4 ? anti-parallel 
C 4 5 ? anti-parallel 
C 5 6 ? anti-parallel 
# 
loop_
_struct_sheet_range.sheet_id 
_struct_sheet_range.id 
_struct_sheet_range.beg_label_comp_id 
_struct_sheet_range.beg_label_asym_id 
_struct_sheet_range.beg_label_seq_id 
_struct_sheet_range.pdbx_beg_PDB_ins_code 
_struct_sheet_range.end_label_comp_id 
_struct_sheet_range.end_label_asym_id 
_struct_sheet_range.end_label_seq_id 
_struct_sheet_range.pdbx_end_PDB_ins_code 
_struct_sheet_range.beg_auth_comp_id 
_struct_sheet_range.beg_auth_asym_id 
_struct_sheet_range.beg_auth_seq_id 
_struct_sheet_range.end_auth_comp_id 
_struct_sheet_range.end_auth_asym_id 
_struct_sheet_range.end_auth_seq_id 
A 1 ALA A 6   ? GLY A 9   ? ALA A 30  GLY A 33  
A 2 SER A 12  ? LYS A 22  B SER A 40  LYS A 48  
A 3 ALA A 25  ? THR A 30  ? ALA A 49  THR A 54  
A 4 TYR A 63  ? TYR A 68  ? TYR A 103 TYR A 108 
A 5 VAL A 49  ? SER A 57  ? VAL A 84  SER A 93  
A 6 ALA A 39  ? SER A 42  ? ALA A 65  SER A 67  
B 1 GLY A 76  ? LEU A 80  ? GLY A 116 LEU A 120 
B 2 SER A 84  D ASP A 87  ? SER A 120 ASP A 123 
C 1 SER A 89  ? GLY A 104 ? SER A 125 GLY A 140 
C 2 LYS A 108 ? TYR A 123 ? LYS A 156 TYR A 171 
C 3 GLY A 126 ? THR A 134 ? GLY A 175 THR A 183 
C 4 ILE A 171 ? PRO A 174 ? ILE A 227 PRO A 230 
C 5 VAL A 152 ? SER A 160 ? VAL A 208 SER A 216 
C 6 ALA A 146 ? ALA A 149 ? ALA A 198 ALA A 201 
# 
_struct_site.id                   AC1 
_struct_site.pdbx_evidence_code   Software 
_struct_site.pdbx_auth_asym_id    ? 
_struct_site.pdbx_auth_comp_id    ? 
_struct_site.pdbx_auth_seq_id     ? 
_struct_site.pdbx_auth_ins_code   ? 
_struct_site.pdbx_num_residues    18 
_struct_site.details              'BINDING SITE FOR CHAIN B OF TETRAPEPTIDE LIGAND' 
# 
loop_
_struct_site_gen.id 
_struct_site_gen.site_id 
_struct_site_gen.pdbx_num_res 
_struct_site_gen.label_comp_id 
_struct_site_gen.label_asym_id 
_struct_site_gen.label_seq_id 
_struct_site_gen.pdbx_auth_ins_code 
_struct_site_gen.auth_comp_id 
_struct_site_gen.auth_asym_id 
_struct_site_gen.auth_seq_id 
_struct_site_gen.label_atom_id 
_struct_site_gen.label_alt_id 
_struct_site_gen.symmetry 
_struct_site_gen.details 
1  AC1 18 HIS A 33  ? HIS A 57  . ? 1_555 ? 
2  AC1 18 ALA A 116 ? ALA A 164 . ? 2_655 ? 
3  AC1 18 VAL A 119 ? VAL A 167 . ? 2_655 ? 
4  AC1 18 TYR A 123 ? TYR A 171 . ? 1_555 ? 
5  AC1 18 ARG A 133 ? ARG A 182 . ? 2_655 ? 
6  AC1 18 SER A 138 ? SER A 192 . ? 1_555 ? 
7  AC1 18 ALA A 139 A ALA A 192 . ? 1_555 ? 
8  AC1 18 GLY A 140 B GLY A 192 . ? 1_555 ? 
9  AC1 18 GLY A 141 ? GLY A 193 . ? 1_555 ? 
10 AC1 18 ASP A 142 ? ASP A 194 . ? 1_555 ? 
11 AC1 18 SER A 143 ? SER A 195 . ? 1_555 ? 
12 AC1 18 HIS A 157 ? HIS A 213 . ? 1_555 ? 
13 AC1 18 SER A 158 ? SER A 214 . ? 1_555 ? 
14 AC1 18 GLY A 159 ? GLY A 215 . ? 1_555 ? 
15 AC1 18 SER A 160 ? SER A 216 . ? 1_555 ? 
16 AC1 18 SER A 161 ? SER A 217 . ? 1_555 ? 
17 AC1 18 HOH C .   ? HOH A 469 . ? 1_555 ? 
18 AC1 18 HOH D .   ? HOH B 427 . ? 1_555 ? 
# 
_pdbx_entry_details.entry_id                   1HPG 
_pdbx_entry_details.compound_details           ? 
_pdbx_entry_details.source_details             ? 
_pdbx_entry_details.nonpolymer_details         'HOH 401 FITS THE CRITERIA OF A SODIUM ATOM BUT WAS REFINED AS AN ORDERED SOLVENT.' 
_pdbx_entry_details.sequence_details           ? 
_pdbx_entry_details.has_ligand_of_interest     ? 
_pdbx_entry_details.has_protein_modification   Y 
# 
loop_
_pdbx_validate_rmsd_bond.id 
_pdbx_validate_rmsd_bond.PDB_model_num 
_pdbx_validate_rmsd_bond.auth_atom_id_1 
_pdbx_validate_rmsd_bond.auth_asym_id_1 
_pdbx_validate_rmsd_bond.auth_comp_id_1 
_pdbx_validate_rmsd_bond.auth_seq_id_1 
_pdbx_validate_rmsd_bond.PDB_ins_code_1 
_pdbx_validate_rmsd_bond.label_alt_id_1 
_pdbx_validate_rmsd_bond.auth_atom_id_2 
_pdbx_validate_rmsd_bond.auth_asym_id_2 
_pdbx_validate_rmsd_bond.auth_comp_id_2 
_pdbx_validate_rmsd_bond.auth_seq_id_2 
_pdbx_validate_rmsd_bond.PDB_ins_code_2 
_pdbx_validate_rmsd_bond.label_alt_id_2 
_pdbx_validate_rmsd_bond.bond_value 
_pdbx_validate_rmsd_bond.bond_target_value 
_pdbx_validate_rmsd_bond.bond_deviation 
_pdbx_validate_rmsd_bond.bond_standard_deviation 
_pdbx_validate_rmsd_bond.linker_flag 
1 1 NE2 A HIS 57  ? ? CD2 A HIS 57  ? ? 1.305 1.373 -0.068 0.011 N 
2 1 NE2 A HIS 213 ? ? CD2 A HIS 213 ? ? 1.298 1.373 -0.075 0.011 N 
3 1 NE2 A HIS 228 ? ? CD2 A HIS 228 ? ? 1.306 1.373 -0.067 0.011 N 
# 
loop_
_pdbx_validate_rmsd_angle.id 
_pdbx_validate_rmsd_angle.PDB_model_num 
_pdbx_validate_rmsd_angle.auth_atom_id_1 
_pdbx_validate_rmsd_angle.auth_asym_id_1 
_pdbx_validate_rmsd_angle.auth_comp_id_1 
_pdbx_validate_rmsd_angle.auth_seq_id_1 
_pdbx_validate_rmsd_angle.PDB_ins_code_1 
_pdbx_validate_rmsd_angle.label_alt_id_1 
_pdbx_validate_rmsd_angle.auth_atom_id_2 
_pdbx_validate_rmsd_angle.auth_asym_id_2 
_pdbx_validate_rmsd_angle.auth_comp_id_2 
_pdbx_validate_rmsd_angle.auth_seq_id_2 
_pdbx_validate_rmsd_angle.PDB_ins_code_2 
_pdbx_validate_rmsd_angle.label_alt_id_2 
_pdbx_validate_rmsd_angle.auth_atom_id_3 
_pdbx_validate_rmsd_angle.auth_asym_id_3 
_pdbx_validate_rmsd_angle.auth_comp_id_3 
_pdbx_validate_rmsd_angle.auth_seq_id_3 
_pdbx_validate_rmsd_angle.PDB_ins_code_3 
_pdbx_validate_rmsd_angle.label_alt_id_3 
_pdbx_validate_rmsd_angle.angle_value 
_pdbx_validate_rmsd_angle.angle_target_value 
_pdbx_validate_rmsd_angle.angle_deviation 
_pdbx_validate_rmsd_angle.angle_standard_deviation 
_pdbx_validate_rmsd_angle.linker_flag 
1 1 CD1 A TRP 66  ? ? CG  A TRP 66  ? ? CD2 A TRP 66  ? ? 112.19 106.30 5.89   0.80 N 
2 1 CE2 A TRP 66  ? ? CD2 A TRP 66  ? ? CG  A TRP 66  ? ? 102.01 107.30 -5.29  0.80 N 
3 1 NE  A ARG 88  ? ? CZ  A ARG 88  ? ? NH1 A ARG 88  ? ? 123.38 120.30 3.08   0.50 N 
4 1 NE  A ARG 107 ? ? CZ  A ARG 107 ? ? NH1 A ARG 107 ? ? 123.95 120.30 3.65   0.50 N 
5 1 CA  A SER 195 ? ? C   A SER 195 ? ? N   A GLY 196 ? ? 102.88 116.20 -13.32 2.00 Y 
6 1 CB  A HIS 213 ? ? CG  A HIS 213 ? ? CD2 A HIS 213 ? ? 118.98 129.70 -10.72 1.60 N 
7 1 CA  A GLU 233 ? ? CB  A GLU 233 ? ? CG  A GLU 233 ? ? 131.02 113.40 17.62  2.20 N 
8 1 N   A VAL 239 ? ? CA  A VAL 239 ? ? CB  A VAL 239 ? B 97.56  111.50 -13.94 2.20 N 
# 
loop_
_pdbx_validate_torsion.id 
_pdbx_validate_torsion.PDB_model_num 
_pdbx_validate_torsion.auth_comp_id 
_pdbx_validate_torsion.auth_asym_id 
_pdbx_validate_torsion.auth_seq_id 
_pdbx_validate_torsion.PDB_ins_code 
_pdbx_validate_torsion.label_alt_id 
_pdbx_validate_torsion.phi 
_pdbx_validate_torsion.psi 
1 1 CYS A 42  ? ? -125.74 -164.95 
2 1 ALA A 45  ? ? -93.95  -67.35  
3 1 PRO A 99  ? ? -73.25  -152.69 
4 1 THR A 100 ? ? 75.43   -57.09  
5 1 ASN A 120 B ? -146.24 20.90   
6 1 LYS A 156 ? ? 55.15   -129.82 
7 1 SER A 225 ? ? -147.26 28.20   
# 
_pdbx_molecule_features.prd_id    PRD_000393 
_pdbx_molecule_features.name      'N-(tert-butoxycarbonyl)-L-alanyl-L-alanyl-L-prolyl-L-glutamic acid' 
_pdbx_molecule_features.type      Peptide-like 
_pdbx_molecule_features.class     Inhibitor 
_pdbx_molecule_features.details   ? 
# 
_pdbx_molecule.instance_id   1 
_pdbx_molecule.prd_id        PRD_000393 
_pdbx_molecule.asym_id       B 
# 
loop_
_chem_comp_atom.comp_id 
_chem_comp_atom.atom_id 
_chem_comp_atom.type_symbol 
_chem_comp_atom.pdbx_aromatic_flag 
_chem_comp_atom.pdbx_stereo_config 
_chem_comp_atom.pdbx_ordinal 
ALA N    N N N 1   
ALA CA   C N S 2   
ALA C    C N N 3   
ALA O    O N N 4   
ALA CB   C N N 5   
ALA OXT  O N N 6   
ALA H    H N N 7   
ALA H2   H N N 8   
ALA HA   H N N 9   
ALA HB1  H N N 10  
ALA HB2  H N N 11  
ALA HB3  H N N 12  
ALA HXT  H N N 13  
ARG N    N N N 14  
ARG CA   C N S 15  
ARG C    C N N 16  
ARG O    O N N 17  
ARG CB   C N N 18  
ARG CG   C N N 19  
ARG CD   C N N 20  
ARG NE   N N N 21  
ARG CZ   C N N 22  
ARG NH1  N N N 23  
ARG NH2  N N N 24  
ARG OXT  O N N 25  
ARG H    H N N 26  
ARG H2   H N N 27  
ARG HA   H N N 28  
ARG HB2  H N N 29  
ARG HB3  H N N 30  
ARG HG2  H N N 31  
ARG HG3  H N N 32  
ARG HD2  H N N 33  
ARG HD3  H N N 34  
ARG HE   H N N 35  
ARG HH11 H N N 36  
ARG HH12 H N N 37  
ARG HH21 H N N 38  
ARG HH22 H N N 39  
ARG HXT  H N N 40  
ASN N    N N N 41  
ASN CA   C N S 42  
ASN C    C N N 43  
ASN O    O N N 44  
ASN CB   C N N 45  
ASN CG   C N N 46  
ASN OD1  O N N 47  
ASN ND2  N N N 48  
ASN OXT  O N N 49  
ASN H    H N N 50  
ASN H2   H N N 51  
ASN HA   H N N 52  
ASN HB2  H N N 53  
ASN HB3  H N N 54  
ASN HD21 H N N 55  
ASN HD22 H N N 56  
ASN HXT  H N N 57  
ASP N    N N N 58  
ASP CA   C N S 59  
ASP C    C N N 60  
ASP O    O N N 61  
ASP CB   C N N 62  
ASP CG   C N N 63  
ASP OD1  O N N 64  
ASP OD2  O N N 65  
ASP OXT  O N N 66  
ASP H    H N N 67  
ASP H2   H N N 68  
ASP HA   H N N 69  
ASP HB2  H N N 70  
ASP HB3  H N N 71  
ASP HD2  H N N 72  
ASP HXT  H N N 73  
BOC O1   O N N 74  
BOC C    C N N 75  
BOC O2   O N N 76  
BOC CT   C N N 77  
BOC C1   C N N 78  
BOC C2   C N N 79  
BOC C3   C N N 80  
BOC O3   O N N 81  
BOC H11  H N N 82  
BOC H12  H N N 83  
BOC H13  H N N 84  
BOC H21  H N N 85  
BOC H22  H N N 86  
BOC H23  H N N 87  
BOC H31  H N N 88  
BOC H32  H N N 89  
BOC H33  H N N 90  
BOC H3   H N N 91  
CYS N    N N N 92  
CYS CA   C N R 93  
CYS C    C N N 94  
CYS O    O N N 95  
CYS CB   C N N 96  
CYS SG   S N N 97  
CYS OXT  O N N 98  
CYS H    H N N 99  
CYS H2   H N N 100 
CYS HA   H N N 101 
CYS HB2  H N N 102 
CYS HB3  H N N 103 
CYS HG   H N N 104 
CYS HXT  H N N 105 
GLN N    N N N 106 
GLN CA   C N S 107 
GLN C    C N N 108 
GLN O    O N N 109 
GLN CB   C N N 110 
GLN CG   C N N 111 
GLN CD   C N N 112 
GLN OE1  O N N 113 
GLN NE2  N N N 114 
GLN OXT  O N N 115 
GLN H    H N N 116 
GLN H2   H N N 117 
GLN HA   H N N 118 
GLN HB2  H N N 119 
GLN HB3  H N N 120 
GLN HG2  H N N 121 
GLN HG3  H N N 122 
GLN HE21 H N N 123 
GLN HE22 H N N 124 
GLN HXT  H N N 125 
GLU N    N N N 126 
GLU CA   C N S 127 
GLU C    C N N 128 
GLU O    O N N 129 
GLU CB   C N N 130 
GLU CG   C N N 131 
GLU CD   C N N 132 
GLU OE1  O N N 133 
GLU OE2  O N N 134 
GLU OXT  O N N 135 
GLU H    H N N 136 
GLU H2   H N N 137 
GLU HA   H N N 138 
GLU HB2  H N N 139 
GLU HB3  H N N 140 
GLU HG2  H N N 141 
GLU HG3  H N N 142 
GLU HE2  H N N 143 
GLU HXT  H N N 144 
GLY N    N N N 145 
GLY CA   C N N 146 
GLY C    C N N 147 
GLY O    O N N 148 
GLY OXT  O N N 149 
GLY H    H N N 150 
GLY H2   H N N 151 
GLY HA2  H N N 152 
GLY HA3  H N N 153 
GLY HXT  H N N 154 
HIS N    N N N 155 
HIS CA   C N S 156 
HIS C    C N N 157 
HIS O    O N N 158 
HIS CB   C N N 159 
HIS CG   C Y N 160 
HIS ND1  N Y N 161 
HIS CD2  C Y N 162 
HIS CE1  C Y N 163 
HIS NE2  N Y N 164 
HIS OXT  O N N 165 
HIS H    H N N 166 
HIS H2   H N N 167 
HIS HA   H N N 168 
HIS HB2  H N N 169 
HIS HB3  H N N 170 
HIS HD1  H N N 171 
HIS HD2  H N N 172 
HIS HE1  H N N 173 
HIS HE2  H N N 174 
HIS HXT  H N N 175 
HOH O    O N N 176 
HOH H1   H N N 177 
HOH H2   H N N 178 
ILE N    N N N 179 
ILE CA   C N S 180 
ILE C    C N N 181 
ILE O    O N N 182 
ILE CB   C N S 183 
ILE CG1  C N N 184 
ILE CG2  C N N 185 
ILE CD1  C N N 186 
ILE OXT  O N N 187 
ILE H    H N N 188 
ILE H2   H N N 189 
ILE HA   H N N 190 
ILE HB   H N N 191 
ILE HG12 H N N 192 
ILE HG13 H N N 193 
ILE HG21 H N N 194 
ILE HG22 H N N 195 
ILE HG23 H N N 196 
ILE HD11 H N N 197 
ILE HD12 H N N 198 
ILE HD13 H N N 199 
ILE HXT  H N N 200 
LEU N    N N N 201 
LEU CA   C N S 202 
LEU C    C N N 203 
LEU O    O N N 204 
LEU CB   C N N 205 
LEU CG   C N N 206 
LEU CD1  C N N 207 
LEU CD2  C N N 208 
LEU OXT  O N N 209 
LEU H    H N N 210 
LEU H2   H N N 211 
LEU HA   H N N 212 
LEU HB2  H N N 213 
LEU HB3  H N N 214 
LEU HG   H N N 215 
LEU HD11 H N N 216 
LEU HD12 H N N 217 
LEU HD13 H N N 218 
LEU HD21 H N N 219 
LEU HD22 H N N 220 
LEU HD23 H N N 221 
LEU HXT  H N N 222 
LYS N    N N N 223 
LYS CA   C N S 224 
LYS C    C N N 225 
LYS O    O N N 226 
LYS CB   C N N 227 
LYS CG   C N N 228 
LYS CD   C N N 229 
LYS CE   C N N 230 
LYS NZ   N N N 231 
LYS OXT  O N N 232 
LYS H    H N N 233 
LYS H2   H N N 234 
LYS HA   H N N 235 
LYS HB2  H N N 236 
LYS HB3  H N N 237 
LYS HG2  H N N 238 
LYS HG3  H N N 239 
LYS HD2  H N N 240 
LYS HD3  H N N 241 
LYS HE2  H N N 242 
LYS HE3  H N N 243 
LYS HZ1  H N N 244 
LYS HZ2  H N N 245 
LYS HZ3  H N N 246 
LYS HXT  H N N 247 
MET N    N N N 248 
MET CA   C N S 249 
MET C    C N N 250 
MET O    O N N 251 
MET CB   C N N 252 
MET CG   C N N 253 
MET SD   S N N 254 
MET CE   C N N 255 
MET OXT  O N N 256 
MET H    H N N 257 
MET H2   H N N 258 
MET HA   H N N 259 
MET HB2  H N N 260 
MET HB3  H N N 261 
MET HG2  H N N 262 
MET HG3  H N N 263 
MET HE1  H N N 264 
MET HE2  H N N 265 
MET HE3  H N N 266 
MET HXT  H N N 267 
PHE N    N N N 268 
PHE CA   C N S 269 
PHE C    C N N 270 
PHE O    O N N 271 
PHE CB   C N N 272 
PHE CG   C Y N 273 
PHE CD1  C Y N 274 
PHE CD2  C Y N 275 
PHE CE1  C Y N 276 
PHE CE2  C Y N 277 
PHE CZ   C Y N 278 
PHE OXT  O N N 279 
PHE H    H N N 280 
PHE H2   H N N 281 
PHE HA   H N N 282 
PHE HB2  H N N 283 
PHE HB3  H N N 284 
PHE HD1  H N N 285 
PHE HD2  H N N 286 
PHE HE1  H N N 287 
PHE HE2  H N N 288 
PHE HZ   H N N 289 
PHE HXT  H N N 290 
PRO N    N N N 291 
PRO CA   C N S 292 
PRO C    C N N 293 
PRO O    O N N 294 
PRO CB   C N N 295 
PRO CG   C N N 296 
PRO CD   C N N 297 
PRO OXT  O N N 298 
PRO H    H N N 299 
PRO HA   H N N 300 
PRO HB2  H N N 301 
PRO HB3  H N N 302 
PRO HG2  H N N 303 
PRO HG3  H N N 304 
PRO HD2  H N N 305 
PRO HD3  H N N 306 
PRO HXT  H N N 307 
SER N    N N N 308 
SER CA   C N S 309 
SER C    C N N 310 
SER O    O N N 311 
SER CB   C N N 312 
SER OG   O N N 313 
SER OXT  O N N 314 
SER H    H N N 315 
SER H2   H N N 316 
SER HA   H N N 317 
SER HB2  H N N 318 
SER HB3  H N N 319 
SER HG   H N N 320 
SER HXT  H N N 321 
THR N    N N N 322 
THR CA   C N S 323 
THR C    C N N 324 
THR O    O N N 325 
THR CB   C N R 326 
THR OG1  O N N 327 
THR CG2  C N N 328 
THR OXT  O N N 329 
THR H    H N N 330 
THR H2   H N N 331 
THR HA   H N N 332 
THR HB   H N N 333 
THR HG1  H N N 334 
THR HG21 H N N 335 
THR HG22 H N N 336 
THR HG23 H N N 337 
THR HXT  H N N 338 
TRP N    N N N 339 
TRP CA   C N S 340 
TRP C    C N N 341 
TRP O    O N N 342 
TRP CB   C N N 343 
TRP CG   C Y N 344 
TRP CD1  C Y N 345 
TRP CD2  C Y N 346 
TRP NE1  N Y N 347 
TRP CE2  C Y N 348 
TRP CE3  C Y N 349 
TRP CZ2  C Y N 350 
TRP CZ3  C Y N 351 
TRP CH2  C Y N 352 
TRP OXT  O N N 353 
TRP H    H N N 354 
TRP H2   H N N 355 
TRP HA   H N N 356 
TRP HB2  H N N 357 
TRP HB3  H N N 358 
TRP HD1  H N N 359 
TRP HE1  H N N 360 
TRP HE3  H N N 361 
TRP HZ2  H N N 362 
TRP HZ3  H N N 363 
TRP HH2  H N N 364 
TRP HXT  H N N 365 
TYR N    N N N 366 
TYR CA   C N S 367 
TYR C    C N N 368 
TYR O    O N N 369 
TYR CB   C N N 370 
TYR CG   C Y N 371 
TYR CD1  C Y N 372 
TYR CD2  C Y N 373 
TYR CE1  C Y N 374 
TYR CE2  C Y N 375 
TYR CZ   C Y N 376 
TYR OH   O N N 377 
TYR OXT  O N N 378 
TYR H    H N N 379 
TYR H2   H N N 380 
TYR HA   H N N 381 
TYR HB2  H N N 382 
TYR HB3  H N N 383 
TYR HD1  H N N 384 
TYR HD2  H N N 385 
TYR HE1  H N N 386 
TYR HE2  H N N 387 
TYR HH   H N N 388 
TYR HXT  H N N 389 
VAL N    N N N 390 
VAL CA   C N S 391 
VAL C    C N N 392 
VAL O    O N N 393 
VAL CB   C N N 394 
VAL CG1  C N N 395 
VAL CG2  C N N 396 
VAL OXT  O N N 397 
VAL H    H N N 398 
VAL H2   H N N 399 
VAL HA   H N N 400 
VAL HB   H N N 401 
VAL HG11 H N N 402 
VAL HG12 H N N 403 
VAL HG13 H N N 404 
VAL HG21 H N N 405 
VAL HG22 H N N 406 
VAL HG23 H N N 407 
VAL HXT  H N N 408 
# 
loop_
_chem_comp_bond.comp_id 
_chem_comp_bond.atom_id_1 
_chem_comp_bond.atom_id_2 
_chem_comp_bond.value_order 
_chem_comp_bond.pdbx_aromatic_flag 
_chem_comp_bond.pdbx_stereo_config 
_chem_comp_bond.pdbx_ordinal 
ALA N   CA   sing N N 1   
ALA N   H    sing N N 2   
ALA N   H2   sing N N 3   
ALA CA  C    sing N N 4   
ALA CA  CB   sing N N 5   
ALA CA  HA   sing N N 6   
ALA C   O    doub N N 7   
ALA C   OXT  sing N N 8   
ALA CB  HB1  sing N N 9   
ALA CB  HB2  sing N N 10  
ALA CB  HB3  sing N N 11  
ALA OXT HXT  sing N N 12  
ARG N   CA   sing N N 13  
ARG N   H    sing N N 14  
ARG N   H2   sing N N 15  
ARG CA  C    sing N N 16  
ARG CA  CB   sing N N 17  
ARG CA  HA   sing N N 18  
ARG C   O    doub N N 19  
ARG C   OXT  sing N N 20  
ARG CB  CG   sing N N 21  
ARG CB  HB2  sing N N 22  
ARG CB  HB3  sing N N 23  
ARG CG  CD   sing N N 24  
ARG CG  HG2  sing N N 25  
ARG CG  HG3  sing N N 26  
ARG CD  NE   sing N N 27  
ARG CD  HD2  sing N N 28  
ARG CD  HD3  sing N N 29  
ARG NE  CZ   sing N N 30  
ARG NE  HE   sing N N 31  
ARG CZ  NH1  sing N N 32  
ARG CZ  NH2  doub N N 33  
ARG NH1 HH11 sing N N 34  
ARG NH1 HH12 sing N N 35  
ARG NH2 HH21 sing N N 36  
ARG NH2 HH22 sing N N 37  
ARG OXT HXT  sing N N 38  
ASN N   CA   sing N N 39  
ASN N   H    sing N N 40  
ASN N   H2   sing N N 41  
ASN CA  C    sing N N 42  
ASN CA  CB   sing N N 43  
ASN CA  HA   sing N N 44  
ASN C   O    doub N N 45  
ASN C   OXT  sing N N 46  
ASN CB  CG   sing N N 47  
ASN CB  HB2  sing N N 48  
ASN CB  HB3  sing N N 49  
ASN CG  OD1  doub N N 50  
ASN CG  ND2  sing N N 51  
ASN ND2 HD21 sing N N 52  
ASN ND2 HD22 sing N N 53  
ASN OXT HXT  sing N N 54  
ASP N   CA   sing N N 55  
ASP N   H    sing N N 56  
ASP N   H2   sing N N 57  
ASP CA  C    sing N N 58  
ASP CA  CB   sing N N 59  
ASP CA  HA   sing N N 60  
ASP C   O    doub N N 61  
ASP C   OXT  sing N N 62  
ASP CB  CG   sing N N 63  
ASP CB  HB2  sing N N 64  
ASP CB  HB3  sing N N 65  
ASP CG  OD1  doub N N 66  
ASP CG  OD2  sing N N 67  
ASP OD2 HD2  sing N N 68  
ASP OXT HXT  sing N N 69  
BOC O1  C    doub N N 70  
BOC C   O2   sing N N 71  
BOC O2  CT   sing N N 72  
BOC CT  C1   sing N N 73  
BOC CT  C2   sing N N 74  
BOC CT  C3   sing N N 75  
BOC O3  C    sing N N 76  
BOC C1  H11  sing N N 77  
BOC C1  H12  sing N N 78  
BOC C1  H13  sing N N 79  
BOC C2  H21  sing N N 80  
BOC C2  H22  sing N N 81  
BOC C2  H23  sing N N 82  
BOC C3  H31  sing N N 83  
BOC C3  H32  sing N N 84  
BOC C3  H33  sing N N 85  
BOC O3  H3   sing N N 86  
CYS N   CA   sing N N 87  
CYS N   H    sing N N 88  
CYS N   H2   sing N N 89  
CYS CA  C    sing N N 90  
CYS CA  CB   sing N N 91  
CYS CA  HA   sing N N 92  
CYS C   O    doub N N 93  
CYS C   OXT  sing N N 94  
CYS CB  SG   sing N N 95  
CYS CB  HB2  sing N N 96  
CYS CB  HB3  sing N N 97  
CYS SG  HG   sing N N 98  
CYS OXT HXT  sing N N 99  
GLN N   CA   sing N N 100 
GLN N   H    sing N N 101 
GLN N   H2   sing N N 102 
GLN CA  C    sing N N 103 
GLN CA  CB   sing N N 104 
GLN CA  HA   sing N N 105 
GLN C   O    doub N N 106 
GLN C   OXT  sing N N 107 
GLN CB  CG   sing N N 108 
GLN CB  HB2  sing N N 109 
GLN CB  HB3  sing N N 110 
GLN CG  CD   sing N N 111 
GLN CG  HG2  sing N N 112 
GLN CG  HG3  sing N N 113 
GLN CD  OE1  doub N N 114 
GLN CD  NE2  sing N N 115 
GLN NE2 HE21 sing N N 116 
GLN NE2 HE22 sing N N 117 
GLN OXT HXT  sing N N 118 
GLU N   CA   sing N N 119 
GLU N   H    sing N N 120 
GLU N   H2   sing N N 121 
GLU CA  C    sing N N 122 
GLU CA  CB   sing N N 123 
GLU CA  HA   sing N N 124 
GLU C   O    doub N N 125 
GLU C   OXT  sing N N 126 
GLU CB  CG   sing N N 127 
GLU CB  HB2  sing N N 128 
GLU CB  HB3  sing N N 129 
GLU CG  CD   sing N N 130 
GLU CG  HG2  sing N N 131 
GLU CG  HG3  sing N N 132 
GLU CD  OE1  doub N N 133 
GLU CD  OE2  sing N N 134 
GLU OE2 HE2  sing N N 135 
GLU OXT HXT  sing N N 136 
GLY N   CA   sing N N 137 
GLY N   H    sing N N 138 
GLY N   H2   sing N N 139 
GLY CA  C    sing N N 140 
GLY CA  HA2  sing N N 141 
GLY CA  HA3  sing N N 142 
GLY C   O    doub N N 143 
GLY C   OXT  sing N N 144 
GLY OXT HXT  sing N N 145 
HIS N   CA   sing N N 146 
HIS N   H    sing N N 147 
HIS N   H2   sing N N 148 
HIS CA  C    sing N N 149 
HIS CA  CB   sing N N 150 
HIS CA  HA   sing N N 151 
HIS C   O    doub N N 152 
HIS C   OXT  sing N N 153 
HIS CB  CG   sing N N 154 
HIS CB  HB2  sing N N 155 
HIS CB  HB3  sing N N 156 
HIS CG  ND1  sing Y N 157 
HIS CG  CD2  doub Y N 158 
HIS ND1 CE1  doub Y N 159 
HIS ND1 HD1  sing N N 160 
HIS CD2 NE2  sing Y N 161 
HIS CD2 HD2  sing N N 162 
HIS CE1 NE2  sing Y N 163 
HIS CE1 HE1  sing N N 164 
HIS NE2 HE2  sing N N 165 
HIS OXT HXT  sing N N 166 
HOH O   H1   sing N N 167 
HOH O   H2   sing N N 168 
ILE N   CA   sing N N 169 
ILE N   H    sing N N 170 
ILE N   H2   sing N N 171 
ILE CA  C    sing N N 172 
ILE CA  CB   sing N N 173 
ILE CA  HA   sing N N 174 
ILE C   O    doub N N 175 
ILE C   OXT  sing N N 176 
ILE CB  CG1  sing N N 177 
ILE CB  CG2  sing N N 178 
ILE CB  HB   sing N N 179 
ILE CG1 CD1  sing N N 180 
ILE CG1 HG12 sing N N 181 
ILE CG1 HG13 sing N N 182 
ILE CG2 HG21 sing N N 183 
ILE CG2 HG22 sing N N 184 
ILE CG2 HG23 sing N N 185 
ILE CD1 HD11 sing N N 186 
ILE CD1 HD12 sing N N 187 
ILE CD1 HD13 sing N N 188 
ILE OXT HXT  sing N N 189 
LEU N   CA   sing N N 190 
LEU N   H    sing N N 191 
LEU N   H2   sing N N 192 
LEU CA  C    sing N N 193 
LEU CA  CB   sing N N 194 
LEU CA  HA   sing N N 195 
LEU C   O    doub N N 196 
LEU C   OXT  sing N N 197 
LEU CB  CG   sing N N 198 
LEU CB  HB2  sing N N 199 
LEU CB  HB3  sing N N 200 
LEU CG  CD1  sing N N 201 
LEU CG  CD2  sing N N 202 
LEU CG  HG   sing N N 203 
LEU CD1 HD11 sing N N 204 
LEU CD1 HD12 sing N N 205 
LEU CD1 HD13 sing N N 206 
LEU CD2 HD21 sing N N 207 
LEU CD2 HD22 sing N N 208 
LEU CD2 HD23 sing N N 209 
LEU OXT HXT  sing N N 210 
LYS N   CA   sing N N 211 
LYS N   H    sing N N 212 
LYS N   H2   sing N N 213 
LYS CA  C    sing N N 214 
LYS CA  CB   sing N N 215 
LYS CA  HA   sing N N 216 
LYS C   O    doub N N 217 
LYS C   OXT  sing N N 218 
LYS CB  CG   sing N N 219 
LYS CB  HB2  sing N N 220 
LYS CB  HB3  sing N N 221 
LYS CG  CD   sing N N 222 
LYS CG  HG2  sing N N 223 
LYS CG  HG3  sing N N 224 
LYS CD  CE   sing N N 225 
LYS CD  HD2  sing N N 226 
LYS CD  HD3  sing N N 227 
LYS CE  NZ   sing N N 228 
LYS CE  HE2  sing N N 229 
LYS CE  HE3  sing N N 230 
LYS NZ  HZ1  sing N N 231 
LYS NZ  HZ2  sing N N 232 
LYS NZ  HZ3  sing N N 233 
LYS OXT HXT  sing N N 234 
MET N   CA   sing N N 235 
MET N   H    sing N N 236 
MET N   H2   sing N N 237 
MET CA  C    sing N N 238 
MET CA  CB   sing N N 239 
MET CA  HA   sing N N 240 
MET C   O    doub N N 241 
MET C   OXT  sing N N 242 
MET CB  CG   sing N N 243 
MET CB  HB2  sing N N 244 
MET CB  HB3  sing N N 245 
MET CG  SD   sing N N 246 
MET CG  HG2  sing N N 247 
MET CG  HG3  sing N N 248 
MET SD  CE   sing N N 249 
MET CE  HE1  sing N N 250 
MET CE  HE2  sing N N 251 
MET CE  HE3  sing N N 252 
MET OXT HXT  sing N N 253 
PHE N   CA   sing N N 254 
PHE N   H    sing N N 255 
PHE N   H2   sing N N 256 
PHE CA  C    sing N N 257 
PHE CA  CB   sing N N 258 
PHE CA  HA   sing N N 259 
PHE C   O    doub N N 260 
PHE C   OXT  sing N N 261 
PHE CB  CG   sing N N 262 
PHE CB  HB2  sing N N 263 
PHE CB  HB3  sing N N 264 
PHE CG  CD1  doub Y N 265 
PHE CG  CD2  sing Y N 266 
PHE CD1 CE1  sing Y N 267 
PHE CD1 HD1  sing N N 268 
PHE CD2 CE2  doub Y N 269 
PHE CD2 HD2  sing N N 270 
PHE CE1 CZ   doub Y N 271 
PHE CE1 HE1  sing N N 272 
PHE CE2 CZ   sing Y N 273 
PHE CE2 HE2  sing N N 274 
PHE CZ  HZ   sing N N 275 
PHE OXT HXT  sing N N 276 
PRO N   CA   sing N N 277 
PRO N   CD   sing N N 278 
PRO N   H    sing N N 279 
PRO CA  C    sing N N 280 
PRO CA  CB   sing N N 281 
PRO CA  HA   sing N N 282 
PRO C   O    doub N N 283 
PRO C   OXT  sing N N 284 
PRO CB  CG   sing N N 285 
PRO CB  HB2  sing N N 286 
PRO CB  HB3  sing N N 287 
PRO CG  CD   sing N N 288 
PRO CG  HG2  sing N N 289 
PRO CG  HG3  sing N N 290 
PRO CD  HD2  sing N N 291 
PRO CD  HD3  sing N N 292 
PRO OXT HXT  sing N N 293 
SER N   CA   sing N N 294 
SER N   H    sing N N 295 
SER N   H2   sing N N 296 
SER CA  C    sing N N 297 
SER CA  CB   sing N N 298 
SER CA  HA   sing N N 299 
SER C   O    doub N N 300 
SER C   OXT  sing N N 301 
SER CB  OG   sing N N 302 
SER CB  HB2  sing N N 303 
SER CB  HB3  sing N N 304 
SER OG  HG   sing N N 305 
SER OXT HXT  sing N N 306 
THR N   CA   sing N N 307 
THR N   H    sing N N 308 
THR N   H2   sing N N 309 
THR CA  C    sing N N 310 
THR CA  CB   sing N N 311 
THR CA  HA   sing N N 312 
THR C   O    doub N N 313 
THR C   OXT  sing N N 314 
THR CB  OG1  sing N N 315 
THR CB  CG2  sing N N 316 
THR CB  HB   sing N N 317 
THR OG1 HG1  sing N N 318 
THR CG2 HG21 sing N N 319 
THR CG2 HG22 sing N N 320 
THR CG2 HG23 sing N N 321 
THR OXT HXT  sing N N 322 
TRP N   CA   sing N N 323 
TRP N   H    sing N N 324 
TRP N   H2   sing N N 325 
TRP CA  C    sing N N 326 
TRP CA  CB   sing N N 327 
TRP CA  HA   sing N N 328 
TRP C   O    doub N N 329 
TRP C   OXT  sing N N 330 
TRP CB  CG   sing N N 331 
TRP CB  HB2  sing N N 332 
TRP CB  HB3  sing N N 333 
TRP CG  CD1  doub Y N 334 
TRP CG  CD2  sing Y N 335 
TRP CD1 NE1  sing Y N 336 
TRP CD1 HD1  sing N N 337 
TRP CD2 CE2  doub Y N 338 
TRP CD2 CE3  sing Y N 339 
TRP NE1 CE2  sing Y N 340 
TRP NE1 HE1  sing N N 341 
TRP CE2 CZ2  sing Y N 342 
TRP CE3 CZ3  doub Y N 343 
TRP CE3 HE3  sing N N 344 
TRP CZ2 CH2  doub Y N 345 
TRP CZ2 HZ2  sing N N 346 
TRP CZ3 CH2  sing Y N 347 
TRP CZ3 HZ3  sing N N 348 
TRP CH2 HH2  sing N N 349 
TRP OXT HXT  sing N N 350 
TYR N   CA   sing N N 351 
TYR N   H    sing N N 352 
TYR N   H2   sing N N 353 
TYR CA  C    sing N N 354 
TYR CA  CB   sing N N 355 
TYR CA  HA   sing N N 356 
TYR C   O    doub N N 357 
TYR C   OXT  sing N N 358 
TYR CB  CG   sing N N 359 
TYR CB  HB2  sing N N 360 
TYR CB  HB3  sing N N 361 
TYR CG  CD1  doub Y N 362 
TYR CG  CD2  sing Y N 363 
TYR CD1 CE1  sing Y N 364 
TYR CD1 HD1  sing N N 365 
TYR CD2 CE2  doub Y N 366 
TYR CD2 HD2  sing N N 367 
TYR CE1 CZ   doub Y N 368 
TYR CE1 HE1  sing N N 369 
TYR CE2 CZ   sing Y N 370 
TYR CE2 HE2  sing N N 371 
TYR CZ  OH   sing N N 372 
TYR OH  HH   sing N N 373 
TYR OXT HXT  sing N N 374 
VAL N   CA   sing N N 375 
VAL N   H    sing N N 376 
VAL N   H2   sing N N 377 
VAL CA  C    sing N N 378 
VAL CA  CB   sing N N 379 
VAL CA  HA   sing N N 380 
VAL C   O    doub N N 381 
VAL C   OXT  sing N N 382 
VAL CB  CG1  sing N N 383 
VAL CB  CG2  sing N N 384 
VAL CB  HB   sing N N 385 
VAL CG1 HG11 sing N N 386 
VAL CG1 HG12 sing N N 387 
VAL CG1 HG13 sing N N 388 
VAL CG2 HG21 sing N N 389 
VAL CG2 HG22 sing N N 390 
VAL CG2 HG23 sing N N 391 
VAL OXT HXT  sing N N 392 
# 
_atom_sites.entry_id                    1HPG 
_atom_sites.fract_transf_matrix[1][1]   0.00174701 
_atom_sites.fract_transf_matrix[1][2]   -0.01233807 
_atom_sites.fract_transf_matrix[1][3]   0.00442185 
_atom_sites.fract_transf_matrix[2][1]   0.02303998 
_atom_sites.fract_transf_matrix[2][2]   0.00788444 
_atom_sites.fract_transf_matrix[2][3]   0.01289682 
_atom_sites.fract_transf_matrix[3][1]   -0.00985550 
_atom_sites.fract_transf_matrix[3][2]   0.00044579 
_atom_sites.fract_transf_matrix[3][3]   0.01733417 
_atom_sites.fract_transf_vector[1]      0.337553 
_atom_sites.fract_transf_vector[2]      0.015831 
_atom_sites.fract_transf_vector[3]      0.232351 
# 
loop_
_atom_sites_footnote.id 
_atom_sites_footnote.text 
1 'SER A    79  - GLY A    80               OMEGA = 320.79 PEPTIDE BOND DEVIATES SIGNIFICANTLY FROM TRANS CONFORMATION' 
2 'CIS PROLINE - PRO A    99'                                                                                           
# 
loop_
_atom_type.symbol 
C 
N 
O 
S 
# 
loop_
_atom_site.group_PDB 
_atom_site.id 
_atom_site.type_symbol 
_atom_site.label_atom_id 
_atom_site.label_alt_id 
_atom_site.label_comp_id 
_atom_site.label_asym_id 
_atom_site.label_entity_id 
_atom_site.label_seq_id 
_atom_site.pdbx_PDB_ins_code 
_atom_site.Cartn_x 
_atom_site.Cartn_y 
_atom_site.Cartn_z 
_atom_site.occupancy 
_atom_site.B_iso_or_equiv 
_atom_site.pdbx_formal_charge 
_atom_site.auth_seq_id 
_atom_site.auth_comp_id 
_atom_site.auth_asym_id 
_atom_site.auth_atom_id 
_atom_site.pdbx_PDB_model_num 
ATOM   1    N N   . VAL A 1 1   ? -7.944  10.209  -0.340  1.00 6.12  ? 16  VAL A N   1 
ATOM   2    C CA  . VAL A 1 1   ? -7.660  9.252   -1.416  1.00 5.55  ? 16  VAL A CA  1 
ATOM   3    C C   . VAL A 1 1   ? -8.201  7.984   -0.801  1.00 5.60  ? 16  VAL A C   1 
ATOM   4    O O   . VAL A 1 1   ? -8.319  7.885   0.429   1.00 7.77  ? 16  VAL A O   1 
ATOM   5    C CB  A VAL A 1 1   ? -6.099  9.219   -1.678  0.50 5.50  ? 16  VAL A CB  1 
ATOM   6    C CB  B VAL A 1 1   ? -6.144  9.092   -1.741  0.50 5.57  ? 16  VAL A CB  1 
ATOM   7    C CG1 A VAL A 1 1   ? -5.307  8.619   -0.545  0.50 5.85  ? 16  VAL A CG1 1 
ATOM   8    C CG1 B VAL A 1 1   ? -5.808  10.313  -2.539  0.50 4.91  ? 16  VAL A CG1 1 
ATOM   9    C CG2 A VAL A 1 1   ? -5.845  8.356   -2.922  0.50 4.27  ? 16  VAL A CG2 1 
ATOM   10   C CG2 B VAL A 1 1   ? -5.200  9.037   -0.549  0.50 5.37  ? 16  VAL A CG2 1 
ATOM   11   N N   . LEU A 1 2   ? -8.668  7.077   -1.609  1.00 5.32  ? 17  LEU A N   1 
ATOM   12   C CA  . LEU A 1 2   ? -9.145  5.817   -1.108  1.00 5.24  ? 17  LEU A CA  1 
ATOM   13   C C   . LEU A 1 2   ? -7.970  4.886   -1.220  1.00 5.86  ? 17  LEU A C   1 
ATOM   14   O O   . LEU A 1 2   ? -6.962  5.147   -1.917  1.00 3.79  ? 17  LEU A O   1 
ATOM   15   C CB  . LEU A 1 2   ? -10.308 5.321   -1.949  1.00 6.16  ? 17  LEU A CB  1 
ATOM   16   C CG  . LEU A 1 2   ? -11.582 6.147   -1.948  1.00 8.01  ? 17  LEU A CG  1 
ATOM   17   C CD1 . LEU A 1 2   ? -12.598 5.410   -2.768  1.00 9.95  ? 17  LEU A CD1 1 
ATOM   18   C CD2 . LEU A 1 2   ? -12.096 6.375   -0.522  1.00 9.11  ? 17  LEU A CD2 1 
ATOM   19   N N   . GLY A 1 3   ? -8.098  3.790   -0.496  1.00 5.68  ? 18  GLY A N   1 
ATOM   20   C CA  . GLY A 1 3   ? -7.066  2.773   -0.574  1.00 5.12  ? 18  GLY A CA  1 
ATOM   21   C C   . GLY A 1 3   ? -6.922  2.298   -2.022  1.00 3.40  ? 18  GLY A C   1 
ATOM   22   O O   . GLY A 1 3   ? -7.941  2.217   -2.705  1.00 4.51  ? 18  GLY A O   1 
ATOM   23   N N   . GLY A 1 4   ? -5.713  2.071   -2.512  1.00 2.93  ? 19  GLY A N   1 
ATOM   24   C CA  . GLY A 1 4   ? -5.492  1.659   -3.885  1.00 4.30  ? 19  GLY A CA  1 
ATOM   25   C C   . GLY A 1 4   ? -5.433  2.874   -4.808  1.00 4.64  ? 19  GLY A C   1 
ATOM   26   O O   . GLY A 1 4   ? -5.065  2.718   -5.981  1.00 5.59  ? 19  GLY A O   1 
ATOM   27   N N   . GLY A 1 5   ? -5.748  4.079   -4.334  1.00 5.08  ? 29  GLY A N   1 
ATOM   28   C CA  . GLY A 1 5   ? -5.755  5.284   -5.137  1.00 4.68  ? 29  GLY A CA  1 
ATOM   29   C C   . GLY A 1 5   ? -4.384  5.889   -5.358  1.00 4.70  ? 29  GLY A C   1 
ATOM   30   O O   . GLY A 1 5   ? -3.459  5.701   -4.561  1.00 3.41  ? 29  GLY A O   1 
ATOM   31   N N   . ALA A 1 6   ? -4.233  6.638   -6.466  1.00 4.39  ? 30  ALA A N   1 
ATOM   32   C CA  . ALA A 1 6   ? -2.964  7.275   -6.769  1.00 5.09  ? 30  ALA A CA  1 
ATOM   33   C C   . ALA A 1 6   ? -2.533  8.395   -5.846  1.00 4.57  ? 30  ALA A C   1 
ATOM   34   O O   . ALA A 1 6   ? -3.376  9.177   -5.409  1.00 3.70  ? 30  ALA A O   1 
ATOM   35   C CB  . ALA A 1 6   ? -2.992  7.854   -8.168  1.00 6.23  ? 30  ALA A CB  1 
ATOM   36   N N   . ILE A 1 7   ? -1.259  8.496   -5.522  1.00 3.18  ? 31  ILE A N   1 
ATOM   37   C CA  . ILE A 1 7   ? -0.749  9.621   -4.753  1.00 3.22  ? 31  ILE A CA  1 
ATOM   38   C C   . ILE A 1 7   ? 0.524   10.045  -5.507  1.00 4.70  ? 31  ILE A C   1 
ATOM   39   O O   . ILE A 1 7   ? 1.192   9.230   -6.189  1.00 3.05  ? 31  ILE A O   1 
ATOM   40   C CB  . ILE A 1 7   ? -0.418  9.242   -3.268  1.00 2.87  ? 31  ILE A CB  1 
ATOM   41   C CG1 . ILE A 1 7   ? 0.575   8.069   -3.180  1.00 3.70  ? 31  ILE A CG1 1 
ATOM   42   C CG2 . ILE A 1 7   ? -1.770  8.998   -2.554  1.00 2.00  ? 31  ILE A CG2 1 
ATOM   43   C CD1 . ILE A 1 7   ? 0.992   7.719   -1.733  1.00 4.04  ? 31  ILE A CD1 1 
ATOM   44   N N   . TYR A 1 8   ? 0.883   11.324  -5.419  1.00 2.53  ? 32  TYR A N   1 
ATOM   45   C CA  . TYR A 1 8   ? 2.012   11.879  -6.173  1.00 5.02  ? 32  TYR A CA  1 
ATOM   46   C C   . TYR A 1 8   ? 2.928   12.688  -5.290  1.00 6.35  ? 32  TYR A C   1 
ATOM   47   O O   . TYR A 1 8   ? 2.443   13.461  -4.451  1.00 7.49  ? 32  TYR A O   1 
ATOM   48   C CB  . TYR A 1 8   ? 1.499   12.780  -7.300  1.00 5.88  ? 32  TYR A CB  1 
ATOM   49   C CG  . TYR A 1 8   ? 0.639   12.054  -8.342  1.00 6.13  ? 32  TYR A CG  1 
ATOM   50   C CD1 . TYR A 1 8   ? -0.694  11.827  -8.053  1.00 4.98  ? 32  TYR A CD1 1 
ATOM   51   C CD2 . TYR A 1 8   ? 1.177   11.686  -9.566  1.00 5.57  ? 32  TYR A CD2 1 
ATOM   52   C CE1 . TYR A 1 8   ? -1.499  11.236  -8.980  1.00 5.90  ? 32  TYR A CE1 1 
ATOM   53   C CE2 . TYR A 1 8   ? 0.373   11.087  -10.500 1.00 6.13  ? 32  TYR A CE2 1 
ATOM   54   C CZ  . TYR A 1 8   ? -0.959  10.881  -10.196 1.00 6.40  ? 32  TYR A CZ  1 
ATOM   55   O OH  . TYR A 1 8   ? -1.829  10.308  -11.094 1.00 9.72  ? 32  TYR A OH  1 
ATOM   56   N N   . GLY A 1 9   ? 4.233   12.490  -5.377  1.00 3.74  ? 33  GLY A N   1 
ATOM   57   C CA  . GLY A 1 9   ? 5.201   13.223  -4.587  1.00 6.82  ? 33  GLY A CA  1 
ATOM   58   C C   . GLY A 1 9   ? 6.539   13.045  -5.269  1.00 8.79  ? 33  GLY A C   1 
ATOM   59   O O   . GLY A 1 9   ? 6.788   12.006  -5.895  1.00 9.20  ? 33  GLY A O   1 
ATOM   60   N N   . GLY A 1 10  ? 7.401   14.058  -5.194  1.00 10.03 ? 34  GLY A N   1 
ATOM   61   C CA  . GLY A 1 10  ? 8.720   14.001  -5.831  1.00 12.44 ? 34  GLY A CA  1 
ATOM   62   C C   . GLY A 1 10  ? 8.642   13.813  -7.355  1.00 14.19 ? 34  GLY A C   1 
ATOM   63   O O   . GLY A 1 10  ? 9.614   13.471  -8.036  1.00 15.53 ? 34  GLY A O   1 
ATOM   64   N N   . GLY A 1 11  ? 7.499   14.137  -7.962  1.00 13.22 ? 39  GLY A N   1 
ATOM   65   C CA  . GLY A 1 11  ? 7.286   13.923  -9.370  1.00 13.36 ? 39  GLY A CA  1 
ATOM   66   C C   . GLY A 1 11  ? 7.064   12.460  -9.727  1.00 12.73 ? 39  GLY A C   1 
ATOM   67   O O   . GLY A 1 11  ? 7.191   12.137  -10.906 1.00 13.22 ? 39  GLY A O   1 
ATOM   68   N N   . SER A 1 12  ? 6.741   11.599  -8.777  1.00 11.68 ? 40  SER A N   1 
ATOM   69   C CA  . SER A 1 12  ? 6.455   10.200  -9.001  1.00 11.41 ? 40  SER A CA  1 
ATOM   70   C C   . SER A 1 12  ? 5.046   9.877   -8.537  1.00 10.11 ? 40  SER A C   1 
ATOM   71   O O   . SER A 1 12  ? 4.495   10.545  -7.658  1.00 11.80 ? 40  SER A O   1 
ATOM   72   C CB  . SER A 1 12  ? 7.406   9.326   -8.217  1.00 12.93 ? 40  SER A CB  1 
ATOM   73   O OG  . SER A 1 12  ? 8.769   9.718   -8.344  1.00 17.75 ? 40  SER A OG  1 
ATOM   74   N N   . ARG A 1 13  ? 4.491   8.814   -9.123  1.00 8.30  ? 41  ARG A N   1 
ATOM   75   C CA  . ARG A 1 13  ? 3.213   8.284   -8.729  1.00 6.98  ? 41  ARG A CA  1 
ATOM   76   C C   . ARG A 1 13  ? 3.376   7.031   -7.878  1.00 6.09  ? 41  ARG A C   1 
ATOM   77   O O   . ARG A 1 13  ? 4.096   6.115   -8.243  1.00 8.37  ? 41  ARG A O   1 
ATOM   78   C CB  . ARG A 1 13  ? 2.377   7.899   -9.936  1.00 8.02  ? 41  ARG A CB  1 
ATOM   79   C CG  . ARG A 1 13  ? 1.062   7.264   -9.484  1.00 9.10  ? 41  ARG A CG  1 
ATOM   80   C CD  . ARG A 1 13  ? 0.003   7.342   -10.529 1.00 9.74  ? 41  ARG A CD  1 
ATOM   81   N NE  . ARG A 1 13  ? 0.437   6.824   -11.804 1.00 12.07 ? 41  ARG A NE  1 
ATOM   82   C CZ  . ARG A 1 13  ? 0.461   5.512   -12.089 1.00 11.04 ? 41  ARG A CZ  1 
ATOM   83   N NH1 . ARG A 1 13  ? 0.085   4.571   -11.215 1.00 13.72 ? 41  ARG A NH1 1 
ATOM   84   N NH2 . ARG A 1 13  ? 0.920   5.138   -13.271 1.00 13.45 ? 41  ARG A NH2 1 
ATOM   85   N N   . CYS A 1 14  ? 2.718   6.993   -6.733  1.00 5.05  ? 42  CYS A N   1 
ATOM   86   C CA  . CYS A 1 14  ? 2.594   5.759   -5.969  1.00 4.25  ? 42  CYS A CA  1 
ATOM   87   C C   . CYS A 1 14  ? 1.108   5.523   -5.718  1.00 4.80  ? 42  CYS A C   1 
ATOM   88   O O   . CYS A 1 14  ? 0.248   6.180   -6.314  1.00 3.30  ? 42  CYS A O   1 
ATOM   89   C CB  . CYS A 1 14  ? 3.363   5.882   -4.651  1.00 5.19  ? 42  CYS A CB  1 
ATOM   90   S SG  . CYS A 1 14  ? 5.148   5.633   -4.844  1.00 5.81  ? 42  CYS A SG  1 
ATOM   91   N N   . SER A 1 15  ? 0.721   4.633   -4.790  1.00 3.38  ? 43  SER A N   1 
ATOM   92   C CA  . SER A 1 15  ? -0.666  4.354   -4.439  1.00 2.30  ? 43  SER A CA  1 
ATOM   93   C C   . SER A 1 15  ? -0.741  4.331   -2.919  1.00 2.37  ? 43  SER A C   1 
ATOM   94   O O   . SER A 1 15  ? 0.275   4.110   -2.246  1.00 2.00  ? 43  SER A O   1 
ATOM   95   C CB  . SER A 1 15  ? -1.129  2.991   -4.922  1.00 2.90  ? 43  SER A CB  1 
ATOM   96   O OG  . SER A 1 15  ? -0.937  2.810   -6.325  1.00 4.26  ? 43  SER A OG  1 
ATOM   97   N N   . ALA A 1 16  ? -1.906  4.697   -2.374  1.00 2.00  ? 44  ALA A N   1 
ATOM   98   C CA  . ALA A 1 16  ? -2.147  4.597   -0.932  1.00 2.00  ? 44  ALA A CA  1 
ATOM   99   C C   . ALA A 1 16  ? -2.657  3.180   -0.617  1.00 2.00  ? 44  ALA A C   1 
ATOM   100  O O   . ALA A 1 16  ? -3.249  2.549   -1.500  1.00 3.63  ? 44  ALA A O   1 
ATOM   101  C CB  . ALA A 1 16  ? -3.202  5.596   -0.531  1.00 3.88  ? 44  ALA A CB  1 
ATOM   102  N N   . ALA A 1 17  ? -2.416  2.682   0.598   1.00 2.00  ? 45  ALA A N   1 
ATOM   103  C CA  . ALA A 1 17  ? -2.906  1.378   1.026   1.00 2.00  ? 45  ALA A CA  1 
ATOM   104  C C   . ALA A 1 17  ? -4.223  1.523   1.749   1.00 2.00  ? 45  ALA A C   1 
ATOM   105  O O   . ALA A 1 17  ? -5.251  1.108   1.208   1.00 2.84  ? 45  ALA A O   1 
ATOM   106  C CB  . ALA A 1 17  ? -1.904  0.688   1.953   1.00 2.70  ? 45  ALA A CB  1 
ATOM   107  N N   . PHE A 1 18  ? -4.239  2.139   2.931   1.00 2.00  ? 46  PHE A N   1 
ATOM   108  C CA  . PHE A 1 18  ? -5.445  2.192   3.735   1.00 2.05  ? 46  PHE A CA  1 
ATOM   109  C C   . PHE A 1 18  ? -5.445  3.522   4.486   1.00 2.00  ? 46  PHE A C   1 
ATOM   110  O O   . PHE A 1 18  ? -4.389  3.989   4.895   1.00 3.54  ? 46  PHE A O   1 
ATOM   111  C CB  . PHE A 1 18  ? -5.467  1.077   4.793   1.00 2.00  ? 46  PHE A CB  1 
ATOM   112  C CG  . PHE A 1 18  ? -5.301  -0.330  4.213   1.00 2.03  ? 46  PHE A CG  1 
ATOM   113  C CD1 . PHE A 1 18  ? -6.383  -0.955  3.610   1.00 3.68  ? 46  PHE A CD1 1 
ATOM   114  C CD2 . PHE A 1 18  ? -4.043  -0.946  4.238   1.00 2.00  ? 46  PHE A CD2 1 
ATOM   115  C CE1 . PHE A 1 18  ? -6.193  -2.214  3.032   1.00 5.50  ? 46  PHE A CE1 1 
ATOM   116  C CE2 . PHE A 1 18  ? -3.884  -2.203  3.651   1.00 3.02  ? 46  PHE A CE2 1 
ATOM   117  C CZ  . PHE A 1 18  ? -4.953  -2.827  3.052   1.00 3.52  ? 46  PHE A CZ  1 
ATOM   118  N N   . ASN A 1 19  ? -6.652  4.080   4.659   1.00 2.05  ? 47  ASN A N   1 
ATOM   119  C CA  . ASN A 1 19  ? -6.870  5.191   5.560   1.00 2.00  ? 47  ASN A CA  1 
ATOM   120  C C   . ASN A 1 19  ? -6.868  4.655   6.994   1.00 2.68  ? 47  ASN A C   1 
ATOM   121  O O   . ASN A 1 19  ? -7.507  3.636   7.291   1.00 4.17  ? 47  ASN A O   1 
ATOM   122  C CB  . ASN A 1 19  ? -8.216  5.826   5.215   1.00 3.97  ? 47  ASN A CB  1 
ATOM   123  C CG  . ASN A 1 19  ? -8.092  6.631   3.917   1.00 2.00  ? 47  ASN A CG  1 
ATOM   124  O OD1 . ASN A 1 19  ? -7.130  7.362   3.754   1.00 3.55  ? 47  ASN A OD1 1 
ATOM   125  N ND2 . ASN A 1 19  ? -8.969  6.522   2.946   1.00 3.10  ? 47  ASN A ND2 1 
ATOM   126  N N   . VAL A 1 20  ? -6.174  5.317   7.895   1.00 2.00  ? 48  VAL A N   1 
ATOM   127  C CA  . VAL A 1 20  ? -5.988  4.853   9.279   1.00 2.57  ? 48  VAL A CA  1 
ATOM   128  C C   . VAL A 1 20  ? -6.222  6.032   10.209  1.00 3.86  ? 48  VAL A C   1 
ATOM   129  O O   . VAL A 1 20  ? -6.306  7.175   9.737   1.00 2.39  ? 48  VAL A O   1 
ATOM   130  C CB  . VAL A 1 20  ? -4.549  4.274   9.536   1.00 2.00  ? 48  VAL A CB  1 
ATOM   131  C CG1 . VAL A 1 20  ? -4.405  2.977   8.704   1.00 2.52  ? 48  VAL A CG1 1 
ATOM   132  C CG2 . VAL A 1 20  ? -3.442  5.267   9.192   1.00 4.18  ? 48  VAL A CG2 1 
ATOM   133  N N   . THR A 1 21  A -6.332  5.802   11.520  1.00 4.55  ? 48  THR A N   1 
ATOM   134  C CA  . THR A 1 21  A -6.662  6.851   12.487  1.00 4.82  ? 48  THR A CA  1 
ATOM   135  C C   . THR A 1 21  A -5.998  6.572   13.824  1.00 3.89  ? 48  THR A C   1 
ATOM   136  O O   . THR A 1 21  A -5.633  5.438   14.194  1.00 5.11  ? 48  THR A O   1 
ATOM   137  C CB  . THR A 1 21  A -8.220  6.909   12.598  1.00 4.97  ? 48  THR A CB  1 
ATOM   138  O OG1 . THR A 1 21  A -8.567  8.056   13.378  1.00 6.74  ? 48  THR A OG1 1 
ATOM   139  C CG2 . THR A 1 21  A -8.824  5.670   13.257  1.00 3.60  ? 48  THR A CG2 1 
ATOM   140  N N   . LYS A 1 22  B -5.710  7.682   14.485  1.00 3.89  ? 48  LYS A N   1 
ATOM   141  C CA  . LYS A 1 22  B -5.340  7.715   15.904  1.00 3.74  ? 48  LYS A CA  1 
ATOM   142  C C   . LYS A 1 22  B -5.678  9.101   16.424  1.00 4.41  ? 48  LYS A C   1 
ATOM   143  O O   . LYS A 1 22  B -5.682  10.084  15.675  1.00 4.47  ? 48  LYS A O   1 
ATOM   144  C CB  . LYS A 1 22  B -3.864  7.486   16.163  1.00 4.81  ? 48  LYS A CB  1 
ATOM   145  C CG  . LYS A 1 22  B -2.850  8.436   15.560  1.00 5.97  ? 48  LYS A CG  1 
ATOM   146  C CD  . LYS A 1 22  B -1.473  8.063   16.059  1.00 5.64  ? 48  LYS A CD  1 
ATOM   147  C CE  . LYS A 1 22  B -0.505  8.617   15.040  1.00 6.31  ? 48  LYS A CE  1 
ATOM   148  N NZ  . LYS A 1 22  B 0.877   8.308   15.373  1.00 3.79  ? 48  LYS A NZ  1 
ATOM   149  N N   . GLY A 1 23  C -6.079  9.209   17.688  1.00 4.33  ? 48  GLY A N   1 
ATOM   150  C CA  . GLY A 1 23  C -6.382  10.513  18.300  1.00 3.98  ? 48  GLY A CA  1 
ATOM   151  C C   . GLY A 1 23  C -7.439  11.335  17.584  1.00 4.36  ? 48  GLY A C   1 
ATOM   152  O O   . GLY A 1 23  C -7.409  12.562  17.649  1.00 3.65  ? 48  GLY A O   1 
ATOM   153  N N   . GLY A 1 24  D -8.351  10.666  16.879  1.00 4.12  ? 48  GLY A N   1 
ATOM   154  C CA  . GLY A 1 24  D -9.371  11.347  16.125  1.00 5.71  ? 48  GLY A CA  1 
ATOM   155  C C   . GLY A 1 24  D -8.847  11.987  14.844  1.00 6.64  ? 48  GLY A C   1 
ATOM   156  O O   . GLY A 1 24  D -9.640  12.693  14.228  1.00 9.11  ? 48  GLY A O   1 
ATOM   157  N N   . ALA A 1 25  ? -7.574  11.796  14.444  1.00 5.87  ? 49  ALA A N   1 
ATOM   158  C CA  . ALA A 1 25  ? -7.023  12.357  13.215  1.00 5.11  ? 49  ALA A CA  1 
ATOM   159  C C   . ALA A 1 25  ? -6.912  11.280  12.139  1.00 5.15  ? 49  ALA A C   1 
ATOM   160  O O   . ALA A 1 25  ? -6.867  10.080  12.468  1.00 2.46  ? 49  ALA A O   1 
ATOM   161  C CB  . ALA A 1 25  ? -5.642  12.910  13.483  1.00 6.53  ? 49  ALA A CB  1 
ATOM   162  N N   . ARG A 1 26  ? -6.845  11.664  10.861  1.00 4.31  ? 50  ARG A N   1 
ATOM   163  C CA  . ARG A 1 26  ? -6.849  10.715  9.726   1.00 4.84  ? 50  ARG A CA  1 
ATOM   164  C C   . ARG A 1 26  ? -5.504  10.688  9.064   1.00 3.70  ? 50  ARG A C   1 
ATOM   165  O O   . ARG A 1 26  ? -4.838  11.713  8.908   1.00 2.28  ? 50  ARG A O   1 
ATOM   166  C CB  . ARG A 1 26  ? -7.915  11.025  8.700   1.00 7.57  ? 50  ARG A CB  1 
ATOM   167  C CG  . ARG A 1 26  ? -9.364  11.121  9.205   1.00 9.51  ? 50  ARG A CG  1 
ATOM   168  C CD  . ARG A 1 26  ? -9.763  9.921   10.096  1.00 11.51 ? 50  ARG A CD  1 
ATOM   169  N NE  . ARG A 1 26  ? -11.219 9.708   10.093  1.00 13.43 ? 50  ARG A NE  1 
ATOM   170  C CZ  . ARG A 1 26  ? -11.884 8.829   10.879  1.00 16.60 ? 50  ARG A CZ  1 
ATOM   171  N NH1 . ARG A 1 26  ? -11.270 8.060   11.798  1.00 16.51 ? 50  ARG A NH1 1 
ATOM   172  N NH2 . ARG A 1 26  ? -13.226 8.719   10.755  1.00 15.09 ? 50  ARG A NH2 1 
ATOM   173  N N   . TYR A 1 27  ? -5.040  9.500   8.664   1.00 3.07  ? 51  TYR A N   1 
ATOM   174  C CA  . TYR A 1 27  ? -3.726  9.344   8.032   1.00 4.03  ? 51  TYR A CA  1 
ATOM   175  C C   . TYR A 1 27  ? -3.888  8.305   6.939   1.00 3.30  ? 51  TYR A C   1 
ATOM   176  O O   . TYR A 1 27  ? -4.917  7.626   6.896   1.00 2.00  ? 51  TYR A O   1 
ATOM   177  C CB  . TYR A 1 27  ? -2.676  8.784   8.992   1.00 3.85  ? 51  TYR A CB  1 
ATOM   178  C CG  . TYR A 1 27  ? -2.462  9.513   10.312  1.00 2.91  ? 51  TYR A CG  1 
ATOM   179  C CD1 . TYR A 1 27  ? -3.459  9.469   11.265  1.00 2.58  ? 51  TYR A CD1 1 
ATOM   180  C CD2 . TYR A 1 27  ? -1.307  10.235  10.522  1.00 2.30  ? 51  TYR A CD2 1 
ATOM   181  C CE1 . TYR A 1 27  ? -3.285  10.116  12.465  1.00 4.62  ? 51  TYR A CE1 1 
ATOM   182  C CE2 . TYR A 1 27  ? -1.116  10.894  11.729  1.00 4.37  ? 51  TYR A CE2 1 
ATOM   183  C CZ  . TYR A 1 27  ? -2.136  10.848  12.670  1.00 4.04  ? 51  TYR A CZ  1 
ATOM   184  O OH  . TYR A 1 27  ? -2.020  11.475  13.882  1.00 6.43  ? 51  TYR A OH  1 
ATOM   185  N N   . PHE A 1 28  ? -2.967  8.136   6.009   1.00 2.86  ? 52  PHE A N   1 
ATOM   186  C CA  . PHE A 1 28  ? -3.002  6.946   5.165   1.00 3.66  ? 52  PHE A CA  1 
ATOM   187  C C   . PHE A 1 28  ? -1.596  6.344   5.217   1.00 3.16  ? 52  PHE A C   1 
ATOM   188  O O   . PHE A 1 28  ? -0.580  7.027   5.446   1.00 2.44  ? 52  PHE A O   1 
ATOM   189  C CB  . PHE A 1 28  ? -3.383  7.248   3.695   1.00 3.54  ? 52  PHE A CB  1 
ATOM   190  C CG  . PHE A 1 28  ? -2.512  8.130   2.821   1.00 5.29  ? 52  PHE A CG  1 
ATOM   191  C CD1 . PHE A 1 28  ? -1.382  7.607   2.218   1.00 5.47  ? 52  PHE A CD1 1 
ATOM   192  C CD2 . PHE A 1 28  ? -2.861  9.465   2.621   1.00 5.38  ? 52  PHE A CD2 1 
ATOM   193  C CE1 . PHE A 1 28  ? -0.608  8.420   1.421   1.00 6.72  ? 52  PHE A CE1 1 
ATOM   194  C CE2 . PHE A 1 28  ? -2.074  10.263  1.812   1.00 5.87  ? 52  PHE A CE2 1 
ATOM   195  C CZ  . PHE A 1 28  ? -0.949  9.743   1.229   1.00 6.04  ? 52  PHE A CZ  1 
ATOM   196  N N   . VAL A 1 29  ? -1.537  5.020   5.189   1.00 2.35  ? 53  VAL A N   1 
ATOM   197  C CA  . VAL A 1 29  ? -0.253  4.319   5.133   1.00 2.00  ? 53  VAL A CA  1 
ATOM   198  C C   . VAL A 1 29  ? 0.015   3.924   3.654   1.00 2.10  ? 53  VAL A C   1 
ATOM   199  O O   . VAL A 1 29  ? -0.931  3.779   2.863   1.00 3.00  ? 53  VAL A O   1 
ATOM   200  C CB  A VAL A 1 29  ? -0.186  2.994   6.017   0.50 2.00  ? 53  VAL A CB  1 
ATOM   201  C CB  B VAL A 1 29  ? -0.326  3.063   6.080   0.50 2.49  ? 53  VAL A CB  1 
ATOM   202  C CG1 A VAL A 1 29  ? -0.024  3.416   7.485   0.50 2.00  ? 53  VAL A CG1 1 
ATOM   203  C CG1 B VAL A 1 29  ? 1.021   2.389   6.113   0.50 5.89  ? 53  VAL A CG1 1 
ATOM   204  C CG2 A VAL A 1 29  ? -1.391  2.090   5.806   0.50 2.00  ? 53  VAL A CG2 1 
ATOM   205  C CG2 B VAL A 1 29  ? -0.565  3.448   7.543   0.50 3.80  ? 53  VAL A CG2 1 
ATOM   206  N N   . THR A 1 30  ? 1.283   3.784   3.274   1.00 2.00  ? 54  THR A N   1 
ATOM   207  C CA  . THR A 1 30  ? 1.730   3.496   1.905   1.00 2.00  ? 54  THR A CA  1 
ATOM   208  C C   . THR A 1 30  ? 3.112   2.848   2.054   1.00 2.21  ? 54  THR A C   1 
ATOM   209  O O   . THR A 1 30  ? 3.573   2.515   3.155   1.00 2.00  ? 54  THR A O   1 
ATOM   210  C CB  . THR A 1 30  ? 1.769   4.849   1.088   1.00 2.57  ? 54  THR A CB  1 
ATOM   211  O OG1 . THR A 1 30  ? 2.115   4.519   -0.277  1.00 2.02  ? 54  THR A OG1 1 
ATOM   212  C CG2 . THR A 1 30  ? 2.762   5.853   1.655   1.00 3.63  ? 54  THR A CG2 1 
ATOM   213  N N   . ALA A 1 31  ? 3.797   2.621   0.924   1.00 2.00  ? 55  ALA A N   1 
ATOM   214  C CA  . ALA A 1 31  ? 5.115   2.024   0.934   1.00 4.51  ? 55  ALA A CA  1 
ATOM   215  C C   . ALA A 1 31  ? 6.205   2.998   1.396   1.00 4.13  ? 55  ALA A C   1 
ATOM   216  O O   . ALA A 1 31  ? 6.241   4.162   0.988   1.00 2.76  ? 55  ALA A O   1 
ATOM   217  C CB  . ALA A 1 31  ? 5.484   1.526   -0.460  1.00 3.66  ? 55  ALA A CB  1 
ATOM   218  N N   . GLY A 1 32  ? 7.163   2.499   2.189   1.00 2.88  ? 56  GLY A N   1 
ATOM   219  C CA  . GLY A 1 32  ? 8.320   3.263   2.652   1.00 2.30  ? 56  GLY A CA  1 
ATOM   220  C C   . GLY A 1 32  ? 9.200   3.732   1.525   1.00 2.43  ? 56  GLY A C   1 
ATOM   221  O O   . GLY A 1 32  ? 9.726   4.824   1.576   1.00 4.49  ? 56  GLY A O   1 
ATOM   222  N N   . HIS A 1 33  ? 9.348   2.959   0.447   1.00 3.90  ? 57  HIS A N   1 
ATOM   223  C CA  . HIS A 1 33  ? 10.210  3.436   -0.648  1.00 3.73  ? 57  HIS A CA  1 
ATOM   224  C C   . HIS A 1 33  ? 9.487   4.600   -1.354  1.00 4.32  ? 57  HIS A C   1 
ATOM   225  O O   . HIS A 1 33  ? 10.145  5.314   -2.088  1.00 4.00  ? 57  HIS A O   1 
ATOM   226  C CB  . HIS A 1 33  ? 10.554  2.295   -1.689  1.00 4.31  ? 57  HIS A CB  1 
ATOM   227  C CG  . HIS A 1 33  ? 9.462   1.630   -2.526  1.00 3.97  ? 57  HIS A CG  1 
ATOM   228  N ND1 . HIS A 1 33  ? 8.776   0.507   -2.294  1.00 5.84  ? 57  HIS A ND1 1 
ATOM   229  C CD2 . HIS A 1 33  ? 9.053   2.087   -3.758  1.00 3.37  ? 57  HIS A CD2 1 
ATOM   230  C CE1 . HIS A 1 33  ? 7.995   0.264   -3.316  1.00 7.30  ? 57  HIS A CE1 1 
ATOM   231  N NE2 . HIS A 1 33  ? 8.173   1.220   -4.177  1.00 2.84  ? 57  HIS A NE2 1 
ATOM   232  N N   . CYS A 1 34  ? 8.156   4.765   -1.192  1.00 2.54  ? 58  CYS A N   1 
ATOM   233  C CA  . CYS A 1 34  ? 7.466   5.932   -1.691  1.00 4.23  ? 58  CYS A CA  1 
ATOM   234  C C   . CYS A 1 34  ? 7.655   7.086   -0.695  1.00 3.52  ? 58  CYS A C   1 
ATOM   235  O O   . CYS A 1 34  ? 8.161   8.132   -1.115  1.00 4.36  ? 58  CYS A O   1 
ATOM   236  C CB  . CYS A 1 34  ? 5.991   5.621   -1.876  1.00 2.31  ? 58  CYS A CB  1 
ATOM   237  S SG  . CYS A 1 34  ? 5.717   4.491   -3.263  1.00 6.87  ? 58  CYS A SG  1 
ATOM   238  N N   . THR A 1 35  ? 7.368   6.985   0.611   1.00 3.01  ? 59  THR A N   1 
ATOM   239  C CA  . THR A 1 35  ? 7.521   8.147   1.501   1.00 3.82  ? 59  THR A CA  1 
ATOM   240  C C   . THR A 1 35  ? 8.966   8.556   1.653   1.00 4.48  ? 59  THR A C   1 
ATOM   241  O O   . THR A 1 35  ? 9.229   9.722   1.928   1.00 6.10  ? 59  THR A O   1 
ATOM   242  C CB  . THR A 1 35  ? 6.860   7.839   2.881   1.00 3.96  ? 59  THR A CB  1 
ATOM   243  O OG1 . THR A 1 35  ? 7.114   6.466   3.222   1.00 3.72  ? 59  THR A OG1 1 
ATOM   244  C CG2 . THR A 1 35  ? 5.353   8.076   2.852   1.00 4.34  ? 59  THR A CG2 1 
ATOM   245  N N   . ASN A 1 36  ? 9.959   7.680   1.443   1.00 3.32  ? 62  ASN A N   1 
ATOM   246  C CA  . ASN A 1 36  ? 11.348  8.140   1.392   1.00 4.58  ? 62  ASN A CA  1 
ATOM   247  C C   . ASN A 1 36  ? 11.592  9.240   0.353   1.00 4.59  ? 62  ASN A C   1 
ATOM   248  O O   . ASN A 1 36  ? 12.527  10.017  0.537   1.00 6.88  ? 62  ASN A O   1 
ATOM   249  C CB  . ASN A 1 36  ? 12.307  7.011   1.033   1.00 5.61  ? 62  ASN A CB  1 
ATOM   250  C CG  . ASN A 1 36  ? 12.621  6.077   2.182   1.00 6.59  ? 62  ASN A CG  1 
ATOM   251  O OD1 . ASN A 1 36  ? 12.152  6.232   3.305   1.00 5.28  ? 62  ASN A OD1 1 
ATOM   252  N ND2 . ASN A 1 36  ? 13.471  5.083   1.952   1.00 6.19  ? 62  ASN A ND2 1 
ATOM   253  N N   . ILE A 1 37  ? 10.815  9.349   -0.739  1.00 4.60  ? 63  ILE A N   1 
ATOM   254  C CA  . ILE A 1 37  ? 11.114  10.308  -1.819  1.00 5.46  ? 63  ILE A CA  1 
ATOM   255  C C   . ILE A 1 37  ? 10.659  11.729  -1.507  1.00 7.31  ? 63  ILE A C   1 
ATOM   256  O O   . ILE A 1 37  ? 11.312  12.681  -1.999  1.00 8.16  ? 63  ILE A O   1 
ATOM   257  C CB  A ILE A 1 37  ? 10.374  9.838   -3.127  0.50 4.98  ? 63  ILE A CB  1 
ATOM   258  C CB  B ILE A 1 37  ? 10.531  9.861   -3.205  0.50 6.90  ? 63  ILE A CB  1 
ATOM   259  C CG1 A ILE A 1 37  ? 10.819  8.434   -3.503  0.50 4.00  ? 63  ILE A CG1 1 
ATOM   260  C CG1 B ILE A 1 37  ? 9.032   9.921   -3.324  0.50 7.32  ? 63  ILE A CG1 1 
ATOM   261  C CG2 A ILE A 1 37  ? 10.660  10.769  -4.309  0.50 3.26  ? 63  ILE A CG2 1 
ATOM   262  C CG2 B ILE A 1 37  ? 11.037  8.439   -3.426  0.50 5.14  ? 63  ILE A CG2 1 
ATOM   263  C CD1 A ILE A 1 37  ? 9.855   7.812   -4.528  0.50 6.15  ? 63  ILE A CD1 1 
ATOM   264  C CD1 B ILE A 1 37  ? 8.568   9.527   -4.739  0.50 9.42  ? 63  ILE A CD1 1 
ATOM   265  N N   . SER A 1 38  ? 9.577   11.895  -0.727  1.00 7.17  ? 64  SER A N   1 
ATOM   266  C CA  . SER A 1 38  ? 9.002   13.221  -0.506  1.00 9.70  ? 64  SER A CA  1 
ATOM   267  C C   . SER A 1 38  ? 8.202   13.371  0.775   1.00 10.22 ? 64  SER A C   1 
ATOM   268  O O   . SER A 1 38  ? 7.492   12.472  1.217   1.00 10.08 ? 64  SER A O   1 
ATOM   269  C CB  . SER A 1 38  ? 8.080   13.578  -1.663  1.00 10.33 ? 64  SER A CB  1 
ATOM   270  O OG  . SER A 1 38  ? 7.795   14.974  -1.710  1.00 16.41 ? 64  SER A OG  1 
ATOM   271  N N   . ALA A 1 39  ? 8.267   14.603  1.287   1.00 10.55 ? 65  ALA A N   1 
ATOM   272  C CA  . ALA A 1 39  ? 7.466   14.968  2.438   1.00 10.44 ? 65  ALA A CA  1 
ATOM   273  C C   . ALA A 1 39  ? 6.056   15.379  2.065   1.00 10.95 ? 65  ALA A C   1 
ATOM   274  O O   . ALA A 1 39  ? 5.154   15.186  2.867   1.00 12.44 ? 65  ALA A O   1 
ATOM   275  C CB  . ALA A 1 39  ? 8.106   16.125  3.165   1.00 12.13 ? 65  ALA A CB  1 
ATOM   276  N N   . ASN A 1 40  A 5.780   15.906  0.877   1.00 8.94  ? 65  ASN A N   1 
ATOM   277  C CA  . ASN A 1 40  A 4.458   16.442  0.532   1.00 8.44  ? 65  ASN A CA  1 
ATOM   278  C C   . ASN A 1 40  A 3.833   15.552  -0.517  1.00 8.33  ? 65  ASN A C   1 
ATOM   279  O O   . ASN A 1 40  A 4.519   15.114  -1.454  1.00 10.63 ? 65  ASN A O   1 
ATOM   280  C CB  A ASN A 1 40  A 4.543   17.905  0.040   0.50 10.35 ? 65  ASN A CB  1 
ATOM   281  C CB  B ASN A 1 40  A 4.633   17.863  -0.040  0.50 9.70  ? 65  ASN A CB  1 
ATOM   282  C CG  A ASN A 1 40  A 5.698   18.139  -0.882  0.50 9.99  ? 65  ASN A CG  1 
ATOM   283  C CG  B ASN A 1 40  A 5.096   18.982  0.884   0.50 10.30 ? 65  ASN A CG  1 
ATOM   284  O OD1 A ASN A 1 40  A 6.846   18.198  -0.454  0.50 12.99 ? 65  ASN A OD1 1 
ATOM   285  O OD1 B ASN A 1 40  A 5.386   18.824  2.073   0.50 11.80 ? 65  ASN A OD1 1 
ATOM   286  N ND2 A ASN A 1 40  A 5.519   18.150  -2.170  0.50 12.16 ? 65  ASN A ND2 1 
ATOM   287  N ND2 B ASN A 1 40  A 5.109   20.196  0.341   0.50 10.50 ? 65  ASN A ND2 1 
ATOM   288  N N   . TRP A 1 41  ? 2.549   15.219  -0.419  1.00 5.84  ? 66  TRP A N   1 
ATOM   289  C CA  . TRP A 1 41  ? 1.879   14.288  -1.319  1.00 5.90  ? 66  TRP A CA  1 
ATOM   290  C C   . TRP A 1 41  ? 0.581   14.918  -1.777  1.00 5.68  ? 66  TRP A C   1 
ATOM   291  O O   . TRP A 1 41  ? -0.121  15.530  -0.965  1.00 5.51  ? 66  TRP A O   1 
ATOM   292  C CB  . TRP A 1 41  ? 1.585   12.931  -0.574  1.00 4.06  ? 66  TRP A CB  1 
ATOM   293  C CG  . TRP A 1 41  ? 2.886   12.171  -0.307  1.00 3.55  ? 66  TRP A CG  1 
ATOM   294  C CD1 . TRP A 1 41  ? 3.679   12.423  0.776   1.00 2.00  ? 66  TRP A CD1 1 
ATOM   295  C CD2 . TRP A 1 41  ? 3.486   11.314  -1.204  1.00 3.44  ? 66  TRP A CD2 1 
ATOM   296  N NE1 . TRP A 1 41  ? 4.799   11.758  0.564   1.00 5.00  ? 66  TRP A NE1 1 
ATOM   297  C CE2 . TRP A 1 41  ? 4.720   11.083  -0.603  1.00 3.58  ? 66  TRP A CE2 1 
ATOM   298  C CE3 . TRP A 1 41  ? 3.163   10.720  -2.413  1.00 3.43  ? 66  TRP A CE3 1 
ATOM   299  C CZ2 . TRP A 1 41  ? 5.684   10.279  -1.190  1.00 3.60  ? 66  TRP A CZ2 1 
ATOM   300  C CZ3 . TRP A 1 41  ? 4.134   9.905   -2.998  1.00 4.12  ? 66  TRP A CZ3 1 
ATOM   301  C CH2 . TRP A 1 41  ? 5.369   9.696   -2.397  1.00 4.54  ? 66  TRP A CH2 1 
ATOM   302  N N   . SER A 1 42  ? 0.243   14.733  -3.064  1.00 5.16  ? 67  SER A N   1 
ATOM   303  C CA  . SER A 1 42  ? -0.915  15.319  -3.732  1.00 6.77  ? 67  SER A CA  1 
ATOM   304  C C   . SER A 1 42  ? -1.736  14.211  -4.370  1.00 6.81  ? 67  SER A C   1 
ATOM   305  O O   . SER A 1 42  ? -1.246  13.085  -4.508  1.00 9.16  ? 67  SER A O   1 
ATOM   306  C CB  A SER A 1 42  ? -0.546  16.299  -4.855  0.50 5.53  ? 67  SER A CB  1 
ATOM   307  C CB  B SER A 1 42  ? -0.387  16.314  -4.778  0.50 7.05  ? 67  SER A CB  1 
ATOM   308  O OG  A SER A 1 42  ? 0.401   17.193  -4.302  0.50 3.03  ? 67  SER A OG  1 
ATOM   309  O OG  B SER A 1 42  ? 0.622   15.774  -5.629  0.50 8.80  ? 67  SER A OG  1 
ATOM   310  N N   . ALA A 1 43  ? -3.005  14.427  -4.717  1.00 7.83  ? 68  ALA A N   1 
ATOM   311  C CA  . ALA A 1 43  ? -3.752  13.379  -5.387  1.00 7.22  ? 68  ALA A CA  1 
ATOM   312  C C   . ALA A 1 43  ? -3.727  13.532  -6.914  1.00 8.41  ? 68  ALA A C   1 
ATOM   313  O O   . ALA A 1 43  ? -4.379  12.738  -7.594  1.00 8.73  ? 68  ALA A O   1 
ATOM   314  C CB  . ALA A 1 43  ? -5.189  13.376  -4.844  1.00 9.47  ? 68  ALA A CB  1 
ATOM   315  N N   . SER A 1 44  ? -3.007  14.476  -7.531  1.00 7.78  ? 78  SER A N   1 
ATOM   316  C CA  . SER A 1 44  ? -2.777  14.508  -8.975  1.00 7.82  ? 78  SER A CA  1 
ATOM   317  C C   . SER A 1 44  ? -1.367  15.062  -9.129  1.00 7.71  ? 78  SER A C   1 
ATOM   318  O O   . SER A 1 44  ? -0.826  15.629  -8.167  1.00 7.93  ? 78  SER A O   1 
ATOM   319  C CB  . SER A 1 44  ? -3.757  15.420  -9.698  1.00 8.79  ? 78  SER A CB  1 
ATOM   320  O OG  . SER A 1 44  ? -3.864  16.727  -9.144  1.00 10.80 ? 78  SER A OG  1 
ATOM   321  N N   A SER A 1 45  ? -0.704  14.872  -10.279 0.50 7.21  ? 79  SER A N   1 
ATOM   322  N N   B SER A 1 45  ? -0.780  14.870  -10.310 0.50 8.10  ? 79  SER A N   1 
ATOM   323  C CA  A SER A 1 45  ? 0.682   15.279  -10.492 0.50 7.76  ? 79  SER A CA  1 
ATOM   324  C CA  B SER A 1 45  ? 0.475   15.525  -10.604 0.50 9.59  ? 79  SER A CA  1 
ATOM   325  C C   A SER A 1 45  ? 1.097   16.686  -10.047 0.50 8.32  ? 79  SER A C   1 
ATOM   326  C C   B SER A 1 45  ? 0.156   17.017  -10.653 0.50 9.87  ? 79  SER A C   1 
ATOM   327  O O   A SER A 1 45  ? 2.152   16.843  -9.430  0.50 8.46  ? 79  SER A O   1 
ATOM   328  O O   B SER A 1 45  ? -0.824  17.475  -11.258 0.50 10.79 ? 79  SER A O   1 
ATOM   329  C CB  A SER A 1 45  ? 1.016   15.105  -11.976 0.50 6.09  ? 79  SER A CB  1 
ATOM   330  C CB  B SER A 1 45  ? 1.039   15.061  -11.949 0.50 9.19  ? 79  SER A CB  1 
ATOM   331  O OG  A SER A 1 45  ? 0.013   15.708  -12.784 0.50 6.83  ? 79  SER A OG  1 
ATOM   332  O OG  B SER A 1 45  ? 1.785   13.860  -11.764 0.50 13.31 ? 79  SER A OG  1 
ATOM   333  N N   A GLY A 1 46  ? 0.305   17.717  -10.359 0.50 9.55  ? 80  GLY A N   1 
ATOM   334  N N   B GLY A 1 46  ? 0.967   17.785  -9.929  0.50 9.77  ? 80  GLY A N   1 
ATOM   335  C CA  A GLY A 1 46  ? 0.641   19.066  -9.939  0.50 9.97  ? 80  GLY A CA  1 
ATOM   336  C CA  B GLY A 1 46  ? 0.751   19.216  -9.884  0.50 10.31 ? 80  GLY A CA  1 
ATOM   337  C C   . GLY A 1 46  ? -0.497  19.618  -9.104  1.00 10.41 ? 80  GLY A C   1 
ATOM   338  O O   . GLY A 1 46  ? -0.834  20.801  -9.161  1.00 9.57  ? 80  GLY A O   1 
ATOM   339  N N   . GLY A 1 47  ? -1.155  18.755  -8.329  1.00 10.90 ? 81  GLY A N   1 
ATOM   340  C CA  . GLY A 1 47  ? -2.316  19.132  -7.522  1.00 12.05 ? 81  GLY A CA  1 
ATOM   341  C C   . GLY A 1 47  ? -1.906  19.713  -6.171  1.00 12.11 ? 81  GLY A C   1 
ATOM   342  O O   . GLY A 1 47  ? -0.721  19.804  -5.836  1.00 13.67 ? 81  GLY A O   1 
ATOM   343  N N   . SER A 1 48  ? -2.881  20.130  -5.355  1.00 12.54 ? 82  SER A N   1 
ATOM   344  C CA  . SER A 1 48  ? -2.553  20.732  -4.057  1.00 11.84 ? 82  SER A CA  1 
ATOM   345  C C   . SER A 1 48  ? -2.137  19.626  -3.077  1.00 10.04 ? 82  SER A C   1 
ATOM   346  O O   . SER A 1 48  ? -2.502  18.464  -3.253  1.00 10.18 ? 82  SER A O   1 
ATOM   347  C CB  A SER A 1 48  ? -3.775  21.449  -3.506  0.50 11.80 ? 82  SER A CB  1 
ATOM   348  C CB  B SER A 1 48  ? -3.763  21.493  -3.506  0.50 12.29 ? 82  SER A CB  1 
ATOM   349  O OG  A SER A 1 48  ? -4.937  20.639  -3.694  0.50 12.77 ? 82  SER A OG  1 
ATOM   350  O OG  B SER A 1 48  ? -3.379  22.321  -2.420  0.50 14.65 ? 82  SER A OG  1 
ATOM   351  N N   . VAL A 1 49  ? -1.359  19.922  -2.051  1.00 9.64  ? 84  VAL A N   1 
ATOM   352  C CA  . VAL A 1 49  ? -0.940  18.908  -1.089  1.00 9.32  ? 84  VAL A CA  1 
ATOM   353  C C   . VAL A 1 49  ? -2.147  18.473  -0.231  1.00 9.65  ? 84  VAL A C   1 
ATOM   354  O O   . VAL A 1 49  ? -2.880  19.293  0.346   1.00 10.06 ? 84  VAL A O   1 
ATOM   355  C CB  . VAL A 1 49  ? 0.207   19.501  -0.225  1.00 8.36  ? 84  VAL A CB  1 
ATOM   356  C CG1 . VAL A 1 49  ? 0.534   18.600  0.965   1.00 6.82  ? 84  VAL A CG1 1 
ATOM   357  C CG2 . VAL A 1 49  ? 1.475   19.601  -1.069  1.00 10.50 ? 84  VAL A CG2 1 
ATOM   358  N N   . VAL A 1 50  ? -2.374  17.159  -0.188  1.00 6.80  ? 85  VAL A N   1 
ATOM   359  C CA  . VAL A 1 50  ? -3.390  16.576  0.669   1.00 7.88  ? 85  VAL A CA  1 
ATOM   360  C C   . VAL A 1 50  ? -2.794  16.104  2.002   1.00 6.17  ? 85  VAL A C   1 
ATOM   361  O O   . VAL A 1 50  ? -3.526  15.995  3.009   1.00 5.29  ? 85  VAL A O   1 
ATOM   362  C CB  . VAL A 1 50  ? -4.129  15.353  -0.005  1.00 8.69  ? 85  VAL A CB  1 
ATOM   363  C CG1 . VAL A 1 50  ? -4.779  15.802  -1.292  1.00 10.66 ? 85  VAL A CG1 1 
ATOM   364  C CG2 . VAL A 1 50  ? -3.185  14.208  -0.296  1.00 8.86  ? 85  VAL A CG2 1 
ATOM   365  N N   . GLY A 1 51  ? -1.499  15.774  2.082   1.00 4.63  ? 86  GLY A N   1 
ATOM   366  C CA  . GLY A 1 51  ? -0.900  15.307  3.320   1.00 3.87  ? 86  GLY A CA  1 
ATOM   367  C C   . GLY A 1 51  ? 0.612   15.442  3.321   1.00 3.87  ? 86  GLY A C   1 
ATOM   368  O O   . GLY A 1 51  ? 1.237   15.616  2.272   1.00 3.63  ? 86  GLY A O   1 
ATOM   369  N N   . VAL A 1 52  ? 1.185   15.331  4.512   1.00 3.78  ? 87  VAL A N   1 
ATOM   370  C CA  . VAL A 1 52  ? 2.637   15.421  4.701   1.00 3.69  ? 87  VAL A CA  1 
ATOM   371  C C   . VAL A 1 52  ? 3.073   14.128  5.428   1.00 3.83  ? 87  VAL A C   1 
ATOM   372  O O   . VAL A 1 52  ? 2.342   13.545  6.249   1.00 4.43  ? 87  VAL A O   1 
ATOM   373  C CB  A VAL A 1 52  ? 3.122   16.648  5.563   0.50 3.97  ? 87  VAL A CB  1 
ATOM   374  C CB  B VAL A 1 52  ? 2.947   16.702  5.542   0.50 4.55  ? 87  VAL A CB  1 
ATOM   375  C CG1 A VAL A 1 52  ? 2.782   17.933  4.806   0.50 6.00  ? 87  VAL A CG1 1 
ATOM   376  C CG1 B VAL A 1 52  ? 4.414   16.800  5.895   0.50 4.42  ? 87  VAL A CG1 1 
ATOM   377  C CG2 A VAL A 1 52  ? 2.496   16.661  6.942   0.50 2.45  ? 87  VAL A CG2 1 
ATOM   378  C CG2 B VAL A 1 52  ? 2.599   17.947  4.717   0.50 6.12  ? 87  VAL A CG2 1 
ATOM   379  N N   . ARG A 1 53  ? 4.265   13.654  5.058   1.00 2.72  ? 88  ARG A N   1 
ATOM   380  C CA  . ARG A 1 53  ? 4.877   12.489  5.648   1.00 2.56  ? 88  ARG A CA  1 
ATOM   381  C C   . ARG A 1 53  ? 5.109   12.661  7.153   1.00 4.13  ? 88  ARG A C   1 
ATOM   382  O O   . ARG A 1 53  ? 5.606   13.701  7.575   1.00 5.74  ? 88  ARG A O   1 
ATOM   383  C CB  . ARG A 1 53  ? 6.199   12.243  4.937   1.00 3.69  ? 88  ARG A CB  1 
ATOM   384  C CG  . ARG A 1 53  ? 7.143   11.210  5.510   1.00 4.36  ? 88  ARG A CG  1 
ATOM   385  C CD  . ARG A 1 53  ? 8.405   11.186  4.646   1.00 3.69  ? 88  ARG A CD  1 
ATOM   386  N NE  . ARG A 1 53  ? 9.254   12.342  4.897   1.00 5.74  ? 88  ARG A NE  1 
ATOM   387  C CZ  . ARG A 1 53  ? 10.267  12.687  4.086   1.00 5.87  ? 88  ARG A CZ  1 
ATOM   388  N NH1 . ARG A 1 53  ? 10.587  12.008  2.977   1.00 6.42  ? 88  ARG A NH1 1 
ATOM   389  N NH2 . ARG A 1 53  ? 10.977  13.756  4.408   1.00 7.44  ? 88  ARG A NH2 1 
ATOM   390  N N   . GLU A 1 54  ? 4.761   11.629  7.939   1.00 5.17  ? 89  GLU A N   1 
ATOM   391  C CA  . GLU A 1 54  ? 5.072   11.552  9.354   1.00 7.00  ? 89  GLU A CA  1 
ATOM   392  C C   . GLU A 1 54  ? 6.031   10.427  9.692   1.00 6.73  ? 89  GLU A C   1 
ATOM   393  O O   . GLU A 1 54  ? 6.562   10.412  10.806  1.00 8.25  ? 89  GLU A O   1 
ATOM   394  C CB  . GLU A 1 54  ? 3.830   11.339  10.195  1.00 9.62  ? 89  GLU A CB  1 
ATOM   395  C CG  . GLU A 1 54  ? 3.271   12.658  10.650  1.00 14.08 ? 89  GLU A CG  1 
ATOM   396  C CD  . GLU A 1 54  ? 2.532   12.621  11.993  1.00 14.68 ? 89  GLU A CD  1 
ATOM   397  O OE1 . GLU A 1 54  ? 2.396   11.579  12.662  1.00 15.39 ? 89  GLU A OE1 1 
ATOM   398  O OE2 . GLU A 1 54  ? 2.108   13.696  12.400  1.00 17.48 ? 89  GLU A OE2 1 
ATOM   399  N N   . GLY A 1 55  ? 6.273   9.469   8.804   1.00 5.42  ? 90  GLY A N   1 
ATOM   400  C CA  . GLY A 1 55  ? 7.261   8.442   9.098   1.00 7.04  ? 90  GLY A CA  1 
ATOM   401  C C   . GLY A 1 55  ? 7.506   7.589   7.881   1.00 5.47  ? 90  GLY A C   1 
ATOM   402  O O   . GLY A 1 55  ? 6.643   7.535   6.983   1.00 5.76  ? 90  GLY A O   1 
ATOM   403  N N   . THR A 1 56  ? 8.643   6.917   7.788   1.00 5.57  ? 91  THR A N   1 
ATOM   404  C CA  . THR A 1 56  ? 8.964   6.094   6.638   1.00 5.20  ? 91  THR A CA  1 
ATOM   405  C C   . THR A 1 56  ? 10.021  5.109   7.082   1.00 5.66  ? 91  THR A C   1 
ATOM   406  O O   . THR A 1 56  ? 10.785  5.396   8.014   1.00 6.50  ? 91  THR A O   1 
ATOM   407  C CB  . THR A 1 56  ? 9.447   7.036   5.507   1.00 6.86  ? 91  THR A CB  1 
ATOM   408  O OG1 . THR A 1 56  ? 9.509   6.202   4.365   1.00 4.53  ? 91  THR A OG1 1 
ATOM   409  C CG2 . THR A 1 56  ? 10.769  7.737   5.758   1.00 7.81  ? 91  THR A CG2 1 
ATOM   410  N N   . SER A 1 57  ? 9.993   3.917   6.487   1.00 5.93  ? 93  SER A N   1 
ATOM   411  C CA  . SER A 1 57  ? 10.967  2.908   6.763   1.00 6.39  ? 93  SER A CA  1 
ATOM   412  C C   . SER A 1 57  ? 11.104  2.038   5.517   1.00 5.06  ? 93  SER A C   1 
ATOM   413  O O   . SER A 1 57  ? 10.183  1.300   5.140   1.00 6.48  ? 93  SER A O   1 
ATOM   414  C CB  . SER A 1 57  ? 10.515  2.080   7.949   1.00 7.88  ? 93  SER A CB  1 
ATOM   415  O OG  . SER A 1 57  ? 11.556  1.194   8.297   1.00 11.54 ? 93  SER A OG  1 
ATOM   416  N N   . PHE A 1 58  ? 12.260  2.172   4.876   1.00 4.70  ? 94  PHE A N   1 
ATOM   417  C CA  . PHE A 1 58  ? 12.656  1.386   3.707   1.00 5.03  ? 94  PHE A CA  1 
ATOM   418  C C   . PHE A 1 58  ? 14.164  1.593   3.502   1.00 6.93  ? 94  PHE A C   1 
ATOM   419  O O   . PHE A 1 58  ? 14.588  2.761   3.562   1.00 7.29  ? 94  PHE A O   1 
ATOM   420  C CB  . PHE A 1 58  ? 11.911  1.838   2.439   1.00 4.02  ? 94  PHE A CB  1 
ATOM   421  C CG  . PHE A 1 58  ? 12.421  1.126   1.183   1.00 3.85  ? 94  PHE A CG  1 
ATOM   422  C CD1 . PHE A 1 58  ? 11.942  -0.144  0.883   1.00 5.44  ? 94  PHE A CD1 1 
ATOM   423  C CD2 . PHE A 1 58  ? 13.420  1.655   0.381   1.00 6.32  ? 94  PHE A CD2 1 
ATOM   424  C CE1 . PHE A 1 58  ? 12.442  -0.859  -0.192  1.00 7.53  ? 94  PHE A CE1 1 
ATOM   425  C CE2 . PHE A 1 58  ? 13.918  0.930   -0.696  1.00 7.46  ? 94  PHE A CE2 1 
ATOM   426  C CZ  . PHE A 1 58  ? 13.442  -0.335  -0.992  1.00 7.56  ? 94  PHE A CZ  1 
ATOM   427  N N   . PRO A 1 59  ? 15.010  0.570   3.246   1.00 6.93  ? 99  PRO A N   1 
ATOM   428  C CA  . PRO A 1 59  ? 14.682  -0.865  3.255   1.00 7.10  ? 99  PRO A CA  1 
ATOM   429  C C   . PRO A 1 59  ? 14.479  -1.436  4.676   1.00 7.19  ? 99  PRO A C   1 
ATOM   430  O O   . PRO A 1 59  ? 14.104  -0.681  5.566   1.00 7.85  ? 99  PRO A O   1 
ATOM   431  C CB  . PRO A 1 59  ? 15.839  -1.531  2.496   1.00 8.43  ? 99  PRO A CB  1 
ATOM   432  C CG  . PRO A 1 59  ? 16.750  -0.402  2.052   1.00 8.30  ? 99  PRO A CG  1 
ATOM   433  C CD  . PRO A 1 59  ? 16.433  0.759   2.981   1.00 8.64  ? 99  PRO A CD  1 
ATOM   434  N N   . THR A 1 60  ? 14.711  -2.732  4.944   1.00 6.41  ? 100 THR A N   1 
ATOM   435  C CA  . THR A 1 60  ? 14.467  -3.464  6.194   1.00 7.37  ? 100 THR A CA  1 
ATOM   436  C C   . THR A 1 60  ? 12.972  -3.705  6.285   1.00 7.46  ? 100 THR A C   1 
ATOM   437  O O   . THR A 1 60  ? 12.574  -4.869  6.313   1.00 6.53  ? 100 THR A O   1 
ATOM   438  C CB  . THR A 1 60  ? 14.945  -2.730  7.487   1.00 8.46  ? 100 THR A CB  1 
ATOM   439  O OG1 . THR A 1 60  ? 16.349  -2.597  7.364   1.00 11.04 ? 100 THR A OG1 1 
ATOM   440  C CG2 . THR A 1 60  ? 14.642  -3.499  8.780   1.00 9.07  ? 100 THR A CG2 1 
ATOM   441  N N   . ASN A 1 61  ? 12.142  -2.671  6.248   1.00 7.91  ? 101 ASN A N   1 
ATOM   442  C CA  . ASN A 1 61  ? 10.677  -2.771  6.177   1.00 6.80  ? 101 ASN A CA  1 
ATOM   443  C C   . ASN A 1 61  ? 10.312  -2.065  4.895   1.00 5.71  ? 101 ASN A C   1 
ATOM   444  O O   . ASN A 1 61  ? 11.201  -1.622  4.168   1.00 6.21  ? 101 ASN A O   1 
ATOM   445  C CB  . ASN A 1 61  ? 9.975   -2.010  7.288   1.00 6.45  ? 101 ASN A CB  1 
ATOM   446  C CG  . ASN A 1 61  ? 10.532  -2.322  8.666   1.00 9.69  ? 101 ASN A CG  1 
ATOM   447  O OD1 . ASN A 1 61  ? 11.066  -1.435  9.326   1.00 11.66 ? 101 ASN A OD1 1 
ATOM   448  N ND2 . ASN A 1 61  ? 10.508  -3.564  9.116   1.00 10.46 ? 101 ASN A ND2 1 
ATOM   449  N N   . ASP A 1 62  ? 9.037   -2.000  4.533   1.00 4.40  ? 102 ASP A N   1 
ATOM   450  C CA  . ASP A 1 62  ? 8.639   -1.100  3.469   1.00 5.13  ? 102 ASP A CA  1 
ATOM   451  C C   . ASP A 1 62  ? 7.284   -0.482  3.841   1.00 4.10  ? 102 ASP A C   1 
ATOM   452  O O   . ASP A 1 62  ? 6.225   -0.825  3.284   1.00 5.32  ? 102 ASP A O   1 
ATOM   453  C CB  . ASP A 1 62  ? 8.550   -1.861  2.143   1.00 3.80  ? 102 ASP A CB  1 
ATOM   454  C CG  . ASP A 1 62  ? 8.542   -0.960  0.908   1.00 6.10  ? 102 ASP A CG  1 
ATOM   455  O OD1 . ASP A 1 62  ? 8.532   0.277   1.036   1.00 2.76  ? 102 ASP A OD1 1 
ATOM   456  O OD2 . ASP A 1 62  ? 8.552   -1.506  -0.205  1.00 4.42  ? 102 ASP A OD2 1 
ATOM   457  N N   . TYR A 1 63  ? 7.255   0.471   4.764   1.00 3.62  ? 103 TYR A N   1 
ATOM   458  C CA  . TYR A 1 63  ? 5.987   1.141   5.073   1.00 2.92  ? 103 TYR A CA  1 
ATOM   459  C C   . TYR A 1 63  ? 6.273   2.594   5.424   1.00 2.24  ? 103 TYR A C   1 
ATOM   460  O O   . TYR A 1 63  ? 7.438   2.962   5.666   1.00 2.50  ? 103 TYR A O   1 
ATOM   461  C CB  . TYR A 1 63  ? 5.250   0.449   6.254   1.00 2.00  ? 103 TYR A CB  1 
ATOM   462  C CG  . TYR A 1 63  ? 6.020   0.240   7.552   1.00 2.83  ? 103 TYR A CG  1 
ATOM   463  C CD1 . TYR A 1 63  ? 6.393   1.298   8.375   1.00 4.97  ? 103 TYR A CD1 1 
ATOM   464  C CD2 . TYR A 1 63  ? 6.350   -1.057  7.905   1.00 7.11  ? 103 TYR A CD2 1 
ATOM   465  C CE1 . TYR A 1 63  ? 7.077   1.097   9.547   1.00 6.38  ? 103 TYR A CE1 1 
ATOM   466  C CE2 . TYR A 1 63  ? 7.036   -1.278  9.083   1.00 8.02  ? 103 TYR A CE2 1 
ATOM   467  C CZ  . TYR A 1 63  ? 7.391   -0.210  9.885   1.00 6.64  ? 103 TYR A CZ  1 
ATOM   468  O OH  . TYR A 1 63  ? 8.065   -0.449  11.052  1.00 10.20 ? 103 TYR A OH  1 
ATOM   469  N N   . GLY A 1 64  ? 5.248   3.417   5.368   1.00 2.57  ? 104 GLY A N   1 
ATOM   470  C CA  . GLY A 1 64  ? 5.332   4.810   5.719   1.00 2.30  ? 104 GLY A CA  1 
ATOM   471  C C   . GLY A 1 64  ? 3.923   5.308   5.963   1.00 3.56  ? 104 GLY A C   1 
ATOM   472  O O   . GLY A 1 64  ? 2.951   4.663   5.588   1.00 4.07  ? 104 GLY A O   1 
ATOM   473  N N   . ILE A 1 65  ? 3.797   6.478   6.560   1.00 2.00  ? 105 ILE A N   1 
ATOM   474  C CA  . ILE A 1 65  ? 2.500   7.053   6.900   1.00 2.48  ? 105 ILE A CA  1 
ATOM   475  C C   . ILE A 1 65  ? 2.523   8.547   6.588   1.00 2.23  ? 105 ILE A C   1 
ATOM   476  O O   . ILE A 1 65  ? 3.568   9.200   6.771   1.00 3.71  ? 105 ILE A O   1 
ATOM   477  C CB  . ILE A 1 65  ? 2.263   6.735   8.403   1.00 2.00  ? 105 ILE A CB  1 
ATOM   478  C CG1 . ILE A 1 65  ? 0.814   7.111   8.732   1.00 2.00  ? 105 ILE A CG1 1 
ATOM   479  C CG2 . ILE A 1 65  ? 3.272   7.453   9.317   1.00 2.69  ? 105 ILE A CG2 1 
ATOM   480  C CD1 . ILE A 1 65  ? 0.388   6.660   10.148  1.00 4.99  ? 105 ILE A CD1 1 
ATOM   481  N N   . VAL A 1 66  ? 1.376   9.006   6.071   1.00 2.00  ? 106 VAL A N   1 
ATOM   482  C CA  . VAL A 1 66  ? 1.173   10.380  5.671   1.00 3.04  ? 106 VAL A CA  1 
ATOM   483  C C   . VAL A 1 66  ? -0.035  10.908  6.458   1.00 3.91  ? 106 VAL A C   1 
ATOM   484  O O   . VAL A 1 66  ? -1.084  10.276  6.491   1.00 2.00  ? 106 VAL A O   1 
ATOM   485  C CB  . VAL A 1 66  ? 0.926   10.451  4.122   1.00 4.46  ? 106 VAL A CB  1 
ATOM   486  C CG1 . VAL A 1 66  ? 0.709   11.868  3.669   1.00 4.84  ? 106 VAL A CG1 1 
ATOM   487  C CG2 . VAL A 1 66  ? 2.164   9.996   3.385   1.00 2.92  ? 106 VAL A CG2 1 
ATOM   488  N N   . ARG A 1 67  ? 0.120   12.043  7.137   1.00 3.01  ? 107 ARG A N   1 
ATOM   489  C CA  . ARG A 1 67  ? -0.964  12.695  7.870   1.00 4.82  ? 107 ARG A CA  1 
ATOM   490  C C   . ARG A 1 67  ? -1.748  13.580  6.887   1.00 4.76  ? 107 ARG A C   1 
ATOM   491  O O   . ARG A 1 67  ? -1.145  14.367  6.131   1.00 8.02  ? 107 ARG A O   1 
ATOM   492  C CB  . ARG A 1 67  ? -0.334  13.529  8.985   1.00 7.48  ? 107 ARG A CB  1 
ATOM   493  C CG  . ARG A 1 67  ? -1.273  14.356  9.853   1.00 10.58 ? 107 ARG A CG  1 
ATOM   494  C CD  . ARG A 1 67  ? -0.672  15.712  10.208  1.00 15.57 ? 107 ARG A CD  1 
ATOM   495  N NE  . ARG A 1 67  ? 0.659   15.509  10.726  1.00 18.33 ? 107 ARG A NE  1 
ATOM   496  C CZ  . ARG A 1 67  ? 1.659   16.387  10.605  1.00 19.56 ? 107 ARG A CZ  1 
ATOM   497  N NH1 . ARG A 1 67  ? 1.540   17.573  10.012  1.00 19.64 ? 107 ARG A NH1 1 
ATOM   498  N NH2 . ARG A 1 67  ? 2.873   15.993  10.977  1.00 21.10 ? 107 ARG A NH2 1 
ATOM   499  N N   . TYR A 1 68  ? -3.071  13.467  6.813   1.00 3.12  ? 108 TYR A N   1 
ATOM   500  C CA  . TYR A 1 68  ? -3.873  14.372  5.996   1.00 4.04  ? 108 TYR A CA  1 
ATOM   501  C C   . TYR A 1 68  ? -3.837  15.754  6.634   1.00 4.40  ? 108 TYR A C   1 
ATOM   502  O O   . TYR A 1 68  ? -3.937  15.915  7.869   1.00 4.71  ? 108 TYR A O   1 
ATOM   503  C CB  . TYR A 1 68  ? -5.338  13.965  5.902   1.00 3.93  ? 108 TYR A CB  1 
ATOM   504  C CG  . TYR A 1 68  ? -5.629  12.794  4.983   1.00 4.66  ? 108 TYR A CG  1 
ATOM   505  C CD1 . TYR A 1 68  ? -5.659  13.045  3.602   1.00 4.52  ? 108 TYR A CD1 1 
ATOM   506  C CD2 . TYR A 1 68  ? -5.858  11.526  5.518   1.00 4.43  ? 108 TYR A CD2 1 
ATOM   507  C CE1 . TYR A 1 68  ? -5.941  12.023  2.741   1.00 3.38  ? 108 TYR A CE1 1 
ATOM   508  C CE2 . TYR A 1 68  ? -6.138  10.498  4.643   1.00 3.42  ? 108 TYR A CE2 1 
ATOM   509  C CZ  . TYR A 1 68  ? -6.164  10.769  3.265   1.00 3.70  ? 108 TYR A CZ  1 
ATOM   510  O OH  . TYR A 1 68  ? -6.443  9.814   2.285   1.00 4.80  ? 108 TYR A OH  1 
ATOM   511  N N   . THR A 1 69  ? -3.650  16.755  5.771   1.00 5.05  ? 109 THR A N   1 
ATOM   512  C CA  . THR A 1 69  ? -3.537  18.143  6.224   1.00 7.22  ? 109 THR A CA  1 
ATOM   513  C C   . THR A 1 69  ? -4.552  19.021  5.523   1.00 9.07  ? 109 THR A C   1 
ATOM   514  O O   . THR A 1 69  ? -4.612  20.217  5.797   1.00 10.06 ? 109 THR A O   1 
ATOM   515  C CB  . THR A 1 69  ? -2.140  18.740  5.951   1.00 6.61  ? 109 THR A CB  1 
ATOM   516  O OG1 . THR A 1 69  ? -1.892  18.509  4.569   1.00 7.41  ? 109 THR A OG1 1 
ATOM   517  C CG2 . THR A 1 69  ? -1.053  18.176  6.823   1.00 9.27  ? 109 THR A CG2 1 
ATOM   518  N N   . ASP A 1 70  ? -5.382  18.482  4.630   1.00 9.85  ? 110 ASP A N   1 
ATOM   519  C CA  . ASP A 1 70  ? -6.358  19.303  3.918   1.00 12.45 ? 110 ASP A CA  1 
ATOM   520  C C   . ASP A 1 70  ? -7.753  19.382  4.561   1.00 14.15 ? 110 ASP A C   1 
ATOM   521  O O   . ASP A 1 70  ? -8.728  19.798  3.941   1.00 15.21 ? 110 ASP A O   1 
ATOM   522  C CB  . ASP A 1 70  ? -6.484  18.762  2.490   1.00 12.83 ? 110 ASP A CB  1 
ATOM   523  C CG  . ASP A 1 70  ? -7.053  17.338  2.383   1.00 14.47 ? 110 ASP A CG  1 
ATOM   524  O OD1 . ASP A 1 70  ? -7.196  16.643  3.413   1.00 12.96 ? 110 ASP A OD1 1 
ATOM   525  O OD2 . ASP A 1 70  ? -7.376  16.897  1.283   1.00 15.93 ? 110 ASP A OD2 1 
ATOM   526  N N   . GLY A 1 71  ? -7.856  18.911  5.798   1.00 14.79 ? 111 GLY A N   1 
ATOM   527  C CA  . GLY A 1 71  ? -9.106  18.874  6.562   1.00 15.49 ? 111 GLY A CA  1 
ATOM   528  C C   . GLY A 1 71  ? -10.115 17.794  6.132   1.00 15.64 ? 111 GLY A C   1 
ATOM   529  O O   . GLY A 1 71  ? -11.212 17.747  6.689   1.00 15.34 ? 111 GLY A O   1 
ATOM   530  N N   . SER A 1 72  ? -9.813  16.873  5.197   1.00 15.23 ? 112 SER A N   1 
ATOM   531  C CA  . SER A 1 72  ? -10.773 15.871  4.749   1.00 13.89 ? 112 SER A CA  1 
ATOM   532  C C   . SER A 1 72  ? -10.935 14.710  5.732   1.00 13.74 ? 112 SER A C   1 
ATOM   533  O O   . SER A 1 72  ? -10.081 14.439  6.572   1.00 14.22 ? 112 SER A O   1 
ATOM   534  C CB  . SER A 1 72  ? -10.345 15.318  3.400   1.00 12.55 ? 112 SER A CB  1 
ATOM   535  O OG  . SER A 1 72  ? -9.171  14.509  3.326   1.00 12.43 ? 112 SER A OG  1 
ATOM   536  N N   . SER A 1 73  ? -12.013 13.962  5.604   1.00 12.78 ? 113 SER A N   1 
ATOM   537  C CA  . SER A 1 73  ? -12.230 12.813  6.433   1.00 13.08 ? 113 SER A CA  1 
ATOM   538  C C   . SER A 1 73  ? -12.682 11.768  5.403   1.00 10.04 ? 113 SER A C   1 
ATOM   539  O O   . SER A 1 73  ? -13.861 11.707  5.073   1.00 11.77 ? 113 SER A O   1 
ATOM   540  C CB  . SER A 1 73  ? -13.308 13.182  7.440   1.00 14.21 ? 113 SER A CB  1 
ATOM   541  O OG  . SER A 1 73  ? -12.977 12.426  8.594   1.00 19.87 ? 113 SER A OG  1 
ATOM   542  N N   . PRO A 1 74  ? -11.750 11.084  4.731   1.00 8.84  ? 114 PRO A N   1 
ATOM   543  C CA  . PRO A 1 74  ? -12.050 10.112  3.703   1.00 6.62  ? 114 PRO A CA  1 
ATOM   544  C C   . PRO A 1 74  ? -12.679 8.860   4.284   1.00 6.05  ? 114 PRO A C   1 
ATOM   545  O O   . PRO A 1 74  ? -12.518 8.560   5.459   1.00 6.88  ? 114 PRO A O   1 
ATOM   546  C CB  . PRO A 1 74  ? -10.717 9.860   3.032   1.00 7.77  ? 114 PRO A CB  1 
ATOM   547  C CG  . PRO A 1 74  ? -9.648  10.258  4.011   1.00 8.09  ? 114 PRO A CG  1 
ATOM   548  C CD  . PRO A 1 74  ? -10.325 11.133  5.042   1.00 7.66  ? 114 PRO A CD  1 
ATOM   549  N N   . ALA A 1 75  ? -13.436 8.117   3.494   1.00 4.46  ? 115 ALA A N   1 
ATOM   550  C CA  . ALA A 1 75  ? -14.005 6.872   3.981   1.00 4.62  ? 115 ALA A CA  1 
ATOM   551  C C   . ALA A 1 75  ? -12.852 5.866   4.076   1.00 4.39  ? 115 ALA A C   1 
ATOM   552  O O   . ALA A 1 75  ? -11.854 5.916   3.339   1.00 3.94  ? 115 ALA A O   1 
ATOM   553  C CB  . ALA A 1 75  ? -15.025 6.361   2.983   1.00 4.14  ? 115 ALA A CB  1 
ATOM   554  N N   . GLY A 1 76  ? -12.955 4.921   4.996   1.00 2.61  ? 116 GLY A N   1 
ATOM   555  C CA  . GLY A 1 76  ? -11.989 3.853   5.172   1.00 3.22  ? 116 GLY A CA  1 
ATOM   556  C C   . GLY A 1 76  ? -12.271 2.746   4.174   1.00 3.05  ? 116 GLY A C   1 
ATOM   557  O O   . GLY A 1 76  ? -12.686 1.660   4.510   1.00 3.91  ? 116 GLY A O   1 
ATOM   558  N N   . THR A 1 77  ? -12.174 2.990   2.853   1.00 2.48  ? 117 THR A N   1 
ATOM   559  C CA  . THR A 1 77  ? -12.501 1.948   1.887   1.00 2.00  ? 117 THR A CA  1 
ATOM   560  C C   . THR A 1 77  ? -11.353 1.789   0.873   1.00 2.00  ? 117 THR A C   1 
ATOM   561  O O   . THR A 1 77  ? -10.430 2.621   0.839   1.00 2.98  ? 117 THR A O   1 
ATOM   562  C CB  . THR A 1 77  ? -13.792 2.308   1.136   1.00 3.48  ? 117 THR A CB  1 
ATOM   563  O OG1 . THR A 1 77  ? -13.502 3.497   0.426   1.00 2.00  ? 117 THR A OG1 1 
ATOM   564  C CG2 . THR A 1 77  ? -14.997 2.488   2.047   1.00 3.04  ? 117 THR A CG2 1 
ATOM   565  N N   . VAL A 1 78  ? -11.390 0.728   0.069   1.00 2.00  ? 118 VAL A N   1 
ATOM   566  C CA  . VAL A 1 78  ? -10.417 0.502   -0.978  1.00 2.23  ? 118 VAL A CA  1 
ATOM   567  C C   . VAL A 1 78  ? -11.145 0.612   -2.318  1.00 2.32  ? 118 VAL A C   1 
ATOM   568  O O   . VAL A 1 78  ? -12.213 0.012   -2.518  1.00 2.00  ? 118 VAL A O   1 
ATOM   569  C CB  . VAL A 1 78  ? -9.784  -0.905  -0.848  1.00 2.00  ? 118 VAL A CB  1 
ATOM   570  C CG1 . VAL A 1 78  ? -8.988  -1.350  -2.074  1.00 2.00  ? 118 VAL A CG1 1 
ATOM   571  C CG2 . VAL A 1 78  ? -8.797  -0.810  0.277   1.00 2.00  ? 118 VAL A CG2 1 
ATOM   572  N N   . ASP A 1 79  ? -10.578 1.374   -3.263  1.00 2.00  ? 119 ASP A N   1 
ATOM   573  C CA  . ASP A 1 79  ? -11.168 1.538   -4.572  1.00 3.98  ? 119 ASP A CA  1 
ATOM   574  C C   . ASP A 1 79  ? -11.115 0.242   -5.402  1.00 4.75  ? 119 ASP A C   1 
ATOM   575  O O   . ASP A 1 79  ? -10.026 -0.312  -5.611  1.00 5.15  ? 119 ASP A O   1 
ATOM   576  C CB  . ASP A 1 79  ? -10.406 2.692   -5.248  1.00 4.58  ? 119 ASP A CB  1 
ATOM   577  C CG  . ASP A 1 79  ? -11.100 3.266   -6.480  1.00 6.71  ? 119 ASP A CG  1 
ATOM   578  O OD1 . ASP A 1 79  ? -12.094 2.689   -6.938  1.00 8.10  ? 119 ASP A OD1 1 
ATOM   579  O OD2 . ASP A 1 79  ? -10.630 4.282   -6.996  1.00 9.45  ? 119 ASP A OD2 1 
ATOM   580  N N   . LEU A 1 80  ? -12.282 -0.192  -5.909  1.00 4.61  ? 120 LEU A N   1 
ATOM   581  C CA  . LEU A 1 80  ? -12.333 -1.360  -6.772  1.00 6.50  ? 120 LEU A CA  1 
ATOM   582  C C   . LEU A 1 80  ? -12.345 -1.016  -8.254  1.00 6.83  ? 120 LEU A C   1 
ATOM   583  O O   . LEU A 1 80  ? -12.440 -1.865  -9.139  1.00 7.14  ? 120 LEU A O   1 
ATOM   584  C CB  . LEU A 1 80  ? -13.567 -2.208  -6.477  1.00 6.38  ? 120 LEU A CB  1 
ATOM   585  C CG  . LEU A 1 80  ? -13.647 -2.807  -5.085  1.00 6.14  ? 120 LEU A CG  1 
ATOM   586  C CD1 . LEU A 1 80  ? -14.898 -3.641  -4.955  1.00 5.82  ? 120 LEU A CD1 1 
ATOM   587  C CD2 . LEU A 1 80  ? -12.409 -3.652  -4.843  1.00 6.60  ? 120 LEU A CD2 1 
ATOM   588  N N   . TYR A 1 81  A -12.130 0.269   -8.524  1.00 7.58  ? 120 TYR A N   1 
ATOM   589  C CA  . TYR A 1 81  A -12.013 0.822   -9.861  1.00 8.61  ? 120 TYR A CA  1 
ATOM   590  C C   . TYR A 1 81  A -13.165 0.440   -10.799 1.00 9.34  ? 120 TYR A C   1 
ATOM   591  O O   . TYR A 1 81  A -12.990 0.279   -12.002 1.00 11.30 ? 120 TYR A O   1 
ATOM   592  C CB  . TYR A 1 81  A -10.617 0.376   -10.389 1.00 6.60  ? 120 TYR A CB  1 
ATOM   593  C CG  . TYR A 1 81  A -9.436  1.145   -9.769  1.00 5.99  ? 120 TYR A CG  1 
ATOM   594  C CD1 . TYR A 1 81  A -9.157  2.423   -10.248 1.00 6.61  ? 120 TYR A CD1 1 
ATOM   595  C CD2 . TYR A 1 81  A -8.658  0.615   -8.759  1.00 4.44  ? 120 TYR A CD2 1 
ATOM   596  C CE1 . TYR A 1 81  A -8.113  3.154   -9.709  1.00 7.18  ? 120 TYR A CE1 1 
ATOM   597  C CE2 . TYR A 1 81  A -7.611  1.350   -8.211  1.00 6.48  ? 120 TYR A CE2 1 
ATOM   598  C CZ  . TYR A 1 81  A -7.350  2.618   -8.693  1.00 5.65  ? 120 TYR A CZ  1 
ATOM   599  O OH  . TYR A 1 81  A -6.315  3.343   -8.157  1.00 5.49  ? 120 TYR A OH  1 
ATOM   600  N N   . ASN A 1 82  B -14.398 0.352   -10.315 1.00 9.18  ? 120 ASN A N   1 
ATOM   601  C CA  . ASN A 1 82  B -15.544 -0.062  -11.130 1.00 7.62  ? 120 ASN A CA  1 
ATOM   602  C C   . ASN A 1 82  B -16.781 0.678   -10.664 1.00 7.20  ? 120 ASN A C   1 
ATOM   603  O O   . ASN A 1 82  B -17.924 0.275   -10.904 1.00 8.73  ? 120 ASN A O   1 
ATOM   604  C CB  . ASN A 1 82  B -15.730 -1.593  -10.987 1.00 8.43  ? 120 ASN A CB  1 
ATOM   605  C CG  . ASN A 1 82  B -16.038 -1.944  -9.551  1.00 7.55  ? 120 ASN A CG  1 
ATOM   606  O OD1 . ASN A 1 82  B -16.052 -1.093  -8.659  1.00 7.54  ? 120 ASN A OD1 1 
ATOM   607  N ND2 . ASN A 1 82  B -16.315 -3.175  -9.236  1.00 7.42  ? 120 ASN A ND2 1 
ATOM   608  N N   . GLY A 1 83  C -16.576 1.808   -9.979  1.00 6.88  ? 120 GLY A N   1 
ATOM   609  C CA  . GLY A 1 83  C -17.709 2.544   -9.426  1.00 7.47  ? 120 GLY A CA  1 
ATOM   610  C C   . GLY A 1 83  C -17.989 2.168   -7.977  1.00 8.64  ? 120 GLY A C   1 
ATOM   611  O O   . GLY A 1 83  C -18.630 2.926   -7.256  1.00 9.24  ? 120 GLY A O   1 
ATOM   612  N N   . SER A 1 84  D -17.454 1.049   -7.512  1.00 6.86  ? 120 SER A N   1 
ATOM   613  C CA  . SER A 1 84  D -17.687 0.661   -6.147  1.00 6.08  ? 120 SER A CA  1 
ATOM   614  C C   . SER A 1 84  D -16.386 0.544   -5.352  1.00 5.76  ? 120 SER A C   1 
ATOM   615  O O   . SER A 1 84  D -15.259 0.675   -5.847  1.00 5.38  ? 120 SER A O   1 
ATOM   616  C CB  A SER A 1 84  D -18.395 -0.676  -6.135  0.50 4.62  ? 120 SER A CB  1 
ATOM   617  C CB  B SER A 1 84  D -18.494 -0.664  -6.150  0.50 5.40  ? 120 SER A CB  1 
ATOM   618  O OG  A SER A 1 84  D -19.675 -0.711  -6.698  0.50 5.17  ? 120 SER A OG  1 
ATOM   619  O OG  B SER A 1 84  D -17.976 -1.858  -6.718  0.50 6.58  ? 120 SER A OG  1 
ATOM   620  N N   . THR A 1 85  ? -16.542 0.354   -4.049  1.00 5.25  ? 121 THR A N   1 
ATOM   621  C CA  . THR A 1 85  ? -15.403 0.255   -3.155  1.00 4.31  ? 121 THR A CA  1 
ATOM   622  C C   . THR A 1 85  ? -15.609 -0.892  -2.161  1.00 6.01  ? 121 THR A C   1 
ATOM   623  O O   . THR A 1 85  ? -16.757 -1.319  -1.926  1.00 6.83  ? 121 THR A O   1 
ATOM   624  C CB  . THR A 1 85  ? -15.174 1.538   -2.323  1.00 3.66  ? 121 THR A CB  1 
ATOM   625  O OG1 . THR A 1 85  ? -16.280 1.713   -1.442  1.00 4.41  ? 121 THR A OG1 1 
ATOM   626  C CG2 . THR A 1 85  ? -14.991 2.756   -3.234  1.00 2.79  ? 121 THR A CG2 1 
ATOM   627  N N   . GLN A 1 86  ? -14.532 -1.378  -1.547  1.00 6.42  ? 122 GLN A N   1 
ATOM   628  C CA  . GLN A 1 86  ? -14.571 -2.422  -0.537  1.00 6.92  ? 122 GLN A CA  1 
ATOM   629  C C   . GLN A 1 86  ? -14.422 -1.753  0.819   1.00 6.82  ? 122 GLN A C   1 
ATOM   630  O O   . GLN A 1 86  ? -13.389 -1.089  1.020   1.00 5.78  ? 122 GLN A O   1 
ATOM   631  C CB  . GLN A 1 86  ? -13.394 -3.385  -0.746  1.00 6.88  ? 122 GLN A CB  1 
ATOM   632  C CG  . GLN A 1 86  ? -13.187 -4.430  0.361   1.00 9.22  ? 122 GLN A CG  1 
ATOM   633  C CD  . GLN A 1 86  ? -14.391 -5.324  0.543   1.00 11.22 ? 122 GLN A CD  1 
ATOM   634  O OE1 . GLN A 1 86  ? -14.991 -5.447  1.621   1.00 13.35 ? 122 GLN A OE1 1 
ATOM   635  N NE2 . GLN A 1 86  ? -14.803 -5.974  -0.537  1.00 12.65 ? 122 GLN A NE2 1 
ATOM   636  N N   . ASP A 1 87  ? -15.364 -1.909  1.737   1.00 5.75  ? 123 ASP A N   1 
ATOM   637  C CA  . ASP A 1 87  ? -15.183 -1.375  3.080   1.00 6.17  ? 123 ASP A CA  1 
ATOM   638  C C   . ASP A 1 87  ? -14.113 -2.209  3.829   1.00 5.56  ? 123 ASP A C   1 
ATOM   639  O O   . ASP A 1 87  ? -14.140 -3.438  3.710   1.00 6.54  ? 123 ASP A O   1 
ATOM   640  C CB  . ASP A 1 87  ? -16.491 -1.436  3.859   1.00 8.36  ? 123 ASP A CB  1 
ATOM   641  C CG  . ASP A 1 87  ? -16.492 -0.731  5.223   1.00 11.71 ? 123 ASP A CG  1 
ATOM   642  O OD1 . ASP A 1 87  ? -15.779 0.261   5.344   1.00 11.62 ? 123 ASP A OD1 1 
ATOM   643  O OD2 . ASP A 1 87  ? -17.218 -1.102  6.142   1.00 15.89 ? 123 ASP A OD2 1 
ATOM   644  N N   . ILE A 1 88  ? -13.162 -1.618  4.538   1.00 5.05  ? 124 ILE A N   1 
ATOM   645  C CA  . ILE A 1 88  ? -12.153 -2.402  5.265   1.00 5.85  ? 124 ILE A CA  1 
ATOM   646  C C   . ILE A 1 88  ? -12.545 -2.276  6.733   1.00 6.35  ? 124 ILE A C   1 
ATOM   647  O O   . ILE A 1 88  ? -12.866 -1.186  7.144   1.00 7.07  ? 124 ILE A O   1 
ATOM   648  C CB  . ILE A 1 88  ? -10.750 -1.794  4.975   1.00 6.35  ? 124 ILE A CB  1 
ATOM   649  C CG1 . ILE A 1 88  ? -10.327 -2.187  3.545   1.00 5.63  ? 124 ILE A CG1 1 
ATOM   650  C CG2 . ILE A 1 88  ? -9.738  -2.257  5.996   1.00 6.58  ? 124 ILE A CG2 1 
ATOM   651  C CD1 . ILE A 1 88  ? -10.054 -3.685  3.271   1.00 6.84  ? 124 ILE A CD1 1 
ATOM   652  N N   . SER A 1 89  ? -12.556 -3.273  7.620   1.00 5.54  ? 125 SER A N   1 
ATOM   653  C CA  . SER A 1 89  ? -12.948 -3.029  9.011   1.00 6.57  ? 125 SER A CA  1 
ATOM   654  C C   . SER A 1 89  ? -12.056 -3.760  10.012  1.00 5.43  ? 125 SER A C   1 
ATOM   655  O O   . SER A 1 89  ? -12.250 -3.684  11.227  1.00 7.07  ? 125 SER A O   1 
ATOM   656  C CB  . SER A 1 89  ? -14.397 -3.452  9.181   1.00 7.55  ? 125 SER A CB  1 
ATOM   657  O OG  . SER A 1 89  ? -14.562 -4.851  8.960   1.00 9.62  ? 125 SER A OG  1 
ATOM   658  N N   . SER A 1 90  ? -11.014 -4.462  9.581   1.00 3.93  ? 126 SER A N   1 
ATOM   659  C CA  . SER A 1 90  ? -10.059 -5.102  10.481  1.00 4.57  ? 126 SER A CA  1 
ATOM   660  C C   . SER A 1 90  ? -8.746  -5.252  9.709   1.00 3.86  ? 126 SER A C   1 
ATOM   661  O O   . SER A 1 90  ? -8.700  -4.966  8.499   1.00 4.41  ? 126 SER A O   1 
ATOM   662  C CB  . SER A 1 90  ? -10.550 -6.508  10.939  1.00 3.58  ? 126 SER A CB  1 
ATOM   663  O OG  . SER A 1 90  ? -10.869 -7.263  9.806   1.00 5.42  ? 126 SER A OG  1 
ATOM   664  N N   . ALA A 1 91  ? -7.716  -5.732  10.390  1.00 3.14  ? 127 ALA A N   1 
ATOM   665  C CA  . ALA A 1 91  ? -6.416  -5.982  9.798   1.00 3.63  ? 127 ALA A CA  1 
ATOM   666  C C   . ALA A 1 91  ? -5.935  -7.309  10.375  1.00 4.45  ? 127 ALA A C   1 
ATOM   667  O O   . ALA A 1 91  ? -6.267  -7.667  11.525  1.00 3.67  ? 127 ALA A O   1 
ATOM   668  C CB  . ALA A 1 91  ? -5.452  -4.889  10.177  1.00 3.71  ? 127 ALA A CB  1 
ATOM   669  N N   . ALA A 1 92  ? -5.214  -8.078  9.568   1.00 4.45  ? 128 ALA A N   1 
ATOM   670  C CA  . ALA A 1 92  ? -4.724  -9.365  10.010  1.00 4.75  ? 128 ALA A CA  1 
ATOM   671  C C   . ALA A 1 92  ? -3.516  -9.691  9.132   1.00 4.88  ? 128 ALA A C   1 
ATOM   672  O O   . ALA A 1 92  ? -3.154  -8.968  8.200   1.00 5.62  ? 128 ALA A O   1 
ATOM   673  C CB  . ALA A 1 92  ? -5.761  -10.465 9.785   1.00 4.95  ? 128 ALA A CB  1 
ATOM   674  N N   . ASN A 1 93  ? -2.823  -10.757 9.541   1.00 3.66  ? 129 ASN A N   1 
ATOM   675  C CA  . ASN A 1 93  ? -1.740  -11.272 8.713   1.00 4.52  ? 129 ASN A CA  1 
ATOM   676  C C   . ASN A 1 93  ? -2.232  -12.332 7.768   1.00 3.58  ? 129 ASN A C   1 
ATOM   677  O O   . ASN A 1 93  ? -3.051  -13.152 8.163   1.00 4.13  ? 129 ASN A O   1 
ATOM   678  C CB  . ASN A 1 93  ? -0.689  -11.893 9.539   1.00 4.53  ? 129 ASN A CB  1 
ATOM   679  C CG  . ASN A 1 93  ? 0.087   -10.895 10.366  1.00 6.49  ? 129 ASN A CG  1 
ATOM   680  O OD1 . ASN A 1 93  ? 0.296   -11.146 11.532  1.00 10.87 ? 129 ASN A OD1 1 
ATOM   681  N ND2 . ASN A 1 93  ? 0.604   -9.754  9.930   1.00 8.32  ? 129 ASN A ND2 1 
ATOM   682  N N   . ALA A 1 94  ? -1.735  -12.305 6.531   1.00 4.25  ? 130 ALA A N   1 
ATOM   683  C CA  . ALA A 1 94  ? -2.124  -13.246 5.485   1.00 3.39  ? 130 ALA A CA  1 
ATOM   684  C C   . ALA A 1 94  ? -1.547  -14.614 5.819   1.00 3.45  ? 130 ALA A C   1 
ATOM   685  O O   . ALA A 1 94  ? -0.583  -14.723 6.591   1.00 4.78  ? 130 ALA A O   1 
ATOM   686  C CB  . ALA A 1 94  ? -1.583  -12.778 4.134   1.00 5.30  ? 130 ALA A CB  1 
ATOM   687  N N   . VAL A 1 95  ? -2.152  -15.651 5.250   1.00 5.26  ? 131 VAL A N   1 
ATOM   688  C CA  . VAL A 1 95  ? -1.686  -17.003 5.475   1.00 6.04  ? 131 VAL A CA  1 
ATOM   689  C C   . VAL A 1 95  ? -1.465  -17.684 4.121   1.00 7.60  ? 131 VAL A C   1 
ATOM   690  O O   . VAL A 1 95  ? -2.084  -17.332 3.109   1.00 7.21  ? 131 VAL A O   1 
ATOM   691  C CB  . VAL A 1 95  ? -2.739  -17.788 6.331   1.00 7.80  ? 131 VAL A CB  1 
ATOM   692  C CG1 . VAL A 1 95  ? -3.073  -16.988 7.593   1.00 7.51  ? 131 VAL A CG1 1 
ATOM   693  C CG2 . VAL A 1 95  ? -4.002  -18.061 5.556   1.00 6.98  ? 131 VAL A CG2 1 
ATOM   694  N N   . VAL A 1 96  ? -0.573  -18.686 4.038   1.00 6.87  ? 132 VAL A N   1 
ATOM   695  C CA  . VAL A 1 96  ? -0.347  -19.430 2.804   1.00 7.52  ? 132 VAL A CA  1 
ATOM   696  C C   . VAL A 1 96  ? -1.662  -20.055 2.335   1.00 6.63  ? 132 VAL A C   1 
ATOM   697  O O   . VAL A 1 96  ? -2.431  -20.595 3.168   1.00 5.61  ? 132 VAL A O   1 
ATOM   698  C CB  . VAL A 1 96  ? 0.728   -20.500 3.082   1.00 9.24  ? 132 VAL A CB  1 
ATOM   699  C CG1 . VAL A 1 96  ? 0.921   -21.378 1.854   1.00 11.17 ? 132 VAL A CG1 1 
ATOM   700  C CG2 . VAL A 1 96  ? 2.073   -19.839 3.344   1.00 10.22 ? 132 VAL A CG2 1 
ATOM   701  N N   . GLY A 1 97  ? -1.923  -19.968 1.013   1.00 5.55  ? 133 GLY A N   1 
ATOM   702  C CA  . GLY A 1 97  ? -3.117  -20.513 0.399   1.00 6.20  ? 133 GLY A CA  1 
ATOM   703  C C   . GLY A 1 97  ? -4.286  -19.544 0.331   1.00 5.09  ? 133 GLY A C   1 
ATOM   704  O O   . GLY A 1 97  ? -5.256  -19.792 -0.391  1.00 4.94  ? 133 GLY A O   1 
ATOM   705  N N   . GLN A 1 98  ? -4.210  -18.413 1.016   1.00 5.67  ? 134 GLN A N   1 
ATOM   706  C CA  . GLN A 1 98  ? -5.316  -17.481 1.030   1.00 5.72  ? 134 GLN A CA  1 
ATOM   707  C C   . GLN A 1 98  ? -5.430  -16.723 -0.302  1.00 5.66  ? 134 GLN A C   1 
ATOM   708  O O   . GLN A 1 98  ? -4.440  -16.322 -0.921  1.00 7.32  ? 134 GLN A O   1 
ATOM   709  C CB  . GLN A 1 98  ? -5.097  -16.544 2.239   1.00 5.94  ? 134 GLN A CB  1 
ATOM   710  C CG  . GLN A 1 98  ? -6.099  -15.429 2.422   1.00 7.98  ? 134 GLN A CG  1 
ATOM   711  C CD  . GLN A 1 98  ? -5.839  -14.631 3.696   1.00 6.55  ? 134 GLN A CD  1 
ATOM   712  O OE1 . GLN A 1 98  ? -4.749  -14.648 4.264   1.00 7.45  ? 134 GLN A OE1 1 
ATOM   713  N NE2 . GLN A 1 98  ? -6.795  -13.843 4.192   1.00 10.16 ? 134 GLN A NE2 1 
ATOM   714  N N   . ALA A 1 99  ? -6.675  -16.614 -0.776  1.00 5.74  ? 135 ALA A N   1 
ATOM   715  C CA  . ALA A 1 99  ? -6.998  -15.857 -1.973  1.00 6.07  ? 135 ALA A CA  1 
ATOM   716  C C   . ALA A 1 99  ? -6.989  -14.370 -1.586  1.00 6.76  ? 135 ALA A C   1 
ATOM   717  O O   . ALA A 1 99  ? -7.645  -13.990 -0.598  1.00 7.89  ? 135 ALA A O   1 
ATOM   718  C CB  . ALA A 1 99  ? -8.370  -16.289 -2.445  1.00 7.31  ? 135 ALA A CB  1 
ATOM   719  N N   . ILE A 1 100 ? -6.194  -13.548 -2.251  1.00 4.50  ? 136 ILE A N   1 
ATOM   720  C CA  . ILE A 1 100 ? -6.065  -12.130 -1.910  1.00 4.98  ? 136 ILE A CA  1 
ATOM   721  C C   . ILE A 1 100 ? -6.319  -11.284 -3.164  1.00 5.10  ? 136 ILE A C   1 
ATOM   722  O O   . ILE A 1 100 ? -6.311  -11.792 -4.295  1.00 5.54  ? 136 ILE A O   1 
ATOM   723  C CB  A ILE A 1 100 ? -4.618  -11.990 -1.328  0.50 5.23  ? 136 ILE A CB  1 
ATOM   724  C CB  B ILE A 1 100 ? -4.639  -11.786 -1.325  0.50 4.88  ? 136 ILE A CB  1 
ATOM   725  C CG1 A ILE A 1 100 ? -4.384  -10.628 -0.724  0.50 5.30  ? 136 ILE A CG1 1 
ATOM   726  C CG1 B ILE A 1 100 ? -3.496  -12.188 -2.261  0.50 6.51  ? 136 ILE A CG1 1 
ATOM   727  C CG2 A ILE A 1 100 ? -3.601  -12.271 -2.458  0.50 6.28  ? 136 ILE A CG2 1 
ATOM   728  C CG2 B ILE A 1 100 ? -4.484  -12.518 0.001   0.50 5.74  ? 136 ILE A CG2 1 
ATOM   729  C CD1 A ILE A 1 100 ? -3.143  -10.661 0.196   0.50 3.94  ? 136 ILE A CD1 1 
ATOM   730  C CD1 B ILE A 1 100 ? -2.962  -11.020 -3.103  0.50 4.75  ? 136 ILE A CD1 1 
ATOM   731  N N   . LYS A 1 101 ? -6.547  -9.988  -2.959  1.00 5.31  ? 137 LYS A N   1 
ATOM   732  C CA  . LYS A 1 101 ? -6.621  -9.051  -4.056  1.00 6.02  ? 137 LYS A CA  1 
ATOM   733  C C   . LYS A 1 101 ? -5.706  -7.900  -3.693  1.00 4.87  ? 137 LYS A C   1 
ATOM   734  O O   . LYS A 1 101 ? -5.380  -7.656  -2.509  1.00 5.07  ? 137 LYS A O   1 
ATOM   735  C CB  . LYS A 1 101 ? -8.042  -8.515  -4.248  1.00 8.11  ? 137 LYS A CB  1 
ATOM   736  C CG  . LYS A 1 101 ? -9.072  -9.537  -4.640  1.00 11.70 ? 137 LYS A CG  1 
ATOM   737  C CD  . LYS A 1 101 ? -10.340 -8.870  -5.094  1.00 14.61 ? 137 LYS A CD  1 
ATOM   738  C CE  . LYS A 1 101 ? -11.443 -9.881  -5.378  1.00 17.40 ? 137 LYS A CE  1 
ATOM   739  N NZ  . LYS A 1 101 ? -10.943 -11.106 -5.999  1.00 20.43 ? 137 LYS A NZ  1 
ATOM   740  N N   . LYS A 1 102 ? -5.201  -7.238  -4.731  1.00 2.90  ? 138 LYS A N   1 
ATOM   741  C CA  . LYS A 1 102 ? -4.488  -6.006  -4.498  1.00 3.47  ? 138 LYS A CA  1 
ATOM   742  C C   . LYS A 1 102 ? -5.094  -4.955  -5.391  1.00 4.83  ? 138 LYS A C   1 
ATOM   743  O O   . LYS A 1 102 ? -5.515  -5.235  -6.532  1.00 5.56  ? 138 LYS A O   1 
ATOM   744  C CB  . LYS A 1 102 ? -2.970  -6.202  -4.792  1.00 5.67  ? 138 LYS A CB  1 
ATOM   745  C CG  . LYS A 1 102 ? -2.434  -6.179  -6.233  1.00 5.94  ? 138 LYS A CG  1 
ATOM   746  C CD  . LYS A 1 102 ? -1.998  -4.720  -6.622  1.00 6.69  ? 138 LYS A CD  1 
ATOM   747  C CE  . LYS A 1 102 ? -2.188  -4.372  -8.097  1.00 4.74  ? 138 LYS A CE  1 
ATOM   748  N NZ  . LYS A 1 102 ? -3.462  -4.748  -8.668  1.00 4.41  ? 138 LYS A NZ  1 
ATOM   749  N N   . SER A 1 103 ? -5.123  -3.730  -4.863  1.00 4.74  ? 139 SER A N   1 
ATOM   750  C CA  . SER A 1 103 ? -5.617  -2.599  -5.618  1.00 3.29  ? 139 SER A CA  1 
ATOM   751  C C   . SER A 1 103 ? -4.516  -1.544  -5.583  1.00 2.67  ? 139 SER A C   1 
ATOM   752  O O   . SER A 1 103 ? -3.998  -1.153  -4.529  1.00 3.31  ? 139 SER A O   1 
ATOM   753  C CB  . SER A 1 103 ? -6.905  -2.061  -4.988  1.00 4.79  ? 139 SER A CB  1 
ATOM   754  O OG  . SER A 1 103 ? -7.367  -0.850  -5.603  1.00 3.37  ? 139 SER A OG  1 
ATOM   755  N N   . GLY A 1 104 ? -4.097  -1.123  -6.789  1.00 3.85  ? 140 GLY A N   1 
ATOM   756  C CA  . GLY A 1 104 ? -3.096  -0.093  -6.929  1.00 3.02  ? 140 GLY A CA  1 
ATOM   757  C C   . GLY A 1 104 ? -3.464  0.741   -8.143  1.00 2.49  ? 140 GLY A C   1 
ATOM   758  O O   . GLY A 1 104 ? -4.311  0.360   -8.984  1.00 2.54  ? 140 GLY A O   1 
ATOM   759  N N   . SER A 1 105 ? -2.751  1.840   -8.312  1.00 3.21  ? 141 SER A N   1 
ATOM   760  C CA  . SER A 1 105 ? -3.155  2.788   -9.355  1.00 3.56  ? 141 SER A CA  1 
ATOM   761  C C   . SER A 1 105 ? -2.727  2.494   -10.784 1.00 5.45  ? 141 SER A C   1 
ATOM   762  O O   . SER A 1 105 ? -3.216  3.138   -11.726 1.00 5.59  ? 141 SER A O   1 
ATOM   763  C CB  . SER A 1 105 ? -2.702  4.212   -8.958  1.00 4.14  ? 141 SER A CB  1 
ATOM   764  O OG  . SER A 1 105 ? -1.296  4.367   -8.862  1.00 6.81  ? 141 SER A OG  1 
ATOM   765  N N   . THR A 1 106 ? -1.828  1.517   -10.963 1.00 4.78  ? 142 THR A N   1 
ATOM   766  C CA  . THR A 1 106 ? -1.453  1.135   -12.324 1.00 5.12  ? 142 THR A CA  1 
ATOM   767  C C   . THR A 1 106 ? -2.293  -0.055  -12.795 1.00 5.03  ? 142 THR A C   1 
ATOM   768  O O   . THR A 1 106 ? -2.943  0.044   -13.842 1.00 5.86  ? 142 THR A O   1 
ATOM   769  C CB  . THR A 1 106 ? 0.036   0.771   -12.385 1.00 3.61  ? 142 THR A CB  1 
ATOM   770  O OG1 . THR A 1 106 ? 0.756   1.915   -11.970 1.00 6.31  ? 142 THR A OG1 1 
ATOM   771  C CG2 . THR A 1 106 ? 0.519   0.398   -13.780 1.00 6.89  ? 142 THR A CG2 1 
ATOM   772  N N   . THR A 1 107 ? -2.352  -1.198  -12.090 1.00 4.98  ? 143 THR A N   1 
ATOM   773  C CA  . THR A 1 107 ? -3.062  -2.371  -12.606 1.00 3.52  ? 143 THR A CA  1 
ATOM   774  C C   . THR A 1 107 ? -4.425  -2.551  -12.007 1.00 4.74  ? 143 THR A C   1 
ATOM   775  O O   . THR A 1 107 ? -5.053  -3.587  -12.234 1.00 6.06  ? 143 THR A O   1 
ATOM   776  C CB  . THR A 1 107 ? -2.206  -3.636  -12.365 1.00 2.25  ? 143 THR A CB  1 
ATOM   777  O OG1 . THR A 1 107 ? -1.913  -3.730  -10.978 1.00 2.11  ? 143 THR A OG1 1 
ATOM   778  C CG2 . THR A 1 107 ? -0.926  -3.563  -13.163 1.00 3.47  ? 143 THR A CG2 1 
ATOM   779  N N   . LYS A 1 108 ? -4.878  -1.546  -11.233 1.00 3.69  ? 156 LYS A N   1 
ATOM   780  C CA  . LYS A 1 108 ? -6.183  -1.527  -10.591 1.00 4.22  ? 156 LYS A CA  1 
ATOM   781  C C   . LYS A 1 108 ? -6.361  -2.780  -9.734  1.00 3.76  ? 156 LYS A C   1 
ATOM   782  O O   . LYS A 1 108 ? -5.449  -3.013  -8.947  1.00 4.58  ? 156 LYS A O   1 
ATOM   783  C CB  . LYS A 1 108 ? -7.248  -1.373  -11.690 1.00 6.50  ? 156 LYS A CB  1 
ATOM   784  C CG  . LYS A 1 108 ? -7.020  -0.001  -12.321 1.00 10.37 ? 156 LYS A CG  1 
ATOM   785  C CD  . LYS A 1 108 ? -7.883  0.141   -13.542 1.00 16.22 ? 156 LYS A CD  1 
ATOM   786  C CE  . LYS A 1 108 ? -7.645  1.557   -14.034 1.00 18.58 ? 156 LYS A CE  1 
ATOM   787  N NZ  . LYS A 1 108 ? -7.863  1.666   -15.462 1.00 21.95 ? 156 LYS A NZ  1 
ATOM   788  N N   . VAL A 1 109 ? -7.414  -3.572  -9.790  1.00 2.00  ? 157 VAL A N   1 
ATOM   789  C CA  . VAL A 1 109 ? -7.555  -4.735  -8.921  1.00 3.68  ? 157 VAL A CA  1 
ATOM   790  C C   . VAL A 1 109 ? -7.086  -5.987  -9.671  1.00 3.29  ? 157 VAL A C   1 
ATOM   791  O O   . VAL A 1 109 ? -7.600  -6.266  -10.766 1.00 5.65  ? 157 VAL A O   1 
ATOM   792  C CB  . VAL A 1 109 ? -9.044  -4.895  -8.491  1.00 4.90  ? 157 VAL A CB  1 
ATOM   793  C CG1 . VAL A 1 109 ? -9.197  -6.057  -7.516  1.00 6.21  ? 157 VAL A CG1 1 
ATOM   794  C CG2 . VAL A 1 109 ? -9.539  -3.622  -7.814  1.00 4.01  ? 157 VAL A CG2 1 
ATOM   795  N N   . THR A 1 110 ? -6.163  -6.759  -9.097  1.00 4.25  ? 158 THR A N   1 
ATOM   796  C CA  . THR A 1 110 ? -5.814  -8.059  -9.655  1.00 3.86  ? 158 THR A CA  1 
ATOM   797  C C   . THR A 1 110 ? -5.948  -9.060  -8.502  1.00 4.64  ? 158 THR A C   1 
ATOM   798  O O   . THR A 1 110 ? -6.072  -8.613  -7.339  1.00 3.98  ? 158 THR A O   1 
ATOM   799  C CB  . THR A 1 110 ? -4.369  -8.035  -10.217 1.00 3.09  ? 158 THR A CB  1 
ATOM   800  O OG1 . THR A 1 110 ? -3.530  -7.612  -9.161  1.00 2.82  ? 158 THR A OG1 1 
ATOM   801  C CG2 . THR A 1 110 ? -4.179  -7.103  -11.433 1.00 2.45  ? 158 THR A CG2 1 
ATOM   802  N N   . SER A 1 111 ? -5.905  -10.367 -8.751  1.00 5.77  ? 159 SER A N   1 
ATOM   803  C CA  . SER A 1 111 ? -6.104  -11.320 -7.665  1.00 6.53  ? 159 SER A CA  1 
ATOM   804  C C   . SER A 1 111 ? -5.047  -12.398 -7.728  1.00 6.51  ? 159 SER A C   1 
ATOM   805  O O   . SER A 1 111 ? -4.366  -12.592 -8.749  1.00 6.36  ? 159 SER A O   1 
ATOM   806  C CB  A SER A 1 111 ? -7.484  -11.965 -7.717  0.50 7.02  ? 159 SER A CB  1 
ATOM   807  C CB  B SER A 1 111 ? -7.512  -11.883 -7.822  0.50 7.19  ? 159 SER A CB  1 
ATOM   808  O OG  A SER A 1 111 ? -7.861  -12.458 -8.980  0.50 7.46  ? 159 SER A OG  1 
ATOM   809  O OG  B SER A 1 111 ? -8.539  -10.879 -7.735  0.50 9.69  ? 159 SER A OG  1 
ATOM   810  N N   . GLY A 1 112 ? -4.827  -13.076 -6.625  1.00 7.20  ? 160 GLY A N   1 
ATOM   811  C CA  . GLY A 1 112 ? -3.820  -14.099 -6.592  1.00 7.46  ? 160 GLY A CA  1 
ATOM   812  C C   . GLY A 1 112 ? -3.963  -14.879 -5.290  1.00 7.90  ? 160 GLY A C   1 
ATOM   813  O O   . GLY A 1 112 ? -4.920  -14.704 -4.539  1.00 7.84  ? 160 GLY A O   1 
ATOM   814  N N   . THR A 1 113 ? -3.000  -15.743 -5.046  1.00 7.24  ? 161 THR A N   1 
ATOM   815  C CA  . THR A 1 113 ? -2.909  -16.603 -3.889  1.00 8.12  ? 161 THR A CA  1 
ATOM   816  C C   . THR A 1 113 ? -1.611  -16.339 -3.166  1.00 6.25  ? 161 THR A C   1 
ATOM   817  O O   . THR A 1 113 ? -0.580  -16.111 -3.797  1.00 6.51  ? 161 THR A O   1 
ATOM   818  C CB  . THR A 1 113 ? -2.951  -18.057 -4.349  1.00 9.04  ? 161 THR A CB  1 
ATOM   819  O OG1 . THR A 1 113 ? -4.269  -18.207 -4.866  1.00 11.87 ? 161 THR A OG1 1 
ATOM   820  C CG2 . THR A 1 113 ? -2.707  -19.093 -3.250  1.00 9.51  ? 161 THR A CG2 1 
ATOM   821  N N   . VAL A 1 114 ? -1.625  -16.336 -1.831  1.00 6.78  ? 162 VAL A N   1 
ATOM   822  C CA  . VAL A 1 114 ? -0.407  -16.171 -1.032  1.00 6.12  ? 162 VAL A CA  1 
ATOM   823  C C   . VAL A 1 114 ? 0.423   -17.443 -1.132  1.00 6.64  ? 162 VAL A C   1 
ATOM   824  O O   . VAL A 1 114 ? -0.128  -18.498 -0.813  1.00 7.30  ? 162 VAL A O   1 
ATOM   825  C CB  . VAL A 1 114 ? -0.739  -15.923 0.478   1.00 7.13  ? 162 VAL A CB  1 
ATOM   826  C CG1 . VAL A 1 114 ? 0.528   -15.871 1.335   1.00 5.72  ? 162 VAL A CG1 1 
ATOM   827  C CG2 . VAL A 1 114 ? -1.517  -14.626 0.583   1.00 6.38  ? 162 VAL A CG2 1 
ATOM   828  N N   . THR A 1 115 ? 1.687   -17.422 -1.526  1.00 5.76  ? 163 THR A N   1 
ATOM   829  C CA  . THR A 1 115 ? 2.460   -18.654 -1.598  1.00 7.20  ? 163 THR A CA  1 
ATOM   830  C C   . THR A 1 115 ? 3.470   -18.810 -0.474  1.00 6.93  ? 163 THR A C   1 
ATOM   831  O O   . THR A 1 115 ? 3.896   -19.938 -0.187  1.00 6.14  ? 163 THR A O   1 
ATOM   832  C CB  . THR A 1 115 ? 3.166   -18.689 -2.958  1.00 6.70  ? 163 THR A CB  1 
ATOM   833  O OG1 . THR A 1 115 ? 3.806   -17.427 -3.043  1.00 9.63  ? 163 THR A OG1 1 
ATOM   834  C CG2 . THR A 1 115 ? 2.249   -18.898 -4.164  1.00 8.74  ? 163 THR A CG2 1 
ATOM   835  N N   . ALA A 1 116 ? 3.885   -17.739 0.206   1.00 6.57  ? 164 ALA A N   1 
ATOM   836  C CA  . ALA A 1 116 ? 4.839   -17.812 1.303   1.00 7.04  ? 164 ALA A CA  1 
ATOM   837  C C   . ALA A 1 116 ? 4.762   -16.559 2.145   1.00 8.00  ? 164 ALA A C   1 
ATOM   838  O O   . ALA A 1 116 ? 4.415   -15.470 1.676   1.00 6.96  ? 164 ALA A O   1 
ATOM   839  C CB  . ALA A 1 116 ? 6.291   -17.930 0.819   1.00 6.50  ? 164 ALA A CB  1 
ATOM   840  N N   . VAL A 1 117 ? 5.013   -16.738 3.440   1.00 6.76  ? 165 VAL A N   1 
ATOM   841  C CA  . VAL A 1 117 ? 4.996   -15.680 4.451   1.00 7.93  ? 165 VAL A CA  1 
ATOM   842  C C   . VAL A 1 117 ? 6.386   -15.610 5.104   1.00 8.79  ? 165 VAL A C   1 
ATOM   843  O O   . VAL A 1 117 ? 7.161   -16.578 5.016   1.00 10.20 ? 165 VAL A O   1 
ATOM   844  C CB  A VAL A 1 117 ? 3.929   -15.937 5.547   0.50 7.44  ? 165 VAL A CB  1 
ATOM   845  C CB  B VAL A 1 117 ? 3.846   -16.076 5.426   0.50 8.49  ? 165 VAL A CB  1 
ATOM   846  C CG1 A VAL A 1 117 ? 2.549   -15.816 4.927   0.50 6.76  ? 165 VAL A CG1 1 
ATOM   847  C CG1 B VAL A 1 117 ? 3.863   -15.227 6.669   0.50 10.08 ? 165 VAL A CG1 1 
ATOM   848  C CG2 A VAL A 1 117 ? 4.139   -17.315 6.184   0.50 6.51  ? 165 VAL A CG2 1 
ATOM   849  C CG2 B VAL A 1 117 ? 2.508   -15.866 4.743   0.50 8.31  ? 165 VAL A CG2 1 
ATOM   850  N N   . ASN A 1 118 ? 6.756   -14.471 5.695   1.00 10.35 ? 166 ASN A N   1 
ATOM   851  C CA  . ASN A 1 118 ? 8.021   -14.290 6.371   1.00 12.08 ? 166 ASN A CA  1 
ATOM   852  C C   . ASN A 1 118 ? 9.255   -14.454 5.487   1.00 12.41 ? 166 ASN A C   1 
ATOM   853  O O   . ASN A 1 118 ? 10.296  -14.943 5.932   1.00 13.33 ? 166 ASN A O   1 
ATOM   854  C CB  . ASN A 1 118 ? 8.092   -15.255 7.552   1.00 16.85 ? 166 ASN A CB  1 
ATOM   855  C CG  . ASN A 1 118 ? 7.787   -14.469 8.810   1.00 21.21 ? 166 ASN A CG  1 
ATOM   856  O OD1 . ASN A 1 118 ? 6.632   -14.091 9.113   1.00 22.41 ? 166 ASN A OD1 1 
ATOM   857  N ND2 . ASN A 1 118 ? 8.840   -14.065 9.531   1.00 22.93 ? 166 ASN A ND2 1 
ATOM   858  N N   . VAL A 1 119 ? 9.176   -13.832 4.356   1.00 10.07 ? 167 VAL A N   1 
ATOM   859  C CA  . VAL A 1 119 ? 10.161  -13.944 3.284   1.00 11.39 ? 167 VAL A CA  1 
ATOM   860  C C   . VAL A 1 119 ? 11.140  -12.783 3.305   1.00 10.11 ? 167 VAL A C   1 
ATOM   861  O O   . VAL A 1 119 ? 10.716  -11.660 3.539   1.00 8.22  ? 167 VAL A O   1 
ATOM   862  C CB  . VAL A 1 119 ? 9.386   -13.977 1.940   1.00 12.86 ? 167 VAL A CB  1 
ATOM   863  C CG1 . VAL A 1 119 ? 10.286  -13.811 0.734   1.00 15.53 ? 167 VAL A CG1 1 
ATOM   864  C CG2 . VAL A 1 119 ? 8.700   -15.305 1.847   1.00 13.39 ? 167 VAL A CG2 1 
ATOM   865  N N   . THR A 1 120 ? 12.440  -12.996 3.101   1.00 10.97 ? 168 THR A N   1 
ATOM   866  C CA  . THR A 1 120 ? 13.341  -11.870 2.933   1.00 10.97 ? 168 THR A CA  1 
ATOM   867  C C   . THR A 1 120 ? 13.486  -11.756 1.419   1.00 12.04 ? 168 THR A C   1 
ATOM   868  O O   . THR A 1 120 ? 13.505  -12.737 0.649   1.00 11.33 ? 168 THR A O   1 
ATOM   869  C CB  A THR A 1 120 ? 14.750  -12.139 3.489   0.50 10.43 ? 168 THR A CB  1 
ATOM   870  C CB  B THR A 1 120 ? 14.680  -12.141 3.727   0.50 12.16 ? 168 THR A CB  1 
ATOM   871  O OG1 A THR A 1 120 ? 14.634  -12.552 4.855   0.50 8.32  ? 168 THR A OG1 1 
ATOM   872  O OG1 B THR A 1 120 ? 15.682  -11.249 3.254   0.50 12.89 ? 168 THR A OG1 1 
ATOM   873  C CG2 A THR A 1 120 ? 15.631  -10.901 3.369   0.50 10.92 ? 168 THR A CG2 1 
ATOM   874  C CG2 B THR A 1 120 ? 15.112  -13.576 3.635   0.50 14.36 ? 168 THR A CG2 1 
ATOM   875  N N   . VAL A 1 121 ? 13.350  -10.483 1.031   1.00 11.35 ? 169 VAL A N   1 
ATOM   876  C CA  . VAL A 1 121 ? 13.400  -10.004 -0.344  1.00 11.85 ? 169 VAL A CA  1 
ATOM   877  C C   . VAL A 1 121 ? 14.597  -9.059  -0.486  1.00 12.53 ? 169 VAL A C   1 
ATOM   878  O O   . VAL A 1 121 ? 14.781  -8.085  0.248   1.00 11.76 ? 169 VAL A O   1 
ATOM   879  C CB  . VAL A 1 121 ? 12.065  -9.276  -0.669  1.00 11.80 ? 169 VAL A CB  1 
ATOM   880  C CG1 . VAL A 1 121 ? 12.068  -8.700  -2.077  1.00 13.07 ? 169 VAL A CG1 1 
ATOM   881  C CG2 . VAL A 1 121 ? 10.925  -10.286 -0.593  1.00 11.81 ? 169 VAL A CG2 1 
ATOM   882  N N   . ASN A 1 122 ? 15.465  -9.309  -1.470  1.00 14.48 ? 170 ASN A N   1 
ATOM   883  C CA  . ASN A 1 122 ? 16.640  -8.464  -1.671  1.00 14.75 ? 170 ASN A CA  1 
ATOM   884  C C   . ASN A 1 122 ? 16.327  -7.503  -2.784  1.00 13.71 ? 170 ASN A C   1 
ATOM   885  O O   . ASN A 1 122 ? 16.030  -7.908  -3.913  1.00 15.15 ? 170 ASN A O   1 
ATOM   886  C CB  . ASN A 1 122 ? 17.845  -9.284  -2.067  1.00 16.68 ? 170 ASN A CB  1 
ATOM   887  C CG  . ASN A 1 122 ? 18.221  -10.235 -0.952  1.00 18.98 ? 170 ASN A CG  1 
ATOM   888  O OD1 . ASN A 1 122 ? 17.658  -11.319 -0.818  1.00 21.36 ? 170 ASN A OD1 1 
ATOM   889  N ND2 . ASN A 1 122 ? 19.148  -9.883  -0.079  1.00 21.20 ? 170 ASN A ND2 1 
ATOM   890  N N   . TYR A 1 123 ? 16.201  -6.239  -2.464  1.00 12.00 ? 171 TYR A N   1 
ATOM   891  C CA  . TYR A 1 123 ? 16.046  -5.286  -3.542  1.00 9.93  ? 171 TYR A CA  1 
ATOM   892  C C   . TYR A 1 123 ? 17.434  -4.719  -3.796  1.00 9.12  ? 171 TYR A C   1 
ATOM   893  O O   . TYR A 1 123 ? 18.358  -4.993  -3.027  1.00 9.35  ? 171 TYR A O   1 
ATOM   894  C CB  . TYR A 1 123 ? 15.098  -4.186  -3.123  1.00 8.51  ? 171 TYR A CB  1 
ATOM   895  C CG  . TYR A 1 123 ? 13.641  -4.579  -3.094  1.00 7.49  ? 171 TYR A CG  1 
ATOM   896  C CD1 . TYR A 1 123 ? 13.066  -5.308  -4.118  1.00 6.52  ? 171 TYR A CD1 1 
ATOM   897  C CD2 . TYR A 1 123 ? 12.884  -4.148  -2.019  1.00 6.37  ? 171 TYR A CD2 1 
ATOM   898  C CE1 . TYR A 1 123 ? 11.695  -5.569  -4.084  1.00 6.64  ? 171 TYR A CE1 1 
ATOM   899  C CE2 . TYR A 1 123 ? 11.533  -4.401  -1.985  1.00 6.27  ? 171 TYR A CE2 1 
ATOM   900  C CZ  . TYR A 1 123 ? 10.955  -5.121  -3.009  1.00 7.19  ? 171 TYR A CZ  1 
ATOM   901  O OH  . TYR A 1 123 ? 9.599   -5.354  -2.989  1.00 8.27  ? 171 TYR A OH  1 
ATOM   902  N N   . GLY A 1 124 ? 17.603  -3.872  -4.821  1.00 11.23 ? 172 GLY A N   1 
ATOM   903  C CA  . GLY A 1 124 ? 18.890  -3.237  -5.106  1.00 10.95 ? 172 GLY A CA  1 
ATOM   904  C C   . GLY A 1 124 ? 19.281  -2.374  -3.923  1.00 11.30 ? 172 GLY A C   1 
ATOM   905  O O   . GLY A 1 124 ? 20.440  -2.372  -3.555  1.00 10.80 ? 172 GLY A O   1 
ATOM   906  N N   . ASP A 1 125 ? 18.332  -1.693  -3.260  1.00 11.44 ? 173 ASP A N   1 
ATOM   907  C CA  . ASP A 1 125 ? 18.635  -0.863  -2.101  1.00 12.32 ? 173 ASP A CA  1 
ATOM   908  C C   . ASP A 1 125 ? 18.975  -1.627  -0.836  1.00 12.60 ? 173 ASP A C   1 
ATOM   909  O O   . ASP A 1 125 ? 19.495  -1.065  0.141   1.00 12.77 ? 173 ASP A O   1 
ATOM   910  C CB  A ASP A 1 125 ? 17.470  0.073   -1.812  0.50 11.99 ? 173 ASP A CB  1 
ATOM   911  C CB  B ASP A 1 125 ? 17.448  0.046   -1.746  0.50 13.60 ? 173 ASP A CB  1 
ATOM   912  C CG  A ASP A 1 125 ? 17.608  1.442   -2.482  0.50 13.42 ? 173 ASP A CG  1 
ATOM   913  C CG  B ASP A 1 125 ? 17.238  1.354   -2.519  0.50 16.19 ? 173 ASP A CG  1 
ATOM   914  O OD1 A ASP A 1 125 ? 18.460  1.602   -3.362  0.50 11.71 ? 173 ASP A OD1 1 
ATOM   915  O OD1 B ASP A 1 125 ? 16.654  1.318   -3.605  0.50 16.63 ? 173 ASP A OD1 1 
ATOM   916  O OD2 A ASP A 1 125 ? 16.859  2.357   -2.118  0.50 12.93 ? 173 ASP A OD2 1 
ATOM   917  O OD2 B ASP A 1 125 ? 17.607  2.420   -2.010  0.50 16.48 ? 173 ASP A OD2 1 
ATOM   918  N N   . GLY A 1 126 ? 18.641  -2.912  -0.807  1.00 11.92 ? 175 GLY A N   1 
ATOM   919  C CA  . GLY A 1 126 ? 18.878  -3.648  0.413   1.00 12.48 ? 175 GLY A CA  1 
ATOM   920  C C   . GLY A 1 126 ? 17.776  -4.652  0.667   1.00 11.87 ? 175 GLY A C   1 
ATOM   921  O O   . GLY A 1 126 ? 16.769  -4.692  -0.055  1.00 12.14 ? 175 GLY A O   1 
ATOM   922  N N   . PRO A 1 127 ? 17.959  -5.539  1.654   1.00 11.68 ? 176 PRO A N   1 
ATOM   923  C CA  . PRO A 1 127 ? 16.943  -6.523  1.998   1.00 10.97 ? 176 PRO A CA  1 
ATOM   924  C C   . PRO A 1 127 ? 15.765  -5.947  2.769   1.00 9.34  ? 176 PRO A C   1 
ATOM   925  O O   . PRO A 1 127 ? 15.920  -5.007  3.564   1.00 7.63  ? 176 PRO A O   1 
ATOM   926  C CB  . PRO A 1 127 ? 17.748  -7.569  2.756   1.00 11.40 ? 176 PRO A CB  1 
ATOM   927  C CG  . PRO A 1 127 ? 18.808  -6.771  3.479   1.00 11.12 ? 176 PRO A CG  1 
ATOM   928  C CD  . PRO A 1 127 ? 19.213  -5.762  2.385   1.00 11.80 ? 176 PRO A CD  1 
ATOM   929  N N   . VAL A 1 128 ? 14.574  -6.459  2.518   1.00 9.92  ? 177 VAL A N   1 
ATOM   930  C CA  . VAL A 1 128 ? 13.383  -6.126  3.302   1.00 10.13 ? 177 VAL A CA  1 
ATOM   931  C C   . VAL A 1 128 ? 12.940  -7.480  3.853   1.00 9.66  ? 177 VAL A C   1 
ATOM   932  O O   . VAL A 1 128 ? 12.927  -8.503  3.163   1.00 10.18 ? 177 VAL A O   1 
ATOM   933  C CB  A VAL A 1 128 ? 12.224  -5.469  2.482   0.50 10.02 ? 177 VAL A CB  1 
ATOM   934  C CB  B VAL A 1 128 ? 12.323  -5.502  2.366   0.50 10.06 ? 177 VAL A CB  1 
ATOM   935  C CG1 A VAL A 1 128 ? 12.672  -4.067  2.110   0.50 10.41 ? 177 VAL A CG1 1 
ATOM   936  C CG1 B VAL A 1 128 ? 11.103  -5.131  3.180   0.50 10.16 ? 177 VAL A CG1 1 
ATOM   937  C CG2 A VAL A 1 128 ? 11.880  -6.208  1.215   0.50 8.69  ? 177 VAL A CG2 1 
ATOM   938  C CG2 B VAL A 1 128 ? 12.832  -4.225  1.710   0.50 10.09 ? 177 VAL A CG2 1 
ATOM   939  N N   . TYR A 1 129 ? 12.581  -7.475  5.122   1.00 9.39  ? 178 TYR A N   1 
ATOM   940  C CA  . TYR A 1 129 ? 12.334  -8.701  5.868   1.00 9.91  ? 178 TYR A CA  1 
ATOM   941  C C   . TYR A 1 129 ? 10.856  -8.917  6.097   1.00 9.57  ? 178 TYR A C   1 
ATOM   942  O O   . TYR A 1 129 ? 10.063  -7.978  5.997   1.00 7.66  ? 178 TYR A O   1 
ATOM   943  C CB  . TYR A 1 129 ? 13.060  -8.589  7.206   1.00 11.93 ? 178 TYR A CB  1 
ATOM   944  C CG  . TYR A 1 129 ? 14.562  -8.369  7.059   1.00 14.63 ? 178 TYR A CG  1 
ATOM   945  C CD1 . TYR A 1 129 ? 15.339  -9.415  6.607   1.00 16.00 ? 178 TYR A CD1 1 
ATOM   946  C CD2 . TYR A 1 129 ? 15.138  -7.148  7.373   1.00 15.26 ? 178 TYR A CD2 1 
ATOM   947  C CE1 . TYR A 1 129 ? 16.703  -9.254  6.472   1.00 17.04 ? 178 TYR A CE1 1 
ATOM   948  C CE2 . TYR A 1 129 ? 16.505  -6.980  7.238   1.00 16.51 ? 178 TYR A CE2 1 
ATOM   949  C CZ  . TYR A 1 129 ? 17.277  -8.038  6.789   1.00 17.15 ? 178 TYR A CZ  1 
ATOM   950  O OH  . TYR A 1 129 ? 18.658  -7.891  6.669   1.00 19.66 ? 178 TYR A OH  1 
ATOM   951  N N   . ASN A 1 130 ? 10.492  -10.169 6.430   1.00 8.21  ? 179 ASN A N   1 
ATOM   952  C CA  . ASN A 1 130 ? 9.144   -10.587 6.850   1.00 8.42  ? 179 ASN A CA  1 
ATOM   953  C C   . ASN A 1 130 ? 8.039   -10.232 5.840   1.00 6.89  ? 179 ASN A C   1 
ATOM   954  O O   . ASN A 1 130 ? 6.900   -9.833  6.149   1.00 6.68  ? 179 ASN A O   1 
ATOM   955  C CB  A ASN A 1 130 ? 8.851   -9.991  8.233   0.50 9.02  ? 179 ASN A CB  1 
ATOM   956  C CB  B ASN A 1 130 ? 8.850   -10.063 8.244   0.50 9.85  ? 179 ASN A CB  1 
ATOM   957  C CG  A ASN A 1 130 ? 7.507   -10.303 8.897   0.50 9.67  ? 179 ASN A CG  1 
ATOM   958  C CG  B ASN A 1 130 ? 9.424   -10.899 9.393   0.50 11.94 ? 179 ASN A CG  1 
ATOM   959  O OD1 A ASN A 1 130 ? 7.101   -11.448 9.125   0.50 10.93 ? 179 ASN A OD1 1 
ATOM   960  O OD1 B ASN A 1 130 ? 10.512  -11.482 9.357   0.50 11.77 ? 179 ASN A OD1 1 
ATOM   961  N ND2 A ASN A 1 130 ? 6.715   -9.304  9.223   0.50 12.07 ? 179 ASN A ND2 1 
ATOM   962  N ND2 B ASN A 1 130 ? 8.676   -10.963 10.496  0.50 14.72 ? 179 ASN A ND2 1 
ATOM   963  N N   . MET A 1 131 ? 8.331   -10.449 4.559   1.00 5.32  ? 180 MET A N   1 
ATOM   964  C CA  . MET A 1 131 ? 7.404   -10.091 3.497   1.00 4.60  ? 180 MET A CA  1 
ATOM   965  C C   . MET A 1 131 ? 6.527   -11.266 3.137   1.00 4.86  ? 180 MET A C   1 
ATOM   966  O O   . MET A 1 131 ? 6.757   -12.382 3.617   1.00 5.65  ? 180 MET A O   1 
ATOM   967  C CB  . MET A 1 131 ? 8.210   -9.610  2.288   1.00 4.71  ? 180 MET A CB  1 
ATOM   968  C CG  . MET A 1 131 ? 9.146   -8.449  2.638   1.00 4.48  ? 180 MET A CG  1 
ATOM   969  S SD  . MET A 1 131 ? 8.293   -6.951  3.235   1.00 9.68  ? 180 MET A SD  1 
ATOM   970  C CE  . MET A 1 131 ? 7.806   -6.344  1.654   1.00 8.02  ? 180 MET A CE  1 
ATOM   971  N N   . VAL A 1 132 ? 5.514   -11.035 2.322   1.00 3.48  ? 181 VAL A N   1 
ATOM   972  C CA  . VAL A 1 132 ? 4.564   -12.044 1.909   1.00 3.66  ? 181 VAL A CA  1 
ATOM   973  C C   . VAL A 1 132 ? 4.582   -12.116 0.377   1.00 4.02  ? 181 VAL A C   1 
ATOM   974  O O   . VAL A 1 132 ? 4.449   -11.057 -0.259  1.00 3.48  ? 181 VAL A O   1 
ATOM   975  C CB  . VAL A 1 132 ? 3.147   -11.659 2.422   1.00 3.58  ? 181 VAL A CB  1 
ATOM   976  C CG1 . VAL A 1 132 ? 2.117   -12.657 1.933   1.00 4.32  ? 181 VAL A CG1 1 
ATOM   977  C CG2 . VAL A 1 132 ? 3.195   -11.571 3.951   1.00 5.47  ? 181 VAL A CG2 1 
ATOM   978  N N   . ARG A 1 133 ? 4.739   -13.318 -0.208  1.00 3.95  ? 182 ARG A N   1 
ATOM   979  C CA  . ARG A 1 133 ? 4.745   -13.479 -1.665  1.00 4.38  ? 182 ARG A CA  1 
ATOM   980  C C   . ARG A 1 133 ? 3.379   -13.910 -2.140  1.00 3.80  ? 182 ARG A C   1 
ATOM   981  O O   . ARG A 1 133 ? 2.725   -14.733 -1.473  1.00 3.91  ? 182 ARG A O   1 
ATOM   982  C CB  . ARG A 1 133 ? 5.638   -14.561 -2.117  1.00 4.37  ? 182 ARG A CB  1 
ATOM   983  C CG  . ARG A 1 133 ? 7.088   -14.207 -1.881  1.00 7.93  ? 182 ARG A CG  1 
ATOM   984  C CD  . ARG A 1 133 ? 8.014   -15.188 -2.636  1.00 9.44  ? 182 ARG A CD  1 
ATOM   985  N NE  . ARG A 1 133 ? 9.435   -14.945 -2.418  1.00 11.85 ? 182 ARG A NE  1 
ATOM   986  C CZ  . ARG A 1 133 ? 10.150  -14.073 -3.158  1.00 13.91 ? 182 ARG A CZ  1 
ATOM   987  N NH1 . ARG A 1 133 ? 9.606   -13.358 -4.165  1.00 14.04 ? 182 ARG A NH1 1 
ATOM   988  N NH2 . ARG A 1 133 ? 11.461  -13.929 -2.922  1.00 15.20 ? 182 ARG A NH2 1 
ATOM   989  N N   . THR A 1 134 ? 2.861   -13.375 -3.235  1.00 3.76  ? 183 THR A N   1 
ATOM   990  C CA  . THR A 1 134 ? 1.565   -13.776 -3.769  1.00 4.36  ? 183 THR A CA  1 
ATOM   991  C C   . THR A 1 134 ? 1.748   -13.996 -5.268  1.00 5.02  ? 183 THR A C   1 
ATOM   992  O O   . THR A 1 134 ? 2.795   -13.659 -5.834  1.00 6.31  ? 183 THR A O   1 
ATOM   993  C CB  . THR A 1 134 ? 0.443   -12.694 -3.536  1.00 5.68  ? 183 THR A CB  1 
ATOM   994  O OG1 . THR A 1 134 ? 0.529   -11.613 -4.507  1.00 5.23  ? 183 THR A OG1 1 
ATOM   995  C CG2 . THR A 1 134 ? 0.540   -12.113 -2.123  1.00 6.30  ? 183 THR A CG2 1 
ATOM   996  N N   . THR A 1 135 ? 0.689   -14.505 -5.930  1.00 4.32  ? 184 THR A N   1 
ATOM   997  C CA  . THR A 1 135 ? 0.689   -14.664 -7.382  1.00 5.20  ? 184 THR A CA  1 
ATOM   998  C C   . THR A 1 135 ? -0.079  -13.564 -8.130  1.00 5.98  ? 184 THR A C   1 
ATOM   999  O O   . THR A 1 135 ? -0.367  -13.641 -9.338  1.00 5.86  ? 184 THR A O   1 
ATOM   1000 C CB  . THR A 1 135 ? 0.121   -16.103 -7.697  1.00 6.28  ? 184 THR A CB  1 
ATOM   1001 O OG1 . THR A 1 135 ? -1.217  -16.181 -7.262  1.00 6.52  ? 184 THR A OG1 1 
ATOM   1002 C CG2 . THR A 1 135 ? 0.943   -17.179 -7.022  1.00 6.12  ? 184 THR A CG2 1 
ATOM   1003 N N   . ALA A 1 136 ? -0.464  -12.490 -7.410  1.00 6.01  ? 190 ALA A N   1 
ATOM   1004 C CA  . ALA A 1 136 ? -1.167  -11.359 -8.020  1.00 4.43  ? 190 ALA A CA  1 
ATOM   1005 C C   . ALA A 1 136 ? -0.219  -10.524 -8.899  1.00 4.28  ? 190 ALA A C   1 
ATOM   1006 O O   . ALA A 1 136 ? 0.952   -10.246 -8.584  1.00 5.04  ? 190 ALA A O   1 
ATOM   1007 C CB  . ALA A 1 136 ? -1.749  -10.444 -6.939  1.00 3.66  ? 190 ALA A CB  1 
ATOM   1008 N N   . CYS A 1 137 ? -0.727  -10.221 -10.070 1.00 5.29  ? 191 CYS A N   1 
ATOM   1009 C CA  . CYS A 1 137 ? -0.038  -9.368  -11.021 1.00 6.43  ? 191 CYS A CA  1 
ATOM   1010 C C   . CYS A 1 137 ? 0.031   -7.905  -10.561 1.00 6.53  ? 191 CYS A C   1 
ATOM   1011 O O   . CYS A 1 137 ? -0.881  -7.401  -9.905  1.00 6.61  ? 191 CYS A O   1 
ATOM   1012 C CB  A CYS A 1 137 ? -0.718  -9.414  -12.372 0.50 6.85  ? 191 CYS A CB  1 
ATOM   1013 C CB  B CYS A 1 137 ? -0.744  -9.451  -12.333 0.50 7.47  ? 191 CYS A CB  1 
ATOM   1014 S SG  A CYS A 1 137 ? -0.138  -10.820 -13.357 0.50 7.01  ? 191 CYS A SG  1 
ATOM   1015 S SG  B CYS A 1 137 ? 0.266   -8.679  -13.602 0.50 10.36 ? 191 CYS A SG  1 
ATOM   1016 N N   . SER A 1 138 ? 1.113   -7.203  -10.886 1.00 6.08  ? 192 SER A N   1 
ATOM   1017 C CA  . SER A 1 138 ? 1.306   -5.825  -10.474 1.00 5.71  ? 192 SER A CA  1 
ATOM   1018 C C   . SER A 1 138 ? 2.311   -5.143  -11.405 1.00 5.64  ? 192 SER A C   1 
ATOM   1019 O O   . SER A 1 138 ? 2.956   -5.831  -12.214 1.00 5.47  ? 192 SER A O   1 
ATOM   1020 C CB  . SER A 1 138 ? 1.816   -5.819  -9.029  1.00 4.21  ? 192 SER A CB  1 
ATOM   1021 O OG  . SER A 1 138 ? 3.039   -6.523  -8.769  1.00 5.55  ? 192 SER A OG  1 
ATOM   1022 N N   . ALA A 1 139 A 2.552   -3.850  -11.247 1.00 5.58  ? 192 ALA A N   1 
ATOM   1023 C CA  . ALA A 1 139 A 3.472   -3.092  -12.089 1.00 4.90  ? 192 ALA A CA  1 
ATOM   1024 C C   . ALA A 1 139 A 3.844   -1.800  -11.378 1.00 4.79  ? 192 ALA A C   1 
ATOM   1025 O O   . ALA A 1 139 A 3.199   -1.454  -10.382 1.00 4.21  ? 192 ALA A O   1 
ATOM   1026 C CB  . ALA A 1 139 A 2.801   -2.752  -13.415 1.00 4.64  ? 192 ALA A CB  1 
ATOM   1027 N N   . GLY A 1 140 B 4.887   -1.102  -11.849 1.00 4.79  ? 192 GLY A N   1 
ATOM   1028 C CA  . GLY A 1 140 B 5.346   0.129   -11.222 1.00 3.89  ? 192 GLY A CA  1 
ATOM   1029 C C   . GLY A 1 140 B 4.218   1.137   -11.067 1.00 3.83  ? 192 GLY A C   1 
ATOM   1030 O O   . GLY A 1 140 B 3.405   1.293   -11.980 1.00 4.95  ? 192 GLY A O   1 
ATOM   1031 N N   . GLY A 1 141 ? 4.195   1.836   -9.941  1.00 5.32  ? 193 GLY A N   1 
ATOM   1032 C CA  . GLY A 1 141 ? 3.152   2.801   -9.609  1.00 4.46  ? 193 GLY A CA  1 
ATOM   1033 C C   . GLY A 1 141 ? 2.142   2.129   -8.700  1.00 4.99  ? 193 GLY A C   1 
ATOM   1034 O O   . GLY A 1 141 ? 1.332   2.787   -8.054  1.00 4.37  ? 193 GLY A O   1 
ATOM   1035 N N   . ASP A 1 142 ? 2.097   0.790   -8.636  1.00 5.13  ? 194 ASP A N   1 
ATOM   1036 C CA  . ASP A 1 142 ? 1.196   0.094   -7.714  1.00 5.39  ? 194 ASP A CA  1 
ATOM   1037 C C   . ASP A 1 142 ? 1.711   0.100   -6.272  1.00 5.35  ? 194 ASP A C   1 
ATOM   1038 O O   . ASP A 1 142 ? 0.904   -0.214  -5.384  1.00 5.13  ? 194 ASP A O   1 
ATOM   1039 C CB  . ASP A 1 142 ? 0.999   -1.381  -8.090  1.00 6.75  ? 194 ASP A CB  1 
ATOM   1040 C CG  . ASP A 1 142 ? 0.052   -1.630  -9.249  1.00 5.78  ? 194 ASP A CG  1 
ATOM   1041 O OD1 . ASP A 1 142 ? -0.863  -0.828  -9.495  1.00 3.27  ? 194 ASP A OD1 1 
ATOM   1042 O OD2 . ASP A 1 142 ? 0.217   -2.676  -9.885  1.00 5.38  ? 194 ASP A OD2 1 
ATOM   1043 N N   . SER A 1 143 ? 2.997   0.313   -5.963  1.00 5.44  ? 195 SER A N   1 
ATOM   1044 C CA  . SER A 1 143 ? 3.460   0.338   -4.587  1.00 6.40  ? 195 SER A CA  1 
ATOM   1045 C C   . SER A 1 143 ? 2.814   1.429   -3.770  1.00 7.21  ? 195 SER A C   1 
ATOM   1046 O O   . SER A 1 143 ? 2.449   2.523   -4.229  1.00 6.49  ? 195 SER A O   1 
ATOM   1047 C CB  . SER A 1 143 ? 4.947   0.500   -4.489  1.00 6.37  ? 195 SER A CB  1 
ATOM   1048 O OG  . SER A 1 143 ? 5.509   -0.791  -4.777  1.00 8.96  ? 195 SER A OG  1 
ATOM   1049 N N   . GLY A 1 144 ? 2.625   0.839   -2.579  1.00 6.87  ? 196 GLY A N   1 
ATOM   1050 C CA  . GLY A 1 144 ? 1.826   1.387   -1.560  1.00 4.67  ? 196 GLY A CA  1 
ATOM   1051 C C   . GLY A 1 144 ? 0.389   0.870   -1.668  1.00 4.07  ? 196 GLY A C   1 
ATOM   1052 O O   . GLY A 1 144 ? -0.335  1.099   -0.713  1.00 5.31  ? 196 GLY A O   1 
ATOM   1053 N N   . GLY A 1 145 ? -0.096  0.221   -2.723  1.00 3.88  ? 197 GLY A N   1 
ATOM   1054 C CA  . GLY A 1 145 ? -1.481  -0.216  -2.869  1.00 3.29  ? 197 GLY A CA  1 
ATOM   1055 C C   . GLY A 1 145 ? -1.892  -1.277  -1.839  1.00 3.84  ? 197 GLY A C   1 
ATOM   1056 O O   . GLY A 1 145 ? -1.065  -1.958  -1.226  1.00 5.25  ? 197 GLY A O   1 
ATOM   1057 N N   . ALA A 1 146 ? -3.190  -1.435  -1.671  1.00 2.00  ? 198 ALA A N   1 
ATOM   1058 C CA  . ALA A 1 146 ? -3.793  -2.328  -0.695  1.00 2.00  ? 198 ALA A CA  1 
ATOM   1059 C C   . ALA A 1 146 ? -3.774  -3.808  -1.055  1.00 2.53  ? 198 ALA A C   1 
ATOM   1060 O O   . ALA A 1 146 ? -4.204  -4.140  -2.165  1.00 2.31  ? 198 ALA A O   1 
ATOM   1061 C CB  . ALA A 1 146 ? -5.241  -1.927  -0.502  1.00 2.00  ? 198 ALA A CB  1 
ATOM   1062 N N   . HIS A 1 147 ? -3.226  -4.702  -0.224  1.00 2.00  ? 199 HIS A N   1 
ATOM   1063 C CA  . HIS A 1 147 ? -3.440  -6.151  -0.376  1.00 2.00  ? 199 HIS A CA  1 
ATOM   1064 C C   . HIS A 1 147 ? -4.558  -6.458  0.644   1.00 2.61  ? 199 HIS A C   1 
ATOM   1065 O O   . HIS A 1 147 ? -4.431  -6.067  1.819   1.00 2.00  ? 199 HIS A O   1 
ATOM   1066 C CB  . HIS A 1 147 ? -2.164  -6.914  -0.041  1.00 2.00  ? 199 HIS A CB  1 
ATOM   1067 C CG  . HIS A 1 147 ? -1.168  -7.036  -1.200  1.00 2.43  ? 199 HIS A CG  1 
ATOM   1068 N ND1 . HIS A 1 147 ? -0.700  -8.161  -1.789  1.00 2.03  ? 199 HIS A ND1 1 
ATOM   1069 C CD2 . HIS A 1 147 ? -0.614  -5.964  -1.859  1.00 2.07  ? 199 HIS A CD2 1 
ATOM   1070 C CE1 . HIS A 1 147 ? 0.096   -7.780  -2.777  1.00 4.09  ? 199 HIS A CE1 1 
ATOM   1071 N NE2 . HIS A 1 147 ? 0.153   -6.461  -2.800  1.00 2.11  ? 199 HIS A NE2 1 
ATOM   1072 N N   . PHE A 1 148 ? -5.648  -7.108  0.265   1.00 2.00  ? 200 PHE A N   1 
ATOM   1073 C CA  . PHE A 1 148 ? -6.794  -7.299  1.152   1.00 3.06  ? 200 PHE A CA  1 
ATOM   1074 C C   . PHE A 1 148 ? -7.586  -8.527  0.755   1.00 2.59  ? 200 PHE A C   1 
ATOM   1075 O O   . PHE A 1 148 ? -7.491  -8.993  -0.395  1.00 4.29  ? 200 PHE A O   1 
ATOM   1076 C CB  . PHE A 1 148 ? -7.703  -6.038  1.097   1.00 2.00  ? 200 PHE A CB  1 
ATOM   1077 C CG  . PHE A 1 148 ? -8.358  -5.773  -0.270  1.00 3.58  ? 200 PHE A CG  1 
ATOM   1078 C CD1 . PHE A 1 148 ? -7.635  -5.241  -1.322  1.00 2.06  ? 200 PHE A CD1 1 
ATOM   1079 C CD2 . PHE A 1 148 ? -9.673  -6.132  -0.480  1.00 5.17  ? 200 PHE A CD2 1 
ATOM   1080 C CE1 . PHE A 1 148 ? -8.242  -5.055  -2.553  1.00 3.98  ? 200 PHE A CE1 1 
ATOM   1081 C CE2 . PHE A 1 148 ? -10.276 -5.949  -1.703  1.00 6.02  ? 200 PHE A CE2 1 
ATOM   1082 C CZ  . PHE A 1 148 ? -9.555  -5.423  -2.756  1.00 3.81  ? 200 PHE A CZ  1 
ATOM   1083 N N   . ALA A 1 149 ? -8.376  -9.025  1.702   1.00 4.88  ? 201 ALA A N   1 
ATOM   1084 C CA  . ALA A 1 149 ? -9.290  -10.111 1.390   1.00 5.26  ? 201 ALA A CA  1 
ATOM   1085 C C   . ALA A 1 149 ? -10.598 -9.734  2.068   1.00 5.95  ? 201 ALA A C   1 
ATOM   1086 O O   . ALA A 1 149 ? -10.642 -9.618  3.301   1.00 6.50  ? 201 ALA A O   1 
ATOM   1087 C CB  . ALA A 1 149 ? -8.773  -11.422 1.965   1.00 4.91  ? 201 ALA A CB  1 
ATOM   1088 N N   . GLY A 1 150 ? -11.641 -9.488  1.280   1.00 5.44  ? 202 GLY A N   1 
ATOM   1089 C CA  . GLY A 1 150 ? -12.927 -8.991  1.777   1.00 5.89  ? 202 GLY A CA  1 
ATOM   1090 C C   . GLY A 1 150 ? -12.705 -7.668  2.533   1.00 6.25  ? 202 GLY A C   1 
ATOM   1091 O O   . GLY A 1 150 ? -11.917 -6.829  2.073   1.00 6.28  ? 202 GLY A O   1 
ATOM   1092 N N   . SER A 1 151 ? -13.301 -7.496  3.712   1.00 5.17  ? 207 SER A N   1 
ATOM   1093 C CA  . SER A 1 151 ? -13.116 -6.303  4.518   1.00 5.79  ? 207 SER A CA  1 
ATOM   1094 C C   . SER A 1 151 ? -11.858 -6.363  5.378   1.00 4.63  ? 207 SER A C   1 
ATOM   1095 O O   . SER A 1 151 ? -11.688 -5.550  6.302   1.00 3.57  ? 207 SER A O   1 
ATOM   1096 C CB  . SER A 1 151 ? -14.388 -6.150  5.357   1.00 7.12  ? 207 SER A CB  1 
ATOM   1097 O OG  . SER A 1 151 ? -14.486 -7.308  6.174   1.00 8.34  ? 207 SER A OG  1 
ATOM   1098 N N   . VAL A 1 152 ? -10.941 -7.294  5.125   1.00 4.32  ? 208 VAL A N   1 
ATOM   1099 C CA  . VAL A 1 152 ? -9.750  -7.429  5.949   1.00 3.75  ? 208 VAL A CA  1 
ATOM   1100 C C   . VAL A 1 152 ? -8.510  -6.846  5.256   1.00 3.49  ? 208 VAL A C   1 
ATOM   1101 O O   . VAL A 1 152 ? -8.117  -7.290  4.158   1.00 4.15  ? 208 VAL A O   1 
ATOM   1102 C CB  . VAL A 1 152 ? -9.436  -8.943  6.309   1.00 3.58  ? 208 VAL A CB  1 
ATOM   1103 C CG1 . VAL A 1 152 ? -8.266  -8.956  7.296   1.00 3.59  ? 208 VAL A CG1 1 
ATOM   1104 C CG2 . VAL A 1 152 ? -10.625 -9.649  6.955   1.00 4.49  ? 208 VAL A CG2 1 
ATOM   1105 N N   . ALA A 1 153 ? -7.866  -5.850  5.889   1.00 2.83  ? 209 ALA A N   1 
ATOM   1106 C CA  . ALA A 1 153 ? -6.619  -5.273  5.407   1.00 2.35  ? 209 ALA A CA  1 
ATOM   1107 C C   . ALA A 1 153 ? -5.488  -6.271  5.685   1.00 3.10  ? 209 ALA A C   1 
ATOM   1108 O O   . ALA A 1 153 ? -5.333  -6.744  6.830   1.00 4.44  ? 209 ALA A O   1 
ATOM   1109 C CB  . ALA A 1 153 ? -6.269  -4.035  6.155   1.00 2.51  ? 209 ALA A CB  1 
ATOM   1110 N N   . LEU A 1 154 ? -4.681  -6.663  4.680   1.00 3.25  ? 210 LEU A N   1 
ATOM   1111 C CA  . LEU A 1 154 ? -3.576  -7.574  4.920   1.00 2.00  ? 210 LEU A CA  1 
ATOM   1112 C C   . LEU A 1 154 ? -2.205  -6.966  4.669   1.00 2.05  ? 210 LEU A C   1 
ATOM   1113 O O   . LEU A 1 154 ? -1.258  -7.263  5.392   1.00 2.00  ? 210 LEU A O   1 
ATOM   1114 C CB  . LEU A 1 154 ? -3.707  -8.821  4.048   1.00 3.23  ? 210 LEU A CB  1 
ATOM   1115 C CG  . LEU A 1 154 ? -5.038  -9.589  4.157   1.00 3.00  ? 210 LEU A CG  1 
ATOM   1116 C CD1 . LEU A 1 154 ? -5.120  -10.668 3.115   1.00 5.35  ? 210 LEU A CD1 1 
ATOM   1117 C CD2 . LEU A 1 154 ? -5.165  -10.226 5.524   1.00 4.58  ? 210 LEU A CD2 1 
ATOM   1118 N N   . GLY A 1 155 ? -2.005  -6.084  3.686   1.00 2.00  ? 211 GLY A N   1 
ATOM   1119 C CA  . GLY A 1 155 ? -0.653  -5.666  3.367   1.00 3.65  ? 211 GLY A CA  1 
ATOM   1120 C C   . GLY A 1 155 ? -0.582  -4.425  2.499   1.00 2.00  ? 211 GLY A C   1 
ATOM   1121 O O   . GLY A 1 155 ? -1.608  -3.925  2.017   1.00 2.00  ? 211 GLY A O   1 
ATOM   1122 N N   . ILE A 1 156 ? 0.654   -3.957  2.368   1.00 2.00  ? 212 ILE A N   1 
ATOM   1123 C CA  . ILE A 1 156 ? 1.030   -2.755  1.584   1.00 2.10  ? 212 ILE A CA  1 
ATOM   1124 C C   . ILE A 1 156 ? 1.914   -3.282  0.458   1.00 2.56  ? 212 ILE A C   1 
ATOM   1125 O O   . ILE A 1 156 ? 2.954   -3.919  0.710   1.00 2.48  ? 212 ILE A O   1 
ATOM   1126 C CB  . ILE A 1 156 ? 1.808   -1.763  2.500   1.00 3.91  ? 212 ILE A CB  1 
ATOM   1127 C CG1 . ILE A 1 156 ? 0.934   -1.271  3.665   1.00 2.00  ? 212 ILE A CG1 1 
ATOM   1128 C CG2 . ILE A 1 156 ? 2.227   -0.547  1.687   1.00 2.38  ? 212 ILE A CG2 1 
ATOM   1129 C CD1 . ILE A 1 156 ? 1.839   -0.711  4.748   1.00 2.55  ? 212 ILE A CD1 1 
ATOM   1130 N N   . HIS A 1 157 ? 1.505   -3.016  -0.788  1.00 2.00  ? 213 HIS A N   1 
ATOM   1131 C CA  . HIS A 1 157 ? 2.260   -3.520  -1.933  1.00 2.37  ? 213 HIS A CA  1 
ATOM   1132 C C   . HIS A 1 157 ? 3.677   -2.956  -1.980  1.00 2.51  ? 213 HIS A C   1 
ATOM   1133 O O   . HIS A 1 157 ? 3.882   -1.731  -2.038  1.00 3.67  ? 213 HIS A O   1 
ATOM   1134 C CB  . HIS A 1 157 ? 1.480   -3.190  -3.199  1.00 3.23  ? 213 HIS A CB  1 
ATOM   1135 C CG  . HIS A 1 157 ? 2.110   -3.914  -4.419  1.00 3.01  ? 213 HIS A CG  1 
ATOM   1136 N ND1 . HIS A 1 157 ? 2.202   -5.207  -4.831  1.00 4.77  ? 213 HIS A ND1 1 
ATOM   1137 C CD2 . HIS A 1 157 ? 2.865   -3.181  -5.319  1.00 4.81  ? 213 HIS A CD2 1 
ATOM   1138 C CE1 . HIS A 1 157 ? 2.980   -5.231  -5.896  1.00 3.48  ? 213 HIS A CE1 1 
ATOM   1139 N NE2 . HIS A 1 157 ? 3.361   -4.020  -6.176  1.00 3.90  ? 213 HIS A NE2 1 
ATOM   1140 N N   . SER A 1 158 ? 4.672   -3.853  -2.094  1.00 2.65  ? 214 SER A N   1 
ATOM   1141 C CA  . SER A 1 158 ? 6.056   -3.456  -2.105  1.00 3.09  ? 214 SER A CA  1 
ATOM   1142 C C   . SER A 1 158 ? 6.693   -3.583  -3.473  1.00 4.70  ? 214 SER A C   1 
ATOM   1143 O O   . SER A 1 158 ? 7.316   -2.619  -3.940  1.00 4.24  ? 214 SER A O   1 
ATOM   1144 C CB  . SER A 1 158 ? 6.800   -4.294  -1.106  1.00 3.93  ? 214 SER A CB  1 
ATOM   1145 O OG  . SER A 1 158 ? 8.193   -4.037  -1.041  1.00 4.46  ? 214 SER A OG  1 
ATOM   1146 N N   . GLY A 1 159 ? 6.557   -4.723  -4.151  1.00 4.02  ? 215 GLY A N   1 
ATOM   1147 C CA  . GLY A 1 159 ? 7.201   -4.843  -5.453  1.00 5.50  ? 215 GLY A CA  1 
ATOM   1148 C C   . GLY A 1 159 ? 6.869   -6.208  -6.050  1.00 7.38  ? 215 GLY A C   1 
ATOM   1149 O O   . GLY A 1 159 ? 5.860   -6.800  -5.644  1.00 7.84  ? 215 GLY A O   1 
ATOM   1150 N N   . SER A 1 160 ? 7.586   -6.674  -7.069  1.00 6.47  ? 216 SER A N   1 
ATOM   1151 C CA  . SER A 1 160 ? 7.347   -8.007  -7.618  1.00 8.35  ? 216 SER A CA  1 
ATOM   1152 C C   . SER A 1 160 ? 8.530   -8.286  -8.531  1.00 9.60  ? 216 SER A C   1 
ATOM   1153 O O   . SER A 1 160 ? 9.398   -7.410  -8.685  1.00 10.35 ? 216 SER A O   1 
ATOM   1154 C CB  . SER A 1 160 ? 6.040   -8.034  -8.413  1.00 7.96  ? 216 SER A CB  1 
ATOM   1155 O OG  . SER A 1 160 ? 6.061   -7.632  -9.789  1.00 8.41  ? 216 SER A OG  1 
ATOM   1156 N N   . SER A 1 161 ? 8.530   -9.459  -9.164  1.00 12.24 ? 217 SER A N   1 
ATOM   1157 C CA  . SER A 1 161 ? 9.545   -9.864  -10.131 1.00 13.65 ? 217 SER A CA  1 
ATOM   1158 C C   . SER A 1 161 ? 8.883   -10.035 -11.501 1.00 14.31 ? 217 SER A C   1 
ATOM   1159 O O   . SER A 1 161 ? 9.328   -10.791 -12.358 1.00 16.04 ? 217 SER A O   1 
ATOM   1160 C CB  A SER A 1 161 ? 10.141  -11.156 -9.668  0.50 15.07 ? 217 SER A CB  1 
ATOM   1161 C CB  B SER A 1 161 ? 10.194  -11.201 -9.704  0.50 15.13 ? 217 SER A CB  1 
ATOM   1162 O OG  A SER A 1 161 ? 9.052   -11.977 -9.272  0.50 16.48 ? 217 SER A OG  1 
ATOM   1163 O OG  B SER A 1 161 ? 10.404  -11.473 -8.312  0.50 16.90 ? 217 SER A OG  1 
ATOM   1164 N N   . GLY A 1 162 ? 7.720   -9.476  -11.762 1.00 13.61 ? 219 GLY A N   1 
ATOM   1165 C CA  . GLY A 1 162 ? 7.130   -9.531  -13.091 1.00 13.63 ? 219 GLY A CA  1 
ATOM   1166 C C   . GLY A 1 162 ? 5.824   -10.288 -13.158 1.00 13.04 ? 219 GLY A C   1 
ATOM   1167 O O   . GLY A 1 162 ? 5.442   -10.954 -12.187 1.00 13.50 ? 219 GLY A O   1 
ATOM   1168 N N   . CYS A 1 163 ? 5.146   -10.256 -14.285 1.00 12.38 ? 220 CYS A N   1 
ATOM   1169 C CA  . CYS A 1 163 ? 3.844   -10.857 -14.431 1.00 12.57 ? 220 CYS A CA  1 
ATOM   1170 C C   . CYS A 1 163 ? 3.702   -11.209 -15.889 1.00 12.21 ? 220 CYS A C   1 
ATOM   1171 O O   . CYS A 1 163 ? 4.195   -10.492 -16.759 1.00 13.73 ? 220 CYS A O   1 
ATOM   1172 C CB  . CYS A 1 163 ? 2.782   -9.846  -14.024 1.00 11.83 ? 220 CYS A CB  1 
ATOM   1173 S SG  . CYS A 1 163 ? 1.139   -10.083 -14.732 1.00 14.00 ? 220 CYS A SG  1 
ATOM   1174 N N   . SER A 1 164 ? 3.120   -12.349 -16.190 1.00 12.28 ? 221 SER A N   1 
ATOM   1175 C CA  . SER A 1 164 ? 2.753   -12.590 -17.548 1.00 13.18 ? 221 SER A CA  1 
ATOM   1176 C C   . SER A 1 164 ? 1.400   -13.251 -17.430 1.00 13.40 ? 221 SER A C   1 
ATOM   1177 O O   . SER A 1 164 ? 1.174   -14.149 -16.612 1.00 11.99 ? 221 SER A O   1 
ATOM   1178 C CB  . SER A 1 164 ? 3.803   -13.463 -18.201 1.00 14.52 ? 221 SER A CB  1 
ATOM   1179 O OG  . SER A 1 164 ? 3.460   -13.566 -19.582 1.00 16.48 ? 221 SER A OG  1 
ATOM   1180 N N   . GLY A 1 165 A 0.446   -12.699 -18.188 1.00 14.22 ? 221 GLY A N   1 
ATOM   1181 C CA  . GLY A 1 165 A -0.948  -13.099 -18.110 1.00 15.84 ? 221 GLY A CA  1 
ATOM   1182 C C   . GLY A 1 165 A -1.455  -12.759 -16.711 1.00 16.37 ? 221 GLY A C   1 
ATOM   1183 O O   . GLY A 1 165 A -1.341  -11.650 -16.187 1.00 18.56 ? 221 GLY A O   1 
ATOM   1184 N N   . THR A 1 166 ? -1.895  -13.813 -16.071 1.00 16.16 ? 222 THR A N   1 
ATOM   1185 C CA  . THR A 1 166 ? -2.405  -13.704 -14.717 1.00 16.08 ? 222 THR A CA  1 
ATOM   1186 C C   . THR A 1 166 ? -1.366  -14.151 -13.679 1.00 13.97 ? 222 THR A C   1 
ATOM   1187 O O   . THR A 1 166 ? -1.526  -13.878 -12.485 1.00 13.61 ? 222 THR A O   1 
ATOM   1188 C CB  . THR A 1 166 ? -3.725  -14.515 -14.851 1.00 16.40 ? 222 THR A CB  1 
ATOM   1189 O OG1 . THR A 1 166 ? -4.701  -13.464 -14.874 1.00 20.21 ? 222 THR A OG1 1 
ATOM   1190 C CG2 . THR A 1 166 ? -3.930  -15.658 -13.874 1.00 17.15 ? 222 THR A CG2 1 
ATOM   1191 N N   . ALA A 1 167 ? -0.257  -14.754 -14.113 1.00 12.46 ? 223 ALA A N   1 
ATOM   1192 C CA  . ALA A 1 167 ? 0.760   -15.260 -13.217 1.00 10.10 ? 223 ALA A CA  1 
ATOM   1193 C C   . ALA A 1 167 ? 1.675   -14.114 -12.777 1.00 9.35  ? 223 ALA A C   1 
ATOM   1194 O O   . ALA A 1 167 ? 2.594   -13.701 -13.510 1.00 8.57  ? 223 ALA A O   1 
ATOM   1195 C CB  . ALA A 1 167 ? 1.590   -16.331 -13.946 1.00 12.42 ? 223 ALA A CB  1 
ATOM   1196 N N   . GLY A 1 168 ? 1.341   -13.529 -11.644 1.00 6.01  ? 224 GLY A N   1 
ATOM   1197 C CA  . GLY A 1 168 ? 2.112   -12.440 -11.072 1.00 6.09  ? 224 GLY A CA  1 
ATOM   1198 C C   . GLY A 1 168 ? 3.015   -12.897 -9.946  1.00 5.47  ? 224 GLY A C   1 
ATOM   1199 O O   . GLY A 1 168 ? 3.076   -14.112 -9.653  1.00 5.72  ? 224 GLY A O   1 
ATOM   1200 N N   . SER A 1 169 ? 3.618   -11.918 -9.249  1.00 6.65  ? 225 SER A N   1 
ATOM   1201 C CA  . SER A 1 169 ? 4.560   -12.141 -8.149  1.00 5.45  ? 225 SER A CA  1 
ATOM   1202 C C   . SER A 1 169 ? 4.487   -11.054 -7.069  1.00 4.48  ? 225 SER A C   1 
ATOM   1203 O O   . SER A 1 169 ? 5.468   -10.687 -6.413  1.00 5.93  ? 225 SER A O   1 
ATOM   1204 C CB  . SER A 1 169 ? 6.006   -12.192 -8.702  1.00 5.68  ? 225 SER A CB  1 
ATOM   1205 O OG  . SER A 1 169 ? 6.155   -11.055 -9.561  1.00 7.11  ? 225 SER A OG  1 
ATOM   1206 N N   . ALA A 1 170 ? 3.322   -10.423 -6.896  1.00 3.08  ? 226 ALA A N   1 
ATOM   1207 C CA  . ALA A 1 170 ? 3.265   -9.274  -5.973  1.00 4.30  ? 226 ALA A CA  1 
ATOM   1208 C C   . ALA A 1 170 ? 3.649   -9.657  -4.554  1.00 4.02  ? 226 ALA A C   1 
ATOM   1209 O O   . ALA A 1 170 ? 3.166   -10.647 -3.983  1.00 6.29  ? 226 ALA A O   1 
ATOM   1210 C CB  . ALA A 1 170 ? 1.863   -8.697  -5.909  1.00 2.00  ? 226 ALA A CB  1 
ATOM   1211 N N   . ILE A 1 171 ? 4.562   -8.842  -4.055  1.00 3.15  ? 227 ILE A N   1 
ATOM   1212 C CA  . ILE A 1 171 ? 5.082   -8.939  -2.703  1.00 3.45  ? 227 ILE A CA  1 
ATOM   1213 C C   . ILE A 1 171 ? 4.462   -7.847  -1.839  1.00 3.65  ? 227 ILE A C   1 
ATOM   1214 O O   . ILE A 1 171 ? 4.292   -6.712  -2.305  1.00 4.19  ? 227 ILE A O   1 
ATOM   1215 C CB  . ILE A 1 171 ? 6.615   -8.787  -2.733  1.00 5.46  ? 227 ILE A CB  1 
ATOM   1216 C CG1 . ILE A 1 171 ? 7.236   -9.873  -3.600  1.00 7.01  ? 227 ILE A CG1 1 
ATOM   1217 C CG2 . ILE A 1 171 ? 7.157   -8.838  -1.309  1.00 6.43  ? 227 ILE A CG2 1 
ATOM   1218 C CD1 . ILE A 1 171 ? 8.744   -9.673  -3.843  1.00 7.95  ? 227 ILE A CD1 1 
ATOM   1219 N N   . HIS A 1 172 ? 4.051   -8.140  -0.603  1.00 3.08  ? 228 HIS A N   1 
ATOM   1220 C CA  . HIS A 1 172 ? 3.552   -7.096  0.286   1.00 2.00  ? 228 HIS A CA  1 
ATOM   1221 C C   . HIS A 1 172 ? 4.216   -7.094  1.634   1.00 2.93  ? 228 HIS A C   1 
ATOM   1222 O O   . HIS A 1 172 ? 4.639   -8.139  2.138   1.00 3.84  ? 228 HIS A O   1 
ATOM   1223 C CB  . HIS A 1 172 ? 2.007   -7.171  0.565   1.00 3.39  ? 228 HIS A CB  1 
ATOM   1224 C CG  . HIS A 1 172 ? 1.348   -8.327  1.353   1.00 2.40  ? 228 HIS A CG  1 
ATOM   1225 N ND1 . HIS A 1 172 ? 0.477   -9.166  0.786   1.00 3.69  ? 228 HIS A ND1 1 
ATOM   1226 C CD2 . HIS A 1 172 ? 1.359   -8.566  2.720   1.00 3.46  ? 228 HIS A CD2 1 
ATOM   1227 C CE1 . HIS A 1 172 ? -0.038  -9.880  1.784   1.00 4.05  ? 228 HIS A CE1 1 
ATOM   1228 N NE2 . HIS A 1 172 ? 0.485   -9.516  2.922   1.00 2.87  ? 228 HIS A NE2 1 
ATOM   1229 N N   . GLN A 1 173 ? 4.219   -5.906  2.230   1.00 3.26  ? 229 GLN A N   1 
ATOM   1230 C CA  . GLN A 1 173 ? 4.617   -5.666  3.603   1.00 3.67  ? 229 GLN A CA  1 
ATOM   1231 C C   . GLN A 1 173 ? 3.390   -5.979  4.477   1.00 3.54  ? 229 GLN A C   1 
ATOM   1232 O O   . GLN A 1 173 ? 2.349   -5.369  4.239   1.00 2.61  ? 229 GLN A O   1 
ATOM   1233 C CB  . GLN A 1 173 ? 5.021   -4.206  3.689   1.00 3.03  ? 229 GLN A CB  1 
ATOM   1234 C CG  . GLN A 1 173 ? 5.033   -3.549  5.045   1.00 2.13  ? 229 GLN A CG  1 
ATOM   1235 C CD  . GLN A 1 173 ? 6.073   -4.113  5.999   1.00 4.07  ? 229 GLN A CD  1 
ATOM   1236 O OE1 . GLN A 1 173 ? 7.280   -3.995  5.772   1.00 5.02  ? 229 GLN A OE1 1 
ATOM   1237 N NE2 . GLN A 1 173 ? 5.674   -4.710  7.116   1.00 5.67  ? 229 GLN A NE2 1 
ATOM   1238 N N   . PRO A 1 174 ? 3.387   -6.868  5.484   1.00 4.01  ? 230 PRO A N   1 
ATOM   1239 C CA  . PRO A 1 174 ? 2.286   -7.047  6.424   1.00 3.19  ? 230 PRO A CA  1 
ATOM   1240 C C   . PRO A 1 174 ? 1.817   -5.712  7.019   1.00 2.00  ? 230 PRO A C   1 
ATOM   1241 O O   . PRO A 1 174 ? 2.623   -4.930  7.538   1.00 2.00  ? 230 PRO A O   1 
ATOM   1242 C CB  . PRO A 1 174 ? 2.855   -7.971  7.442   1.00 3.92  ? 230 PRO A CB  1 
ATOM   1243 C CG  . PRO A 1 174 ? 3.818   -8.803  6.625   1.00 5.14  ? 230 PRO A CG  1 
ATOM   1244 C CD  . PRO A 1 174 ? 4.531   -7.731  5.806   1.00 4.50  ? 230 PRO A CD  1 
ATOM   1245 N N   . VAL A 1 175 ? 0.519   -5.436  6.926   1.00 2.00  ? 231 VAL A N   1 
ATOM   1246 C CA  . VAL A 1 175 ? 0.030   -4.128  7.351   1.00 2.72  ? 231 VAL A CA  1 
ATOM   1247 C C   . VAL A 1 175 ? 0.041   -3.981  8.871   1.00 2.43  ? 231 VAL A C   1 
ATOM   1248 O O   . VAL A 1 175 ? 0.281   -2.896  9.406   1.00 2.58  ? 231 VAL A O   1 
ATOM   1249 C CB  . VAL A 1 175 ? -1.418  -3.887  6.759   1.00 2.24  ? 231 VAL A CB  1 
ATOM   1250 C CG1 . VAL A 1 175 ? -2.543  -4.669  7.443   1.00 3.48  ? 231 VAL A CG1 1 
ATOM   1251 C CG2 . VAL A 1 175 ? -1.634  -2.381  6.878   1.00 2.23  ? 231 VAL A CG2 1 
ATOM   1252 N N   . THR A 1 176 ? -0.119  -5.099  9.596   1.00 2.62  ? 232 THR A N   1 
ATOM   1253 C CA  . THR A 1 176 ? -0.136  -5.022  11.057  1.00 4.00  ? 232 THR A CA  1 
ATOM   1254 C C   . THR A 1 176 ? 1.116   -4.418  11.665  1.00 3.49  ? 232 THR A C   1 
ATOM   1255 O O   . THR A 1 176 ? 1.049   -3.680  12.633  1.00 3.90  ? 232 THR A O   1 
ATOM   1256 C CB  . THR A 1 176 ? -0.390  -6.413  11.636  1.00 5.03  ? 232 THR A CB  1 
ATOM   1257 O OG1 . THR A 1 176 ? 0.585   -7.289  11.051  1.00 8.29  ? 232 THR A OG1 1 
ATOM   1258 C CG2 . THR A 1 176 ? -1.829  -6.881  11.363  1.00 5.02  ? 232 THR A CG2 1 
ATOM   1259 N N   . GLU A 1 177 ? 2.291   -4.599  11.013  1.00 3.88  ? 233 GLU A N   1 
ATOM   1260 C CA  . GLU A 1 177 ? 3.540   -4.078  11.513  1.00 5.13  ? 233 GLU A CA  1 
ATOM   1261 C C   . GLU A 1 177 ? 3.577   -2.576  11.365  1.00 5.85  ? 233 GLU A C   1 
ATOM   1262 O O   . GLU A 1 177 ? 4.066   -1.906  12.252  1.00 6.37  ? 233 GLU A O   1 
ATOM   1263 C CB  . GLU A 1 177 ? 4.729   -4.696  10.778  1.00 8.52  ? 233 GLU A CB  1 
ATOM   1264 C CG  . GLU A 1 177 ? 5.586   -5.790  11.127  1.00 12.97 ? 233 GLU A CG  1 
ATOM   1265 C CD  . GLU A 1 177 ? 6.861   -5.938  10.336  1.00 20.88 ? 233 GLU A CD  1 
ATOM   1266 O OE1 . GLU A 1 177 ? 7.769   -5.124  10.476  1.00 35.34 ? 233 GLU A OE1 1 
ATOM   1267 O OE2 . GLU A 1 177 ? 6.877   -6.817  9.425   1.00 23.57 ? 233 GLU A OE2 1 
ATOM   1268 N N   . ALA A 1 178 ? 2.961   -2.016  10.309  1.00 6.29  ? 234 ALA A N   1 
ATOM   1269 C CA  . ALA A 1 178 ? 2.932   -0.573  10.096  1.00 5.72  ? 234 ALA A CA  1 
ATOM   1270 C C   . ALA A 1 178 ? 1.927   0.042   11.052  1.00 5.41  ? 234 ALA A C   1 
ATOM   1271 O O   . ALA A 1 178 ? 2.202   1.090   11.634  1.00 4.77  ? 234 ALA A O   1 
ATOM   1272 C CB  . ALA A 1 178 ? 2.497   -0.227  8.675   1.00 5.07  ? 234 ALA A CB  1 
ATOM   1273 N N   . LEU A 1 179 ? 0.784   -0.627  11.276  1.00 4.51  ? 235 LEU A N   1 
ATOM   1274 C CA  . LEU A 1 179 ? -0.198  -0.122  12.210  1.00 5.15  ? 235 LEU A CA  1 
ATOM   1275 C C   . LEU A 1 179 ? 0.388   -0.104  13.614  1.00 4.82  ? 235 LEU A C   1 
ATOM   1276 O O   . LEU A 1 179 ? 0.223   0.897   14.338  1.00 4.65  ? 235 LEU A O   1 
ATOM   1277 C CB  . LEU A 1 179 ? -1.486  -0.972  12.145  1.00 3.57  ? 235 LEU A CB  1 
ATOM   1278 C CG  . LEU A 1 179 ? -2.155  -1.158  10.766  1.00 4.23  ? 235 LEU A CG  1 
ATOM   1279 C CD1 . LEU A 1 179 ? -3.454  -1.891  10.849  1.00 4.98  ? 235 LEU A CD1 1 
ATOM   1280 C CD2 . LEU A 1 179 ? -2.368  0.213   10.169  1.00 4.52  ? 235 LEU A CD2 1 
ATOM   1281 N N   . SER A 1 180 A 1.143   -1.110  14.037  1.00 5.73  ? 235 SER A N   1 
ATOM   1282 C CA  . SER A 1 180 A 1.732   -1.043  15.362  1.00 7.00  ? 235 SER A CA  1 
ATOM   1283 C C   . SER A 1 180 A 2.854   -0.032  15.385  1.00 6.41  ? 235 SER A C   1 
ATOM   1284 O O   . SER A 1 180 A 2.932   0.733   16.355  1.00 8.73  ? 235 SER A O   1 
ATOM   1285 C CB  A SER A 1 180 A 2.239   -2.411  15.800  0.50 6.58  ? 235 SER A CB  1 
ATOM   1286 C CB  B SER A 1 180 A 2.376   -2.360  15.786  0.50 6.27  ? 235 SER A CB  1 
ATOM   1287 O OG  A SER A 1 180 A 3.026   -3.089  14.854  0.50 8.83  ? 235 SER A OG  1 
ATOM   1288 O OG  B SER A 1 180 A 1.519   -3.456  16.057  0.50 7.77  ? 235 SER A OG  1 
ATOM   1289 N N   . ALA A 1 181 ? 3.675   0.060   14.348  1.00 7.31  ? 236 ALA A N   1 
ATOM   1290 C CA  . ALA A 1 181 ? 4.753   1.023   14.341  1.00 6.34  ? 236 ALA A CA  1 
ATOM   1291 C C   . ALA A 1 181 ? 4.254   2.435   14.611  1.00 7.17  ? 236 ALA A C   1 
ATOM   1292 O O   . ALA A 1 181 ? 4.919   3.182   15.319  1.00 8.38  ? 236 ALA A O   1 
ATOM   1293 C CB  . ALA A 1 181 ? 5.460   1.086   13.007  1.00 7.71  ? 236 ALA A CB  1 
ATOM   1294 N N   . TYR A 1 182 ? 3.065   2.797   14.128  1.00 6.54  ? 237 TYR A N   1 
ATOM   1295 C CA  . TYR A 1 182 ? 2.590   4.171   14.269  1.00 5.39  ? 237 TYR A CA  1 
ATOM   1296 C C   . TYR A 1 182 ? 1.429   4.344   15.230  1.00 5.62  ? 237 TYR A C   1 
ATOM   1297 O O   . TYR A 1 182 ? 0.945   5.472   15.398  1.00 5.35  ? 237 TYR A O   1 
ATOM   1298 C CB  . TYR A 1 182 ? 2.226   4.706   12.869  1.00 6.41  ? 237 TYR A CB  1 
ATOM   1299 C CG  . TYR A 1 182 ? 3.404   4.694   11.900  1.00 4.53  ? 237 TYR A CG  1 
ATOM   1300 C CD1 . TYR A 1 182 ? 4.619   5.267   12.250  1.00 5.39  ? 237 TYR A CD1 1 
ATOM   1301 C CD2 . TYR A 1 182 ? 3.256   4.042   10.683  1.00 4.78  ? 237 TYR A CD2 1 
ATOM   1302 C CE1 . TYR A 1 182 ? 5.680   5.187   11.368  1.00 7.13  ? 237 TYR A CE1 1 
ATOM   1303 C CE2 . TYR A 1 182 ? 4.311   3.978   9.811   1.00 7.38  ? 237 TYR A CE2 1 
ATOM   1304 C CZ  . TYR A 1 182 ? 5.526   4.540   10.158  1.00 7.27  ? 237 TYR A CZ  1 
ATOM   1305 O OH  . TYR A 1 182 ? 6.624   4.518   9.299   1.00 9.27  ? 237 TYR A OH  1 
ATOM   1306 N N   . GLY A 1 183 ? 1.001   3.277   15.909  1.00 4.97  ? 238 GLY A N   1 
ATOM   1307 C CA  . GLY A 1 183 ? -0.119  3.305   16.850  1.00 5.22  ? 238 GLY A CA  1 
ATOM   1308 C C   . GLY A 1 183 ? -1.454  3.714   16.228  1.00 4.90  ? 238 GLY A C   1 
ATOM   1309 O O   . GLY A 1 183 ? -2.254  4.429   16.843  1.00 3.83  ? 238 GLY A O   1 
ATOM   1310 N N   . VAL A 1 184 ? -1.722  3.208   15.029  1.00 4.49  ? 239 VAL A N   1 
ATOM   1311 C CA  . VAL A 1 184 ? -2.887  3.586   14.261  1.00 3.89  ? 239 VAL A CA  1 
ATOM   1312 C C   . VAL A 1 184 ? -3.743  2.349   13.987  1.00 5.09  ? 239 VAL A C   1 
ATOM   1313 O O   . VAL A 1 184 ? -3.222  1.222   14.009  1.00 7.44  ? 239 VAL A O   1 
ATOM   1314 C CB  A VAL A 1 184 ? -2.545  4.220   12.882  0.50 2.55  ? 239 VAL A CB  1 
ATOM   1315 C CB  B VAL A 1 184 ? -2.146  4.287   13.099  0.50 5.46  ? 239 VAL A CB  1 
ATOM   1316 C CG1 A VAL A 1 184 ? -1.943  5.593   13.145  0.50 2.00  ? 239 VAL A CG1 1 
ATOM   1317 C CG1 B VAL A 1 184 ? -1.916  3.352   11.925  0.50 4.24  ? 239 VAL A CG1 1 
ATOM   1318 C CG2 A VAL A 1 184 ? -1.543  3.377   12.083  0.50 2.00  ? 239 VAL A CG2 1 
ATOM   1319 C CG2 B VAL A 1 184 ? -2.867  5.550   12.808  0.50 5.62  ? 239 VAL A CG2 1 
ATOM   1320 N N   . THR A 1 185 ? -5.022  2.535   13.742  1.00 4.59  ? 240 THR A N   1 
ATOM   1321 C CA  . THR A 1 185 ? -5.951  1.479   13.382  1.00 6.20  ? 240 THR A CA  1 
ATOM   1322 C C   . THR A 1 185 ? -6.660  1.804   12.065  1.00 5.52  ? 240 THR A C   1 
ATOM   1323 O O   . THR A 1 185 ? -6.800  2.976   11.692  1.00 2.91  ? 240 THR A O   1 
ATOM   1324 C CB  . THR A 1 185 ? -7.014  1.287   14.507  1.00 7.56  ? 240 THR A CB  1 
ATOM   1325 O OG1 . THR A 1 185 ? -7.752  2.503   14.652  1.00 10.93 ? 240 THR A OG1 1 
ATOM   1326 C CG2 . THR A 1 185 ? -6.355  0.855   15.821  1.00 8.18  ? 240 THR A CG2 1 
ATOM   1327 N N   . VAL A 1 186 ? -7.084  0.817   11.281  1.00 4.92  ? 241 VAL A N   1 
ATOM   1328 C CA  . VAL A 1 186 ? -7.967  1.069   10.153  1.00 4.79  ? 241 VAL A CA  1 
ATOM   1329 C C   . VAL A 1 186 ? -9.348  1.438   10.715  1.00 6.07  ? 241 VAL A C   1 
ATOM   1330 O O   . VAL A 1 186 ? -9.600  1.262   11.923  1.00 7.23  ? 241 VAL A O   1 
ATOM   1331 C CB  . VAL A 1 186 ? -8.079  -0.204  9.231   1.00 4.07  ? 241 VAL A CB  1 
ATOM   1332 C CG1 . VAL A 1 186 ? -6.697  -0.638  8.780   1.00 4.78  ? 241 VAL A CG1 1 
ATOM   1333 C CG2 . VAL A 1 186 ? -8.769  -1.353  9.981   1.00 3.31  ? 241 VAL A CG2 1 
ATOM   1334 N N   . TYR A 1 187 ? -10.206 1.986   9.867   1.00 4.49  ? 242 TYR A N   1 
ATOM   1335 C CA  . TYR A 1 187 ? -11.570 2.301   10.226  1.00 4.31  ? 242 TYR A CA  1 
ATOM   1336 C C   . TYR A 1 187 ? -12.372 2.130   8.958   1.00 4.28  ? 242 TYR A C   1 
ATOM   1337 O O   . TYR A 1 187 ? -11.771 2.037   7.877   1.00 3.33  ? 242 TYR A O   1 
ATOM   1338 C CB  . TYR A 1 187 ? -11.673 3.750   10.763  1.00 4.93  ? 242 TYR A CB  1 
ATOM   1339 C CG  . TYR A 1 187 ? -11.328 4.883   9.770   1.00 4.64  ? 242 TYR A CG  1 
ATOM   1340 C CD1 . TYR A 1 187 ? -10.021 5.276   9.655   1.00 5.00  ? 242 TYR A CD1 1 
ATOM   1341 C CD2 . TYR A 1 187 ? -12.313 5.488   8.987   1.00 5.43  ? 242 TYR A CD2 1 
ATOM   1342 C CE1 . TYR A 1 187 ? -9.673  6.263   8.772   1.00 5.84  ? 242 TYR A CE1 1 
ATOM   1343 C CE2 . TYR A 1 187 ? -11.967 6.478   8.089   1.00 3.26  ? 242 TYR A CE2 1 
ATOM   1344 C CZ  . TYR A 1 187 ? -10.645 6.850   7.995   1.00 3.89  ? 242 TYR A CZ  1 
ATOM   1345 O OH  . TYR A 1 187 ? -10.243 7.811   7.091   1.00 5.40  ? 242 TYR A OH  1 
ATOM   1346 O OXT . TYR A 1 187 ? -13.595 2.130   9.051   1.00 4.03  ? 242 TYR A OXT 1 
HETATM 1347 O O1  . BOC B 2 1   ? 14.570  -10.023 -9.924  1.00 14.94 ? 300 BOC B O1  1 
HETATM 1348 C C   . BOC B 2 1   ? 13.798  -9.165  -9.452  1.00 14.71 ? 300 BOC B C   1 
HETATM 1349 O O2  . BOC B 2 1   ? 12.789  -8.726  -10.349 1.00 15.17 ? 300 BOC B O2  1 
HETATM 1350 C CT  . BOC B 2 1   ? 13.050  -8.181  -11.612 1.00 15.42 ? 300 BOC B CT  1 
HETATM 1351 C C1  . BOC B 2 1   ? 14.428  -7.520  -11.788 1.00 16.19 ? 300 BOC B C1  1 
HETATM 1352 C C2  . BOC B 2 1   ? 13.127  -9.284  -12.680 1.00 16.90 ? 300 BOC B C2  1 
HETATM 1353 C C3  . BOC B 2 1   ? 11.891  -7.246  -11.781 1.00 16.15 ? 300 BOC B C3  1 
ATOM   1354 N N   . ALA B 2 2   ? 13.380  -9.357  -8.218  1.00 13.08 ? 301 ALA B N   1 
ATOM   1355 C CA  . ALA B 2 2   ? 12.430  -8.484  -7.508  1.00 12.23 ? 301 ALA B CA  1 
ATOM   1356 C C   . ALA B 2 2   ? 12.857  -7.016  -7.520  1.00 10.75 ? 301 ALA B C   1 
ATOM   1357 O O   . ALA B 2 2   ? 14.052  -6.688  -7.363  1.00 10.46 ? 301 ALA B O   1 
ATOM   1358 C CB  . ALA B 2 2   ? 12.260  -8.903  -6.057  1.00 13.25 ? 301 ALA B CB  1 
ATOM   1359 N N   . ALA B 2 3   ? 11.889  -6.140  -7.741  1.00 8.83  ? 302 ALA B N   1 
ATOM   1360 C CA  . ALA B 2 3   ? 12.130  -4.705  -7.779  1.00 8.85  ? 302 ALA B CA  1 
ATOM   1361 C C   . ALA B 2 3   ? 10.996  -3.984  -7.065  1.00 7.60  ? 302 ALA B C   1 
ATOM   1362 O O   . ALA B 2 3   ? 9.861   -4.458  -7.127  1.00 7.71  ? 302 ALA B O   1 
ATOM   1363 C CB  . ALA B 2 3   ? 12.161  -4.247  -9.215  1.00 8.92  ? 302 ALA B CB  1 
ATOM   1364 N N   . PRO B 2 4   ? 11.225  -2.866  -6.354  1.00 7.28  ? 303 PRO B N   1 
ATOM   1365 C CA  . PRO B 2 4   ? 10.168  -2.019  -5.812  1.00 5.66  ? 303 PRO B CA  1 
ATOM   1366 C C   . PRO B 2 4   ? 9.303   -1.477  -6.949  1.00 6.70  ? 303 PRO B C   1 
ATOM   1367 O O   . PRO B 2 4   ? 9.832   -1.117  -8.014  1.00 7.14  ? 303 PRO B O   1 
ATOM   1368 C CB  . PRO B 2 4   ? 10.891  -0.916  -5.071  1.00 7.82  ? 303 PRO B CB  1 
ATOM   1369 C CG  . PRO B 2 4   ? 12.300  -1.415  -4.910  1.00 8.14  ? 303 PRO B CG  1 
ATOM   1370 C CD  . PRO B 2 4   ? 12.518  -2.216  -6.185  1.00 6.84  ? 303 PRO B CD  1 
ATOM   1371 N N   . GLU B 2 5   ? 8.002   -1.333  -6.747  1.00 4.68  ? 304 GLU B N   1 
ATOM   1372 C CA  . GLU B 2 5   ? 7.128   -0.840  -7.779  1.00 5.70  ? 304 GLU B CA  1 
ATOM   1373 C C   . GLU B 2 5   ? 6.477   0.489   -7.387  1.00 4.68  ? 304 GLU B C   1 
ATOM   1374 O O   . GLU B 2 5   ? 7.145   1.300   -6.760  1.00 5.17  ? 304 GLU B O   1 
ATOM   1375 C CB  . GLU B 2 5   ? 6.091   -1.914  -8.076  1.00 4.78  ? 304 GLU B CB  1 
ATOM   1376 C CG  . GLU B 2 5   ? 6.757   -3.060  -8.844  1.00 6.46  ? 304 GLU B CG  1 
ATOM   1377 C CD  . GLU B 2 5   ? 5.853   -4.234  -9.175  1.00 7.49  ? 304 GLU B CD  1 
ATOM   1378 O OE1 . GLU B 2 5   ? 4.884   -4.496  -8.471  1.00 6.96  ? 304 GLU B OE1 1 
ATOM   1379 O OE2 . GLU B 2 5   ? 6.154   -4.918  -10.160 1.00 7.36  ? 304 GLU B OE2 1 
ATOM   1380 O OXT . GLU B 2 5   ? 5.333   0.747   -7.705  1.00 5.63  ? 304 GLU B OXT 1 
HETATM 1381 O O   . HOH C 3 .   ? -13.826 0.954   6.600   1.00 2.00  ? 401 HOH A O   1 
HETATM 1382 O O   . HOH C 3 .   ? -8.789  2.687   3.471   1.00 4.85  ? 402 HOH A O   1 
HETATM 1383 O O   . HOH C 3 .   ? 3.540   -9.079  -10.361 1.00 5.03  ? 403 HOH A O   1 
HETATM 1384 O O   . HOH C 3 .   ? -0.583  -7.946  8.369   1.00 5.14  ? 404 HOH A O   1 
HETATM 1385 O O   . HOH C 3 .   ? 0.118   -9.976  5.620   1.00 5.60  ? 405 HOH A O   1 
HETATM 1386 O O   . HOH C 3 .   ? -9.359  1.912   6.191   1.00 6.42  ? 406 HOH A O   1 
HETATM 1387 O O   . HOH C 3 .   ? -2.986  -11.646 -11.291 1.00 7.21  ? 407 HOH A O   1 
HETATM 1388 O O   . HOH C 3 .   ? -4.643  14.366  10.021  1.00 8.09  ? 408 HOH A O   1 
HETATM 1389 O O   . HOH C 3 .   ? -8.949  7.933   16.297  1.00 8.27  ? 409 HOH A O   1 
HETATM 1390 O O   . HOH C 3 .   ? -6.621  -1.729  12.603  1.00 8.85  ? 410 HOH A O   1 
HETATM 1391 O O   . HOH C 3 .   ? -0.194  13.323  14.220  1.00 9.68  ? 411 HOH A O   1 
HETATM 1392 O O   . HOH C 3 .   ? -8.583  -5.319  13.433  1.00 10.97 ? 412 HOH A O   1 
HETATM 1393 O O   . HOH C 3 .   ? 5.277   -12.252 6.675   1.00 11.43 ? 413 HOH A O   1 
HETATM 1394 O O   . HOH C 3 .   ? -9.161  -11.932 9.541   1.00 11.57 ? 414 HOH A O   1 
HETATM 1395 O O   . HOH C 3 .   ? -9.787  -3.531  -11.475 1.00 11.86 ? 415 HOH A O   1 
HETATM 1396 O O   . HOH C 3 .   ? -18.061 -3.148  1.154   1.00 11.97 ? 416 HOH A O   1 
HETATM 1397 O O   . HOH C 3 .   ? -14.435 9.265   0.914   1.00 12.34 ? 417 HOH A O   1 
HETATM 1398 O O   . HOH C 3 .   ? -15.206 3.570   7.002   1.00 13.03 ? 418 HOH A O   1 
HETATM 1399 O O   . HOH C 3 .   ? 11.921  -12.605 6.610   1.00 13.72 ? 419 HOH A O   1 
HETATM 1400 O O   . HOH C 3 .   ? 0.860   -19.405 6.629   1.00 13.81 ? 420 HOH A O   1 
HETATM 1401 O O   . HOH C 3 .   ? -20.373 -0.160  -9.325  1.00 13.84 ? 421 HOH A O   1 
HETATM 1402 O O   . HOH C 3 .   ? -3.183  -11.746 12.183  1.00 13.85 ? 422 HOH A O   1 
HETATM 1403 O O   . HOH C 3 .   ? 6.485   16.545  -3.929  1.00 14.12 ? 423 HOH A O   1 
HETATM 1404 O O   . HOH C 3 .   ? 5.632   -19.769 4.057   1.00 14.43 ? 424 HOH A O   1 
HETATM 1405 O O   . HOH C 3 .   ? -4.156  17.081  -4.808  1.00 14.78 ? 425 HOH A O   1 
HETATM 1406 O O   . HOH C 3 .   ? -19.126 0.727   -3.047  1.00 14.91 ? 426 HOH A O   1 
HETATM 1407 O O   . HOH C 3 .   ? -11.854 -7.066  14.437  1.00 15.25 ? 428 HOH A O   1 
HETATM 1408 O O   . HOH C 3 .   ? -8.168  -12.596 6.746   1.00 15.57 ? 429 HOH A O   1 
HETATM 1409 O O   . HOH C 3 .   ? 9.278   -5.556  7.355   1.00 15.78 ? 430 HOH A O   1 
HETATM 1410 O O   A HOH C 3 .   ? -0.957  -11.842 15.713  0.50 15.81 ? 431 HOH A O   1 
HETATM 1411 O O   B HOH C 3 .   ? -1.483  -13.640 14.229  0.50 17.72 ? 431 HOH A O   1 
HETATM 1412 O O   . HOH C 3 .   ? -14.164 -5.639  12.746  1.00 15.85 ? 432 HOH A O   1 
HETATM 1413 O O   . HOH C 3 .   ? -8.942  7.816   -4.227  1.00 16.36 ? 433 HOH A O   1 
HETATM 1414 O O   . HOH C 3 .   ? 9.037   4.608   10.525  1.00 16.74 ? 434 HOH A O   1 
HETATM 1415 O O   . HOH C 3 .   ? -5.998  -10.851 -11.743 1.00 16.78 ? 435 HOH A O   1 
HETATM 1416 O O   . HOH C 3 .   ? -3.610  15.611  12.295  1.00 16.93 ? 436 HOH A O   1 
HETATM 1417 O O   . HOH C 3 .   ? -13.164 -7.267  8.741   1.00 17.46 ? 437 HOH A O   1 
HETATM 1418 O O   . HOH C 3 .   ? -6.528  17.425  7.477   1.00 17.63 ? 438 HOH A O   1 
HETATM 1419 O O   . HOH C 3 .   ? 13.714  5.060   5.374   1.00 17.97 ? 439 HOH A O   1 
HETATM 1420 O O   . HOH C 3 .   ? -20.931 0.869   3.841   1.00 18.09 ? 440 HOH A O   1 
HETATM 1421 O O   . HOH C 3 .   ? 5.902   -2.517  14.223  1.00 18.22 ? 441 HOH A O   1 
HETATM 1422 O O   . HOH C 3 .   ? 5.473   -17.682 -5.262  1.00 18.50 ? 442 HOH A O   1 
HETATM 1423 O O   . HOH C 3 .   ? -14.591 2.621   -8.104  1.00 18.89 ? 443 HOH A O   1 
HETATM 1424 O O   . HOH C 3 .   ? 2.688   8.796   13.409  1.00 19.13 ? 444 HOH A O   1 
HETATM 1425 O O   . HOH C 3 .   ? -10.558 10.434  -0.863  1.00 19.82 ? 445 HOH A O   1 
HETATM 1426 O O   . HOH C 3 .   ? 15.846  -1.108  -4.508  1.00 20.39 ? 446 HOH A O   1 
HETATM 1427 O O   . HOH C 3 .   ? 6.829   -12.886 -5.118  1.00 20.40 ? 447 HOH A O   1 
HETATM 1428 O O   . HOH C 3 .   ? 5.127   -13.812 -12.654 1.00 20.45 ? 448 HOH A O   1 
HETATM 1429 O O   . HOH C 3 .   ? 3.667   20.586  8.154   1.00 21.08 ? 449 HOH A O   1 
HETATM 1430 O O   . HOH C 3 .   ? 13.193  5.341   -2.904  1.00 21.09 ? 450 HOH A O   1 
HETATM 1431 O O   . HOH C 3 .   ? 15.715  -4.066  -6.950  1.00 21.20 ? 451 HOH A O   1 
HETATM 1432 O O   . HOH C 3 .   ? -7.027  12.675  -0.913  1.00 21.30 ? 452 HOH A O   1 
HETATM 1433 O O   . HOH C 3 .   ? -6.364  6.520   19.158  1.00 21.67 ? 453 HOH A O   1 
HETATM 1434 O O   . HOH C 3 .   ? -5.785  10.041  -6.661  1.00 22.74 ? 454 HOH A O   1 
HETATM 1435 O O   . HOH C 3 .   ? 1.853   -15.560 -20.383 1.00 22.82 ? 455 HOH A O   1 
HETATM 1436 O O   . HOH C 3 .   ? -17.804 0.314   0.840   1.00 23.87 ? 456 HOH A O   1 
HETATM 1437 O O   . HOH C 3 .   ? -11.782 -13.018 8.272   1.00 24.18 ? 457 HOH A O   1 
HETATM 1438 O O   . HOH C 3 .   ? 0.741   22.169  10.993  1.00 24.24 ? 458 HOH A O   1 
HETATM 1439 O O   . HOH C 3 .   ? -10.000 -12.407 -1.902  1.00 24.35 ? 459 HOH A O   1 
HETATM 1440 O O   . HOH C 3 .   ? -6.561  -19.348 -3.643  1.00 24.48 ? 460 HOH A O   1 
HETATM 1441 O O   . HOH C 3 .   ? -8.111  10.555  -5.211  1.00 24.66 ? 461 HOH A O   1 
HETATM 1442 O O   . HOH C 3 .   ? 3.901   1.323   -14.986 1.00 24.92 ? 462 HOH A O   1 
HETATM 1443 O O   . HOH C 3 .   ? -17.238 -5.722  -7.387  1.00 25.05 ? 463 HOH A O   1 
HETATM 1444 O O   . HOH C 3 .   ? 3.211   -22.571 -0.629  1.00 25.16 ? 464 HOH A O   1 
HETATM 1445 O O   . HOH C 3 .   ? -1.563  -9.640  -18.117 1.00 25.33 ? 465 HOH A O   1 
HETATM 1446 O O   . HOH C 3 .   ? 10.656  -11.403 -14.331 1.00 25.56 ? 466 HOH A O   1 
HETATM 1447 O O   . HOH C 3 .   ? 15.016  4.682   -0.836  1.00 25.64 ? 467 HOH A O   1 
HETATM 1448 O O   . HOH C 3 .   ? -14.342 14.310  3.598   1.00 25.73 ? 468 HOH A O   1 
HETATM 1449 O O   . HOH C 3 .   ? 8.945   -5.821  -11.080 1.00 25.92 ? 469 HOH A O   1 
HETATM 1450 O O   . HOH C 3 .   ? -2.768  -15.570 -10.425 1.00 26.09 ? 470 HOH A O   1 
HETATM 1451 O O   . HOH C 3 .   ? 17.737  -3.563  4.925   1.00 26.21 ? 471 HOH A O   1 
HETATM 1452 O O   . HOH C 3 .   ? -20.461 5.133   -10.186 1.00 26.26 ? 472 HOH A O   1 
HETATM 1453 O O   . HOH C 3 .   ? -11.326 12.654  0.912   1.00 26.28 ? 473 HOH A O   1 
HETATM 1454 O O   . HOH C 3 .   ? -2.588  0.153   16.303  1.00 26.95 ? 474 HOH A O   1 
HETATM 1455 O O   . HOH C 3 .   ? -20.580 11.242  -2.071  1.00 27.02 ? 475 HOH A O   1 
HETATM 1456 O O   . HOH C 3 .   ? -7.868  15.164  7.887   1.00 27.09 ? 476 HOH A O   1 
HETATM 1457 O O   . HOH C 3 .   ? 1.632   -11.720 6.762   1.00 27.17 ? 477 HOH A O   1 
HETATM 1458 O O   . HOH C 3 .   ? -8.423  6.262   -6.267  1.00 27.29 ? 478 HOH A O   1 
HETATM 1459 O O   . HOH C 3 .   ? -5.180  -20.867 3.360   1.00 27.38 ? 479 HOH A O   1 
HETATM 1460 O O   . HOH C 3 .   ? 5.636   7.747   -11.986 1.00 27.41 ? 480 HOH A O   1 
HETATM 1461 O O   . HOH C 3 .   ? -2.909  2.463   -15.622 1.00 27.41 ? 481 HOH A O   1 
HETATM 1462 O O   . HOH C 3 .   ? -12.021 -12.036 4.253   1.00 27.53 ? 482 HOH A O   1 
HETATM 1463 O O   . HOH C 3 .   ? -8.140  14.495  0.599   1.00 27.93 ? 484 HOH A O   1 
HETATM 1464 O O   . HOH C 3 .   ? -0.180  -16.182 8.880   1.00 27.99 ? 485 HOH A O   1 
HETATM 1465 O O   . HOH C 3 .   ? -8.783  -17.644 0.883   1.00 28.02 ? 486 HOH A O   1 
HETATM 1466 O O   . HOH C 3 .   ? 14.735  8.906   2.235   1.00 28.26 ? 487 HOH A O   1 
HETATM 1467 O O   . HOH C 3 .   ? 16.637  4.529   2.291   1.00 28.73 ? 488 HOH A O   1 
HETATM 1468 O O   . HOH C 3 .   ? -14.600 9.300   7.503   1.00 28.83 ? 489 HOH A O   1 
HETATM 1469 O O   . HOH C 3 .   ? 3.698   -7.873  -16.851 1.00 29.43 ? 490 HOH A O   1 
HETATM 1470 O O   . HOH C 3 .   ? -12.683 -4.668  -9.455  1.00 29.55 ? 491 HOH A O   1 
HETATM 1471 O O   . HOH C 3 .   ? 5.680   -1.367  -14.954 1.00 30.17 ? 492 HOH A O   1 
HETATM 1472 O O   . HOH C 3 .   ? -7.493  19.181  9.832   1.00 30.21 ? 493 HOH A O   1 
HETATM 1473 O O   . HOH C 3 .   ? 7.176   -2.503  -17.717 1.00 30.59 ? 494 HOH A O   1 
HETATM 1474 O O   . HOH C 3 .   ? -2.540  -16.439 10.992  1.00 31.00 ? 495 HOH A O   1 
HETATM 1475 O O   . HOH C 3 .   ? 3.655   17.011  -3.823  1.00 31.25 ? 496 HOH A O   1 
HETATM 1476 O O   . HOH C 3 .   ? -15.962 13.360  1.179   1.00 31.31 ? 497 HOH A O   1 
HETATM 1477 O O   . HOH C 3 .   ? 8.420   9.811   -12.346 1.00 31.37 ? 498 HOH A O   1 
HETATM 1478 O O   . HOH C 3 .   ? 7.056   -8.462  -15.918 1.00 31.81 ? 499 HOH A O   1 
HETATM 1479 O O   . HOH C 3 .   ? -9.661  -15.032 1.253   1.00 32.12 ? 500 HOH A O   1 
HETATM 1480 O O   . HOH C 3 .   ? -8.966  -9.531  -10.597 1.00 32.37 ? 501 HOH A O   1 
HETATM 1481 O O   . HOH C 3 .   ? 14.021  -7.229  -15.763 1.00 32.57 ? 502 HOH A O   1 
HETATM 1482 O O   . HOH C 3 .   ? -18.219 4.312   -4.774  1.00 32.70 ? 503 HOH A O   1 
HETATM 1483 O O   . HOH C 3 .   ? 5.042   -15.719 -8.424  1.00 33.03 ? 504 HOH A O   1 
HETATM 1484 O O   . HOH C 3 .   ? -8.787  -13.608 -4.601  1.00 33.39 ? 505 HOH A O   1 
HETATM 1485 O O   . HOH C 3 .   ? -9.496  -21.807 6.324   1.00 33.69 ? 506 HOH A O   1 
HETATM 1486 O O   . HOH C 3 .   ? -9.853  -14.452 3.782   1.00 34.13 ? 507 HOH A O   1 
HETATM 1487 O O   . HOH C 3 .   ? 17.568  -0.248  6.512   1.00 34.18 ? 508 HOH A O   1 
HETATM 1488 O O   . HOH C 3 .   ? 15.968  14.965  -1.119  1.00 34.29 ? 509 HOH A O   1 
HETATM 1489 O O   . HOH C 3 .   ? -3.145  17.970  9.714   1.00 34.68 ? 510 HOH A O   1 
HETATM 1490 O O   . HOH C 3 .   ? 5.688   -6.305  -13.036 1.00 34.75 ? 511 HOH A O   1 
HETATM 1491 O O   . HOH C 3 .   ? 5.322   -15.008 -5.492  1.00 34.76 ? 512 HOH A O   1 
HETATM 1492 O O   . HOH C 3 .   ? 9.855   -8.335  -14.966 1.00 35.01 ? 513 HOH A O   1 
HETATM 1493 O O   . HOH C 3 .   ? 3.625   -5.765  -15.063 1.00 35.51 ? 514 HOH A O   1 
HETATM 1494 O O   . HOH C 3 .   ? 5.458   -2.074  0.842   1.00 35.82 ? 515 HOH A O   1 
HETATM 1495 O O   . HOH C 3 .   ? -14.261 -10.188 4.758   1.00 36.24 ? 516 HOH A O   1 
HETATM 1496 O O   . HOH C 3 .   ? 5.615   5.149   -10.784 1.00 36.25 ? 517 HOH A O   1 
HETATM 1497 O O   . HOH C 3 .   ? -6.427  3.882   -17.513 1.00 36.63 ? 518 HOH A O   1 
HETATM 1498 O O   . HOH C 3 .   ? -2.613  -19.944 9.205   1.00 37.32 ? 519 HOH A O   1 
HETATM 1499 O O   . HOH C 3 .   ? 3.893   -10.111 9.620   1.00 37.33 ? 520 HOH A O   1 
HETATM 1500 O O   . HOH C 3 .   ? 9.747   7.142   10.667  1.00 37.77 ? 521 HOH A O   1 
HETATM 1501 O O   . HOH C 3 .   ? -6.965  -20.641 5.615   1.00 39.18 ? 522 HOH A O   1 
HETATM 1502 O O   . HOH C 3 .   ? 10.166  16.680  0.662   1.00 39.35 ? 523 HOH A O   1 
HETATM 1503 O O   . HOH C 3 .   ? -22.540 18.042  -6.021  1.00 40.61 ? 524 HOH A O   1 
HETATM 1504 O O   . HOH C 3 .   ? -7.874  -20.843 0.952   1.00 43.47 ? 525 HOH A O   1 
HETATM 1505 O O   . HOH C 3 .   ? -13.667 11.974  1.677   1.00 44.78 ? 526 HOH A O   1 
HETATM 1506 O O   . HOH C 3 .   ? 3.836   10.311  -12.447 1.00 49.26 ? 527 HOH A O   1 
HETATM 1507 O O   . HOH C 3 .   ? -0.422  19.403  11.073  1.00 54.05 ? 528 HOH A O   1 
HETATM 1508 O O   . HOH D 3 .   ? 6.350   3.963   -7.667  1.00 15.18 ? 427 HOH B O   1 
HETATM 1509 O O   . HOH D 3 .   ? 18.539  -8.570  -10.768 1.00 27.56 ? 483 HOH B O   1 
# 
